data_8CRY
# 
_entry.id   8CRY 
# 
_audit_conform.dict_name       mmcif_pdbx.dic 
_audit_conform.dict_version    5.392 
_audit_conform.dict_location   http://mmcif.pdb.org/dictionaries/ascii/mmcif_pdbx.dic 
# 
loop_
_database_2.database_id 
_database_2.database_code 
_database_2.pdbx_database_accession 
_database_2.pdbx_DOI 
PDB   8CRY         pdb_00008cry 10.2210/pdb8cry/pdb 
WWPDB D_1000265342 ?            ?                   
# 
loop_
_pdbx_audit_revision_history.ordinal 
_pdbx_audit_revision_history.data_content_type 
_pdbx_audit_revision_history.major_revision 
_pdbx_audit_revision_history.minor_revision 
_pdbx_audit_revision_history.revision_date 
1 'Structure model' 1 0 2023-05-17 
2 'Structure model' 1 1 2024-05-22 
# 
_pdbx_audit_revision_details.ordinal             1 
_pdbx_audit_revision_details.revision_ordinal    1 
_pdbx_audit_revision_details.data_content_type   'Structure model' 
_pdbx_audit_revision_details.provider            repository 
_pdbx_audit_revision_details.type                'Initial release' 
_pdbx_audit_revision_details.description         ? 
_pdbx_audit_revision_details.details             ? 
# 
_pdbx_audit_revision_group.ordinal             1 
_pdbx_audit_revision_group.revision_ordinal    2 
_pdbx_audit_revision_group.data_content_type   'Structure model' 
_pdbx_audit_revision_group.group               'Data collection' 
# 
loop_
_pdbx_audit_revision_category.ordinal 
_pdbx_audit_revision_category.revision_ordinal 
_pdbx_audit_revision_category.data_content_type 
_pdbx_audit_revision_category.category 
1 2 'Structure model' chem_comp_atom 
2 2 'Structure model' chem_comp_bond 
# 
_pdbx_database_status.status_code                     REL 
_pdbx_database_status.status_code_sf                  REL 
_pdbx_database_status.status_code_mr                  ? 
_pdbx_database_status.entry_id                        8CRY 
_pdbx_database_status.recvd_initial_deposition_date   2022-05-12 
_pdbx_database_status.SG_entry                        N 
_pdbx_database_status.deposit_site                    RCSB 
_pdbx_database_status.process_site                    RCSB 
_pdbx_database_status.status_code_cs                  ? 
_pdbx_database_status.status_code_nmr_data            ? 
_pdbx_database_status.methods_development_category    ? 
_pdbx_database_status.pdb_format_compatible           Y 
# 
_pdbx_contact_author.id                 2 
_pdbx_contact_author.email              mgeorgia@iu.edu 
_pdbx_contact_author.name_first         Millie 
_pdbx_contact_author.name_last          Georgiadis 
_pdbx_contact_author.name_mi            M. 
_pdbx_contact_author.role               'principal investigator/group leader' 
_pdbx_contact_author.identifier_ORCID   0000-0003-2976-4576 
# 
_audit_author.name               'Georgiadis, M.M.' 
_audit_author.pdbx_ordinal       1 
_audit_author.identifier_ORCID   0000-0003-2976-4576 
# 
_citation.abstract                  ? 
_citation.abstract_id_CAS           ? 
_citation.book_id_ISBN              ? 
_citation.book_publisher            ? 
_citation.book_publisher_city       ? 
_citation.book_title                ? 
_citation.coordinate_linkage        ? 
_citation.country                   ? 
_citation.database_id_Medline       ? 
_citation.details                   ? 
_citation.id                        primary 
_citation.journal_abbrev            'To Be Published' 
_citation.journal_id_ASTM           ? 
_citation.journal_id_CSD            0353 
_citation.journal_id_ISSN           ? 
_citation.journal_full              ? 
_citation.journal_issue             ? 
_citation.journal_volume            ? 
_citation.language                  ? 
_citation.page_first                ? 
_citation.page_last                 ? 
_citation.title                     'Alien DNA visualized at high resolution in A- and B-forms' 
_citation.year                      ? 
_citation.database_id_CSD           ? 
_citation.pdbx_database_id_DOI      ? 
_citation.pdbx_database_id_PubMed   ? 
_citation.pdbx_database_id_patent   ? 
_citation.unpublished_flag          ? 
# 
loop_
_citation_author.citation_id 
_citation_author.name 
_citation_author.ordinal 
_citation_author.identifier_ORCID 
primary 'Georgiadis, M.M.' 1 0000-0003-2976-4576 
primary 'Hoshika, S.'      2 ?                   
primary 'Shukla, M.'       3 ?                   
primary 'Benner, S.A.'     4 ?                   
# 
loop_
_entity.id 
_entity.type 
_entity.src_method 
_entity.pdbx_description 
_entity.formula_weight 
_entity.pdbx_number_of_molecules 
_entity.pdbx_ec 
_entity.pdbx_mutation 
_entity.pdbx_fragment 
_entity.details 
1 polymer     syn 
;DNA (5'-D(*CP*TP*(JSP)P*(1W5)P*(1W5)P*(1WA)P*(IGU)P*(JSP)P*(IGU)P*(JSP)P*(1W5)P*(1WA)P*(1WA)P*(IGU)P*AP*G)-3')
;
5081.315 2   ? ? ? ? 
2 non-polymer syn 'MAGNESIUM ION'                                                                                                  
24.305   1   ? ? ? ? 
3 water       nat water                                                                                                            
18.015   165 ? ? ? ? 
# 
_entity_poly.entity_id                      1 
_entity_poly.type                           polydeoxyribonucleotide 
_entity_poly.nstd_linkage                   no 
_entity_poly.nstd_monomer                   yes 
_entity_poly.pdbx_seq_one_letter_code       '(DC)(DT)(JSP)(1W5)(1W5)(1WA)(IGU)(JSP)(IGU)(JSP)(1W5)(1WA)(1WA)(IGU)(DA)(DG)' 
_entity_poly.pdbx_seq_one_letter_code_can   CTXXXXGXGXXXXGAG 
_entity_poly.pdbx_strand_id                 A,B 
_entity_poly.pdbx_target_identifier         ? 
# 
loop_
_pdbx_entity_nonpoly.entity_id 
_pdbx_entity_nonpoly.name 
_pdbx_entity_nonpoly.comp_id 
2 'MAGNESIUM ION' MG  
3 water           HOH 
# 
loop_
_entity_poly_seq.entity_id 
_entity_poly_seq.num 
_entity_poly_seq.mon_id 
_entity_poly_seq.hetero 
1 1  DC  n 
1 2  DT  n 
1 3  JSP n 
1 4  1W5 n 
1 5  1W5 n 
1 6  1WA n 
1 7  IGU n 
1 8  JSP n 
1 9  IGU n 
1 10 JSP n 
1 11 1W5 n 
1 12 1WA n 
1 13 1WA n 
1 14 IGU n 
1 15 DA  n 
1 16 DG  n 
# 
_pdbx_entity_src_syn.entity_id              1 
_pdbx_entity_src_syn.pdbx_src_id            1 
_pdbx_entity_src_syn.pdbx_alt_source_flag   sample 
_pdbx_entity_src_syn.pdbx_beg_seq_num       1 
_pdbx_entity_src_syn.pdbx_end_seq_num       16 
_pdbx_entity_src_syn.organism_scientific    'synthetic construct' 
_pdbx_entity_src_syn.organism_common_name   ? 
_pdbx_entity_src_syn.ncbi_taxonomy_id       32630 
_pdbx_entity_src_syn.details                ? 
# 
loop_
_chem_comp.id 
_chem_comp.type 
_chem_comp.mon_nstd_flag 
_chem_comp.name 
_chem_comp.pdbx_synonyms 
_chem_comp.formula 
_chem_comp.formula_weight 
1W5 'DNA linking' . '(1R)-1-(6-amino-2-hydroxy-5-nitropyridin-3-yl)-1,4-anhydro-2-deoxy-5-O-phosphono-D-erythro-pentitol' ? 
'C10 H14 N3 O9 P'   351.207 
1WA 'DNA linking' . 
'2-amino-8-(2-deoxy-5-O-phosphono-beta-D-erythro-pentofuranosyl)-4-hydroxy-1H-imidazo[1,2-a][1,3,5]triazine-5,8-diium' ? 
'C10 H16 N5 O7 P 2' 349.237 
DA  'DNA linking' y "2'-DEOXYADENOSINE-5'-MONOPHOSPHATE" ? 'C10 H14 N5 O6 P'   331.222 
DC  'DNA linking' y "2'-DEOXYCYTIDINE-5'-MONOPHOSPHATE" ? 'C9 H14 N3 O7 P'    307.197 
DG  'DNA linking' y "2'-DEOXYGUANOSINE-5'-MONOPHOSPHATE" ? 'C10 H14 N5 O7 P'   347.221 
DT  'DNA linking' y "THYMIDINE-5'-MONOPHOSPHATE" ? 'C10 H15 N2 O8 P'   322.208 
HOH non-polymer   . WATER ? 'H2 O'              18.015  
IGU 'DNA linking' n "2'-DEOXYISOGUANINE-5'-MONOPHOSPHATE" ? 'C10 H14 N5 O7 P'   347.221 
JSP 'DNA linking' . 
'(1R)-1-(4-amino-1-methyl-2-oxo-1,2-dihydropyrimidin-5-yl)-1,4-anhydro-2-deoxy-5-O-phosphono-D-erythro-pentitol'       ? 
'C10 H16 N3 O7 P'   321.224 
MG  non-polymer   . 'MAGNESIUM ION' ? 'Mg 2'              24.305  
# 
loop_
_pdbx_poly_seq_scheme.asym_id 
_pdbx_poly_seq_scheme.entity_id 
_pdbx_poly_seq_scheme.seq_id 
_pdbx_poly_seq_scheme.mon_id 
_pdbx_poly_seq_scheme.ndb_seq_num 
_pdbx_poly_seq_scheme.pdb_seq_num 
_pdbx_poly_seq_scheme.auth_seq_num 
_pdbx_poly_seq_scheme.pdb_mon_id 
_pdbx_poly_seq_scheme.auth_mon_id 
_pdbx_poly_seq_scheme.pdb_strand_id 
_pdbx_poly_seq_scheme.pdb_ins_code 
_pdbx_poly_seq_scheme.hetero 
A 1 1  DC  1  1  1  DC  DC  A . n 
A 1 2  DT  2  2  2  DT  DT  A . n 
A 1 3  JSP 3  3  3  JSP JSP A . n 
A 1 4  1W5 4  4  4  1W5 1W5 A . n 
A 1 5  1W5 5  5  5  1W5 1W5 A . n 
A 1 6  1WA 6  6  6  1WA 1WA A . n 
A 1 7  IGU 7  7  7  IGU IGU A . n 
A 1 8  JSP 8  8  8  JSP JSP A . n 
A 1 9  IGU 9  9  9  IGU IGU A . n 
A 1 10 JSP 10 10 10 JSP JSP A . n 
A 1 11 1W5 11 11 11 1W5 1W5 A . n 
A 1 12 1WA 12 12 12 1WA 1WA A . n 
A 1 13 1WA 13 13 13 1WA 1WA A . n 
A 1 14 IGU 14 14 14 IGU IGU A . n 
A 1 15 DA  15 15 15 DA  DA  A . n 
A 1 16 DG  16 16 16 DG  DG  A . n 
B 1 1  DC  1  1  1  DC  DC  B . n 
B 1 2  DT  2  2  2  DT  DT  B . n 
B 1 3  JSP 3  3  3  JSP JSP B . n 
B 1 4  1W5 4  4  4  1W5 1W5 B . n 
B 1 5  1W5 5  5  5  1W5 1W5 B . n 
B 1 6  1WA 6  6  6  1WA 1WA B . n 
B 1 7  IGU 7  7  7  IGU IGU B . n 
B 1 8  JSP 8  8  8  JSP JSP B . n 
B 1 9  IGU 9  9  9  IGU IGU B . n 
B 1 10 JSP 10 10 10 JSP JSP B . n 
B 1 11 1W5 11 11 11 1W5 1W5 B . n 
B 1 12 1WA 12 12 12 1WA 1WA B . n 
B 1 13 1WA 13 13 13 1WA 1WA B . n 
B 1 14 IGU 14 14 14 IGU IGU B . n 
B 1 15 DA  15 15 15 DA  DA  B . n 
B 1 16 DG  16 16 16 DG  DG  B . n 
# 
loop_
_pdbx_nonpoly_scheme.asym_id 
_pdbx_nonpoly_scheme.entity_id 
_pdbx_nonpoly_scheme.mon_id 
_pdbx_nonpoly_scheme.ndb_seq_num 
_pdbx_nonpoly_scheme.pdb_seq_num 
_pdbx_nonpoly_scheme.auth_seq_num 
_pdbx_nonpoly_scheme.pdb_mon_id 
_pdbx_nonpoly_scheme.auth_mon_id 
_pdbx_nonpoly_scheme.pdb_strand_id 
_pdbx_nonpoly_scheme.pdb_ins_code 
C 2 MG  1  101 1   MG  MG  B . 
D 3 HOH 1  101 109 HOH HOH A . 
D 3 HOH 2  102 65  HOH HOH A . 
D 3 HOH 3  103 144 HOH HOH A . 
D 3 HOH 4  104 61  HOH HOH A . 
D 3 HOH 5  105 130 HOH HOH A . 
D 3 HOH 6  106 72  HOH HOH A . 
D 3 HOH 7  107 172 HOH HOH A . 
D 3 HOH 8  108 21  HOH HOH A . 
D 3 HOH 9  109 77  HOH HOH A . 
D 3 HOH 10 110 88  HOH HOH A . 
D 3 HOH 11 111 6   HOH HOH A . 
D 3 HOH 12 112 66  HOH HOH A . 
D 3 HOH 13 113 36  HOH HOH A . 
D 3 HOH 14 114 165 HOH HOH A . 
D 3 HOH 15 115 45  HOH HOH A . 
D 3 HOH 16 116 24  HOH HOH A . 
D 3 HOH 17 117 84  HOH HOH A . 
D 3 HOH 18 118 101 HOH HOH A . 
D 3 HOH 19 119 74  HOH HOH A . 
D 3 HOH 20 120 3   HOH HOH A . 
D 3 HOH 21 121 120 HOH HOH A . 
D 3 HOH 22 122 2   HOH HOH A . 
D 3 HOH 23 123 50  HOH HOH A . 
D 3 HOH 24 124 33  HOH HOH A . 
D 3 HOH 25 125 69  HOH HOH A . 
D 3 HOH 26 126 169 HOH HOH A . 
D 3 HOH 27 127 44  HOH HOH A . 
D 3 HOH 28 128 148 HOH HOH A . 
D 3 HOH 29 129 162 HOH HOH A . 
D 3 HOH 30 130 59  HOH HOH A . 
D 3 HOH 31 131 39  HOH HOH A . 
D 3 HOH 32 132 17  HOH HOH A . 
D 3 HOH 33 133 185 HOH HOH A . 
D 3 HOH 34 134 122 HOH HOH A . 
D 3 HOH 35 135 53  HOH HOH A . 
D 3 HOH 36 136 58  HOH HOH A . 
D 3 HOH 37 137 145 HOH HOH A . 
D 3 HOH 38 138 71  HOH HOH A . 
D 3 HOH 39 139 9   HOH HOH A . 
D 3 HOH 40 140 166 HOH HOH A . 
D 3 HOH 41 141 15  HOH HOH A . 
D 3 HOH 42 142 5   HOH HOH A . 
D 3 HOH 43 143 105 HOH HOH A . 
D 3 HOH 44 144 37  HOH HOH A . 
D 3 HOH 45 145 98  HOH HOH A . 
D 3 HOH 46 146 92  HOH HOH A . 
D 3 HOH 47 147 156 HOH HOH A . 
D 3 HOH 48 148 195 HOH HOH A . 
D 3 HOH 49 149 4   HOH HOH A . 
D 3 HOH 50 150 20  HOH HOH A . 
D 3 HOH 51 151 175 HOH HOH A . 
D 3 HOH 52 152 170 HOH HOH A . 
D 3 HOH 53 153 123 HOH HOH A . 
D 3 HOH 54 154 28  HOH HOH A . 
D 3 HOH 55 155 13  HOH HOH A . 
D 3 HOH 56 156 100 HOH HOH A . 
D 3 HOH 57 157 40  HOH HOH A . 
D 3 HOH 58 158 34  HOH HOH A . 
D 3 HOH 59 159 51  HOH HOH A . 
D 3 HOH 60 160 70  HOH HOH A . 
D 3 HOH 61 161 38  HOH HOH A . 
D 3 HOH 62 162 41  HOH HOH A . 
D 3 HOH 63 163 124 HOH HOH A . 
D 3 HOH 64 164 152 HOH HOH A . 
D 3 HOH 65 165 173 HOH HOH A . 
D 3 HOH 66 166 31  HOH HOH A . 
D 3 HOH 67 167 167 HOH HOH A . 
D 3 HOH 68 168 1   HOH HOH A . 
D 3 HOH 69 169 142 HOH HOH A . 
D 3 HOH 70 170 7   HOH HOH A . 
D 3 HOH 71 171 115 HOH HOH A . 
D 3 HOH 72 172 132 HOH HOH A . 
D 3 HOH 73 173 128 HOH HOH A . 
D 3 HOH 74 174 150 HOH HOH A . 
D 3 HOH 75 175 99  HOH HOH A . 
D 3 HOH 76 176 80  HOH HOH A . 
D 3 HOH 77 177 153 HOH HOH A . 
D 3 HOH 78 178 97  HOH HOH A . 
D 3 HOH 79 179 82  HOH HOH A . 
D 3 HOH 80 180 181 HOH HOH A . 
D 3 HOH 81 181 201 HOH HOH A . 
D 3 HOH 82 182 73  HOH HOH A . 
D 3 HOH 83 183 126 HOH HOH A . 
D 3 HOH 84 184 157 HOH HOH A . 
D 3 HOH 85 185 159 HOH HOH A . 
D 3 HOH 86 186 81  HOH HOH A . 
D 3 HOH 87 187 127 HOH HOH A . 
D 3 HOH 88 188 43  HOH HOH A . 
D 3 HOH 89 189 139 HOH HOH A . 
D 3 HOH 90 190 25  HOH HOH A . 
D 3 HOH 91 191 160 HOH HOH A . 
D 3 HOH 92 192 140 HOH HOH A . 
D 3 HOH 93 193 177 HOH HOH A . 
E 3 HOH 1  201 178 HOH HOH B . 
E 3 HOH 2  202 180 HOH HOH B . 
E 3 HOH 3  203 113 HOH HOH B . 
E 3 HOH 4  204 47  HOH HOH B . 
E 3 HOH 5  205 103 HOH HOH B . 
E 3 HOH 6  206 186 HOH HOH B . 
E 3 HOH 7  207 8   HOH HOH B . 
E 3 HOH 8  208 32  HOH HOH B . 
E 3 HOH 9  209 52  HOH HOH B . 
E 3 HOH 10 210 60  HOH HOH B . 
E 3 HOH 11 211 26  HOH HOH B . 
E 3 HOH 12 212 205 HOH HOH B . 
E 3 HOH 13 213 42  HOH HOH B . 
E 3 HOH 14 214 22  HOH HOH B . 
E 3 HOH 15 215 138 HOH HOH B . 
E 3 HOH 16 216 14  HOH HOH B . 
E 3 HOH 17 217 151 HOH HOH B . 
E 3 HOH 18 218 90  HOH HOH B . 
E 3 HOH 19 219 19  HOH HOH B . 
E 3 HOH 20 220 16  HOH HOH B . 
E 3 HOH 21 221 55  HOH HOH B . 
E 3 HOH 22 222 93  HOH HOH B . 
E 3 HOH 23 223 75  HOH HOH B . 
E 3 HOH 24 224 137 HOH HOH B . 
E 3 HOH 25 225 171 HOH HOH B . 
E 3 HOH 26 226 129 HOH HOH B . 
E 3 HOH 27 227 121 HOH HOH B . 
E 3 HOH 28 228 18  HOH HOH B . 
E 3 HOH 29 229 86  HOH HOH B . 
E 3 HOH 30 230 154 HOH HOH B . 
E 3 HOH 31 231 136 HOH HOH B . 
E 3 HOH 32 232 27  HOH HOH B . 
E 3 HOH 33 233 46  HOH HOH B . 
E 3 HOH 34 234 112 HOH HOH B . 
E 3 HOH 35 235 192 HOH HOH B . 
E 3 HOH 36 236 118 HOH HOH B . 
E 3 HOH 37 237 29  HOH HOH B . 
E 3 HOH 38 238 10  HOH HOH B . 
E 3 HOH 39 239 116 HOH HOH B . 
E 3 HOH 40 240 11  HOH HOH B . 
E 3 HOH 41 241 23  HOH HOH B . 
E 3 HOH 42 242 189 HOH HOH B . 
E 3 HOH 43 243 85  HOH HOH B . 
E 3 HOH 44 244 30  HOH HOH B . 
E 3 HOH 45 245 35  HOH HOH B . 
E 3 HOH 46 246 119 HOH HOH B . 
E 3 HOH 47 247 91  HOH HOH B . 
E 3 HOH 48 248 49  HOH HOH B . 
E 3 HOH 49 249 117 HOH HOH B . 
E 3 HOH 50 250 78  HOH HOH B . 
E 3 HOH 51 251 135 HOH HOH B . 
E 3 HOH 52 252 54  HOH HOH B . 
E 3 HOH 53 253 48  HOH HOH B . 
E 3 HOH 54 254 12  HOH HOH B . 
E 3 HOH 55 255 106 HOH HOH B . 
E 3 HOH 56 256 194 HOH HOH B . 
E 3 HOH 57 257 68  HOH HOH B . 
E 3 HOH 58 258 62  HOH HOH B . 
E 3 HOH 59 259 107 HOH HOH B . 
E 3 HOH 60 260 155 HOH HOH B . 
E 3 HOH 61 261 110 HOH HOH B . 
E 3 HOH 62 262 161 HOH HOH B . 
E 3 HOH 63 263 133 HOH HOH B . 
E 3 HOH 64 264 64  HOH HOH B . 
E 3 HOH 65 265 190 HOH HOH B . 
E 3 HOH 66 266 111 HOH HOH B . 
E 3 HOH 67 267 104 HOH HOH B . 
E 3 HOH 68 268 102 HOH HOH B . 
E 3 HOH 69 269 164 HOH HOH B . 
E 3 HOH 70 270 83  HOH HOH B . 
E 3 HOH 71 271 89  HOH HOH B . 
E 3 HOH 72 272 57  HOH HOH B . 
# 
loop_
_software.citation_id 
_software.classification 
_software.compiler_name 
_software.compiler_version 
_software.contact_author 
_software.contact_author_email 
_software.date 
_software.description 
_software.dependencies 
_software.hardware 
_software.language 
_software.location 
_software.mods 
_software.name 
_software.os 
_software.os_version 
_software.type 
_software.version 
_software.pdbx_ordinal 
? 'data scaling'    ? ? ? ? ? ? ? ? ? ? ? Aimless     ? ? ? 0.7.4     1 
? refinement        ? ? ? ? ? ? ? ? ? ? ? PHENIX      ? ? ? 1.13_2998 2 
? 'data extraction' ? ? ? ? ? ? ? ? ? ? ? PDB_EXTRACT ? ? ? 3.27      3 
? 'data reduction'  ? ? ? ? ? ? ? ? ? ? ? XDS         ? ? ? .         4 
? phasing           ? ? ? ? ? ? ? ? ? ? ? PHASER      ? ? ? .         5 
# 
_cell.angle_alpha                  90.000 
_cell.angle_alpha_esd              ? 
_cell.angle_beta                   90.000 
_cell.angle_beta_esd               ? 
_cell.angle_gamma                  90.000 
_cell.angle_gamma_esd              ? 
_cell.entry_id                     8CRY 
_cell.details                      ? 
_cell.formula_units_Z              ? 
_cell.length_a                     41.052 
_cell.length_a_esd                 ? 
_cell.length_b                     45.799 
_cell.length_b_esd                 ? 
_cell.length_c                     50.550 
_cell.length_c_esd                 ? 
_cell.volume                       ? 
_cell.volume_esd                   ? 
_cell.Z_PDB                        8 
_cell.reciprocal_angle_alpha       ? 
_cell.reciprocal_angle_beta        ? 
_cell.reciprocal_angle_gamma       ? 
_cell.reciprocal_angle_alpha_esd   ? 
_cell.reciprocal_angle_beta_esd    ? 
_cell.reciprocal_angle_gamma_esd   ? 
_cell.reciprocal_length_a          ? 
_cell.reciprocal_length_b          ? 
_cell.reciprocal_length_c          ? 
_cell.reciprocal_length_a_esd      ? 
_cell.reciprocal_length_b_esd      ? 
_cell.reciprocal_length_c_esd      ? 
_cell.pdbx_unique_axis             ? 
_cell.pdbx_esd_method              ? 
# 
_symmetry.entry_id                         8CRY 
_symmetry.cell_setting                     ? 
_symmetry.Int_Tables_number                19 
_symmetry.space_group_name_Hall            ? 
_symmetry.space_group_name_H-M             'P 21 21 21' 
_symmetry.pdbx_full_space_group_name_H-M   ? 
# 
_exptl.absorpt_coefficient_mu     ? 
_exptl.absorpt_correction_T_max   ? 
_exptl.absorpt_correction_T_min   ? 
_exptl.absorpt_correction_type    ? 
_exptl.absorpt_process_details    ? 
_exptl.entry_id                   8CRY 
_exptl.crystals_number            1 
_exptl.details                    ? 
_exptl.method                     'X-RAY DIFFRACTION' 
_exptl.method_details             ? 
# 
_exptl_crystal.colour                       ? 
_exptl_crystal.density_diffrn               ? 
_exptl_crystal.density_Matthews             2.34 
_exptl_crystal.density_method               ? 
_exptl_crystal.density_percent_sol          47.39 
_exptl_crystal.description                  ? 
_exptl_crystal.F_000                        ? 
_exptl_crystal.id                           1 
_exptl_crystal.preparation                  ? 
_exptl_crystal.size_max                     ? 
_exptl_crystal.size_mid                     ? 
_exptl_crystal.size_min                     ? 
_exptl_crystal.size_rad                     ? 
_exptl_crystal.colour_lustre                ? 
_exptl_crystal.colour_modifier              ? 
_exptl_crystal.colour_primary               ? 
_exptl_crystal.density_meas                 ? 
_exptl_crystal.density_meas_esd             ? 
_exptl_crystal.density_meas_gt              ? 
_exptl_crystal.density_meas_lt              ? 
_exptl_crystal.density_meas_temp            ? 
_exptl_crystal.density_meas_temp_esd        ? 
_exptl_crystal.density_meas_temp_gt         ? 
_exptl_crystal.density_meas_temp_lt         ? 
_exptl_crystal.pdbx_crystal_image_url       ? 
_exptl_crystal.pdbx_crystal_image_format    ? 
_exptl_crystal.pdbx_mosaicity               ? 
_exptl_crystal.pdbx_mosaicity_esd           ? 
_exptl_crystal.pdbx_mosaic_method           ? 
_exptl_crystal.pdbx_mosaic_block_size       ? 
_exptl_crystal.pdbx_mosaic_block_size_esd   ? 
# 
_exptl_crystal_grow.apparatus       ? 
_exptl_crystal_grow.atmosphere      ? 
_exptl_crystal_grow.crystal_id      1 
_exptl_crystal_grow.details         ? 
_exptl_crystal_grow.method          'VAPOR DIFFUSION, SITTING DROP' 
_exptl_crystal_grow.method_ref      ? 
_exptl_crystal_grow.pH              6.5 
_exptl_crystal_grow.pressure        ? 
_exptl_crystal_grow.pressure_esd    ? 
_exptl_crystal_grow.seeding         ? 
_exptl_crystal_grow.seeding_ref     ? 
_exptl_crystal_grow.temp            293 
_exptl_crystal_grow.temp_details    ? 
_exptl_crystal_grow.temp_esd        ? 
_exptl_crystal_grow.time            ? 
_exptl_crystal_grow.pdbx_details    '0.05 M ADA, pH 6.5, 20% MPD' 
_exptl_crystal_grow.pdbx_pH_range   ? 
# 
_diffrn.ambient_environment              ? 
_diffrn.ambient_temp                     100 
_diffrn.ambient_temp_details             ? 
_diffrn.ambient_temp_esd                 ? 
_diffrn.crystal_id                       1 
_diffrn.crystal_support                  ? 
_diffrn.crystal_treatment                ? 
_diffrn.details                          ? 
_diffrn.id                               1 
_diffrn.ambient_pressure                 ? 
_diffrn.ambient_pressure_esd             ? 
_diffrn.ambient_pressure_gt              ? 
_diffrn.ambient_pressure_lt              ? 
_diffrn.ambient_temp_gt                  ? 
_diffrn.ambient_temp_lt                  ? 
_diffrn.pdbx_serial_crystal_experiment   N 
# 
_diffrn_detector.details                      ? 
_diffrn_detector.detector                     PIXEL 
_diffrn_detector.diffrn_id                    1 
_diffrn_detector.type                         'DECTRIS PILATUS3 6M' 
_diffrn_detector.area_resol_mean              ? 
_diffrn_detector.dtime                        ? 
_diffrn_detector.pdbx_frames_total            ? 
_diffrn_detector.pdbx_collection_time_total   ? 
_diffrn_detector.pdbx_collection_date         2020-07-22 
_diffrn_detector.pdbx_frequency               ? 
# 
_diffrn_radiation.collimation                      ? 
_diffrn_radiation.diffrn_id                        1 
_diffrn_radiation.filter_edge                      ? 
_diffrn_radiation.inhomogeneity                    ? 
_diffrn_radiation.monochromator                    ? 
_diffrn_radiation.polarisn_norm                    ? 
_diffrn_radiation.polarisn_ratio                   ? 
_diffrn_radiation.probe                            ? 
_diffrn_radiation.type                             ? 
_diffrn_radiation.xray_symbol                      ? 
_diffrn_radiation.wavelength_id                    1 
_diffrn_radiation.pdbx_monochromatic_or_laue_m_l   M 
_diffrn_radiation.pdbx_wavelength_list             ? 
_diffrn_radiation.pdbx_wavelength                  ? 
_diffrn_radiation.pdbx_diffrn_protocol             'SINGLE WAVELENGTH' 
_diffrn_radiation.pdbx_analyzer                    ? 
_diffrn_radiation.pdbx_scattering_type             x-ray 
# 
_diffrn_radiation_wavelength.id           1 
_diffrn_radiation_wavelength.wavelength   0.97933 
_diffrn_radiation_wavelength.wt           1.0 
# 
_diffrn_source.current                     ? 
_diffrn_source.details                     ? 
_diffrn_source.diffrn_id                   1 
_diffrn_source.power                       ? 
_diffrn_source.size                        ? 
_diffrn_source.source                      SYNCHROTRON 
_diffrn_source.target                      ? 
_diffrn_source.type                        'APS BEAMLINE 31-ID' 
_diffrn_source.voltage                     ? 
_diffrn_source.take-off_angle              ? 
_diffrn_source.pdbx_wavelength_list        0.97933 
_diffrn_source.pdbx_wavelength             ? 
_diffrn_source.pdbx_synchrotron_beamline   31-ID 
_diffrn_source.pdbx_synchrotron_site       APS 
# 
_reflns.B_iso_Wilson_estimate                          16.980 
_reflns.entry_id                                       8CRY 
_reflns.data_reduction_details                         ? 
_reflns.data_reduction_method                          ? 
_reflns.d_resolution_high                              1.200 
_reflns.d_resolution_low                               45.800 
_reflns.details                                        ? 
_reflns.limit_h_max                                    ? 
_reflns.limit_h_min                                    ? 
_reflns.limit_k_max                                    ? 
_reflns.limit_k_min                                    ? 
_reflns.limit_l_max                                    ? 
_reflns.limit_l_min                                    ? 
_reflns.number_all                                     ? 
_reflns.number_obs                                     30144 
_reflns.observed_criterion                             ? 
_reflns.observed_criterion_F_max                       ? 
_reflns.observed_criterion_F_min                       ? 
_reflns.observed_criterion_I_max                       ? 
_reflns.observed_criterion_I_min                       ? 
_reflns.observed_criterion_sigma_F                     ? 
_reflns.observed_criterion_sigma_I                     ? 
_reflns.percent_possible_obs                           99.000 
_reflns.R_free_details                                 ? 
_reflns.Rmerge_F_all                                   ? 
_reflns.Rmerge_F_obs                                   ? 
_reflns.Friedel_coverage                               ? 
_reflns.number_gt                                      ? 
_reflns.threshold_expression                           ? 
_reflns.pdbx_redundancy                                5.800 
_reflns.pdbx_Rmerge_I_obs                              0.065 
_reflns.pdbx_Rmerge_I_all                              ? 
_reflns.pdbx_Rsym_value                                ? 
_reflns.pdbx_netI_over_av_sigmaI                       ? 
_reflns.pdbx_netI_over_sigmaI                          13.500 
_reflns.pdbx_res_netI_over_av_sigmaI_2                 ? 
_reflns.pdbx_res_netI_over_sigmaI_2                    ? 
_reflns.pdbx_chi_squared                               ? 
_reflns.pdbx_scaling_rejects                           58 
_reflns.pdbx_d_res_high_opt                            ? 
_reflns.pdbx_d_res_low_opt                             ? 
_reflns.pdbx_d_res_opt_method                          ? 
_reflns.phase_calculation_details                      ? 
_reflns.pdbx_Rrim_I_all                                0.072 
_reflns.pdbx_Rpim_I_all                                0.030 
_reflns.pdbx_d_opt                                     ? 
_reflns.pdbx_number_measured_all                       175100 
_reflns.pdbx_diffrn_id                                 1 
_reflns.pdbx_ordinal                                   1 
_reflns.pdbx_CC_half                                   0.995 
_reflns.pdbx_CC_star                                   ? 
_reflns.pdbx_R_split                                   ? 
_reflns.pdbx_aniso_diffraction_limit_axis_1_ortho[1]   ? 
_reflns.pdbx_aniso_diffraction_limit_axis_1_ortho[2]   ? 
_reflns.pdbx_aniso_diffraction_limit_axis_1_ortho[3]   ? 
_reflns.pdbx_aniso_diffraction_limit_axis_2_ortho[1]   ? 
_reflns.pdbx_aniso_diffraction_limit_axis_2_ortho[2]   ? 
_reflns.pdbx_aniso_diffraction_limit_axis_2_ortho[3]   ? 
_reflns.pdbx_aniso_diffraction_limit_axis_3_ortho[1]   ? 
_reflns.pdbx_aniso_diffraction_limit_axis_3_ortho[2]   ? 
_reflns.pdbx_aniso_diffraction_limit_axis_3_ortho[3]   ? 
_reflns.pdbx_aniso_diffraction_limit_1                 ? 
_reflns.pdbx_aniso_diffraction_limit_2                 ? 
_reflns.pdbx_aniso_diffraction_limit_3                 ? 
_reflns.pdbx_aniso_B_tensor_eigenvector_1_ortho[1]     ? 
_reflns.pdbx_aniso_B_tensor_eigenvector_1_ortho[2]     ? 
_reflns.pdbx_aniso_B_tensor_eigenvector_1_ortho[3]     ? 
_reflns.pdbx_aniso_B_tensor_eigenvector_2_ortho[1]     ? 
_reflns.pdbx_aniso_B_tensor_eigenvector_2_ortho[2]     ? 
_reflns.pdbx_aniso_B_tensor_eigenvector_2_ortho[3]     ? 
_reflns.pdbx_aniso_B_tensor_eigenvector_3_ortho[1]     ? 
_reflns.pdbx_aniso_B_tensor_eigenvector_3_ortho[2]     ? 
_reflns.pdbx_aniso_B_tensor_eigenvector_3_ortho[3]     ? 
_reflns.pdbx_aniso_B_tensor_eigenvalue_1               ? 
_reflns.pdbx_aniso_B_tensor_eigenvalue_2               ? 
_reflns.pdbx_aniso_B_tensor_eigenvalue_3               ? 
_reflns.pdbx_orthogonalization_convention              ? 
_reflns.pdbx_percent_possible_ellipsoidal              ? 
_reflns.pdbx_percent_possible_spherical                ? 
_reflns.pdbx_percent_possible_ellipsoidal_anomalous    ? 
_reflns.pdbx_percent_possible_spherical_anomalous      ? 
_reflns.pdbx_redundancy_anomalous                      ? 
_reflns.pdbx_CC_half_anomalous                         ? 
_reflns.pdbx_absDiff_over_sigma_anomalous              ? 
_reflns.pdbx_percent_possible_anomalous                ? 
_reflns.pdbx_observed_signal_threshold                 ? 
_reflns.pdbx_signal_type                               ? 
_reflns.pdbx_signal_details                            ? 
_reflns.pdbx_signal_software_id                        ? 
_reflns.pdbx_CC_split_method                           ? 
# 
loop_
_reflns_shell.d_res_high 
_reflns_shell.d_res_low 
_reflns_shell.meanI_over_sigI_all 
_reflns_shell.meanI_over_sigI_obs 
_reflns_shell.number_measured_all 
_reflns_shell.number_measured_obs 
_reflns_shell.number_possible 
_reflns_shell.number_unique_all 
_reflns_shell.number_unique_obs 
_reflns_shell.percent_possible_all 
_reflns_shell.percent_possible_obs 
_reflns_shell.Rmerge_F_all 
_reflns_shell.Rmerge_F_obs 
_reflns_shell.Rmerge_I_all 
_reflns_shell.Rmerge_I_obs 
_reflns_shell.meanI_over_sigI_gt 
_reflns_shell.meanI_over_uI_all 
_reflns_shell.meanI_over_uI_gt 
_reflns_shell.number_measured_gt 
_reflns_shell.number_unique_gt 
_reflns_shell.percent_possible_gt 
_reflns_shell.Rmerge_F_gt 
_reflns_shell.Rmerge_I_gt 
_reflns_shell.pdbx_redundancy 
_reflns_shell.pdbx_Rsym_value 
_reflns_shell.pdbx_chi_squared 
_reflns_shell.pdbx_netI_over_sigmaI_all 
_reflns_shell.pdbx_netI_over_sigmaI_obs 
_reflns_shell.pdbx_Rrim_I_all 
_reflns_shell.pdbx_Rpim_I_all 
_reflns_shell.pdbx_rejects 
_reflns_shell.pdbx_ordinal 
_reflns_shell.pdbx_diffrn_id 
_reflns_shell.pdbx_CC_half 
_reflns_shell.pdbx_CC_star 
_reflns_shell.pdbx_R_split 
_reflns_shell.pdbx_percent_possible_ellipsoidal 
_reflns_shell.pdbx_percent_possible_spherical 
_reflns_shell.pdbx_percent_possible_ellipsoidal_anomalous 
_reflns_shell.pdbx_percent_possible_spherical_anomalous 
_reflns_shell.pdbx_redundancy_anomalous 
_reflns_shell.pdbx_CC_half_anomalous 
_reflns_shell.pdbx_absDiff_over_sigma_anomalous 
_reflns_shell.pdbx_percent_possible_anomalous 
1.200 1.220  ? ? 3993 ? ? ? 1318 89.700 ? ? ? ? 0.663 ? ? ? ? ? ? ? ? 3.000 ? ? ? 1.700  0.809 0.453 ? 1 1 0.587 ? ? ? ? ? ? ? ? ? 
? 
6.570 45.800 ? ? 1204 ? ? ? 228  98.400 ? ? ? ? 0.066 ? ? ? ? ? ? ? ? 5.300 ? ? ? 24.000 0.073 0.031 ? 2 1 0.990 ? ? ? ? ? ? ? ? ? 
? 
# 
_refine.aniso_B[1][1]                            ? 
_refine.aniso_B[1][2]                            ? 
_refine.aniso_B[1][3]                            ? 
_refine.aniso_B[2][2]                            ? 
_refine.aniso_B[2][3]                            ? 
_refine.aniso_B[3][3]                            ? 
_refine.B_iso_max                                37.150 
_refine.B_iso_mean                               19.8368 
_refine.B_iso_min                                12.550 
_refine.correlation_coeff_Fo_to_Fc               ? 
_refine.correlation_coeff_Fo_to_Fc_free          ? 
_refine.details                                  ? 
_refine.diff_density_max                         ? 
_refine.diff_density_max_esd                     ? 
_refine.diff_density_min                         ? 
_refine.diff_density_min_esd                     ? 
_refine.diff_density_rms                         ? 
_refine.diff_density_rms_esd                     ? 
_refine.entry_id                                 8CRY 
_refine.pdbx_refine_id                           'X-RAY DIFFRACTION' 
_refine.ls_abs_structure_details                 ? 
_refine.ls_abs_structure_Flack                   ? 
_refine.ls_abs_structure_Flack_esd               ? 
_refine.ls_abs_structure_Rogers                  ? 
_refine.ls_abs_structure_Rogers_esd              ? 
_refine.ls_d_res_high                            1.2000 
_refine.ls_d_res_low                             22.1290 
_refine.ls_extinction_coef                       ? 
_refine.ls_extinction_coef_esd                   ? 
_refine.ls_extinction_expression                 ? 
_refine.ls_extinction_method                     ? 
_refine.ls_goodness_of_fit_all                   ? 
_refine.ls_goodness_of_fit_all_esd               ? 
_refine.ls_goodness_of_fit_obs                   ? 
_refine.ls_goodness_of_fit_obs_esd               ? 
_refine.ls_hydrogen_treatment                    ? 
_refine.ls_matrix_type                           ? 
_refine.ls_number_constraints                    ? 
_refine.ls_number_parameters                     ? 
_refine.ls_number_reflns_all                     ? 
_refine.ls_number_reflns_obs                     30059 
_refine.ls_number_reflns_R_free                  1464 
_refine.ls_number_reflns_R_work                  28595 
_refine.ls_number_restraints                     ? 
_refine.ls_percent_reflns_obs                    98.6300 
_refine.ls_percent_reflns_R_free                 4.8700 
_refine.ls_R_factor_all                          ? 
_refine.ls_R_factor_obs                          0.2153 
_refine.ls_R_factor_R_free                       0.2375 
_refine.ls_R_factor_R_free_error                 ? 
_refine.ls_R_factor_R_free_error_details         ? 
_refine.ls_R_factor_R_work                       0.2142 
_refine.ls_R_Fsqd_factor_obs                     ? 
_refine.ls_R_I_factor_obs                        ? 
_refine.ls_redundancy_reflns_all                 ? 
_refine.ls_redundancy_reflns_obs                 ? 
_refine.ls_restrained_S_all                      ? 
_refine.ls_restrained_S_obs                      ? 
_refine.ls_shift_over_esd_max                    ? 
_refine.ls_shift_over_esd_mean                   ? 
_refine.ls_structure_factor_coef                 ? 
_refine.ls_weighting_details                     ? 
_refine.ls_weighting_scheme                      ? 
_refine.ls_wR_factor_all                         ? 
_refine.ls_wR_factor_obs                         ? 
_refine.ls_wR_factor_R_free                      ? 
_refine.ls_wR_factor_R_work                      ? 
_refine.occupancy_max                            ? 
_refine.occupancy_min                            ? 
_refine.solvent_model_details                    'FLAT BULK SOLVENT MODEL' 
_refine.solvent_model_param_bsol                 ? 
_refine.solvent_model_param_ksol                 ? 
_refine.pdbx_R_complete                          ? 
_refine.ls_R_factor_gt                           ? 
_refine.ls_goodness_of_fit_gt                    ? 
_refine.ls_goodness_of_fit_ref                   ? 
_refine.ls_shift_over_su_max                     ? 
_refine.ls_shift_over_su_max_lt                  ? 
_refine.ls_shift_over_su_mean                    ? 
_refine.ls_shift_over_su_mean_lt                 ? 
_refine.pdbx_ls_sigma_I                          ? 
_refine.pdbx_ls_sigma_F                          1.350 
_refine.pdbx_ls_sigma_Fsqd                       ? 
_refine.pdbx_data_cutoff_high_absF               ? 
_refine.pdbx_data_cutoff_high_rms_absF           ? 
_refine.pdbx_data_cutoff_low_absF                ? 
_refine.pdbx_isotropic_thermal_model             ? 
_refine.pdbx_ls_cross_valid_method               THROUGHOUT 
_refine.pdbx_method_to_determine_struct          'MOLECULAR REPLACEMENT' 
_refine.pdbx_starting_model                      ? 
_refine.pdbx_stereochemistry_target_values       ML 
_refine.pdbx_R_Free_selection_details            ? 
_refine.pdbx_stereochem_target_val_spec_case     ? 
_refine.pdbx_overall_ESU_R                       ? 
_refine.pdbx_overall_ESU_R_Free                  ? 
_refine.pdbx_solvent_vdw_probe_radii             1.1100 
_refine.pdbx_solvent_ion_probe_radii             ? 
_refine.pdbx_solvent_shrinkage_radii             0.9000 
_refine.pdbx_real_space_R                        ? 
_refine.pdbx_density_correlation                 ? 
_refine.pdbx_pd_number_of_powder_patterns        ? 
_refine.pdbx_pd_number_of_points                 ? 
_refine.pdbx_pd_meas_number_of_points            ? 
_refine.pdbx_pd_proc_ls_prof_R_factor            ? 
_refine.pdbx_pd_proc_ls_prof_wR_factor           ? 
_refine.pdbx_pd_Marquardt_correlation_coeff      ? 
_refine.pdbx_pd_Fsqrd_R_factor                   ? 
_refine.pdbx_pd_ls_matrix_band_width             ? 
_refine.pdbx_overall_phase_error                 27.9400 
_refine.pdbx_overall_SU_R_free_Cruickshank_DPI   ? 
_refine.pdbx_overall_SU_R_free_Blow_DPI          ? 
_refine.pdbx_overall_SU_R_Blow_DPI               ? 
_refine.pdbx_TLS_residual_ADP_flag               ? 
_refine.pdbx_diffrn_id                           1 
_refine.overall_SU_B                             ? 
_refine.overall_SU_ML                            0.1300 
_refine.overall_SU_R_Cruickshank_DPI             ? 
_refine.overall_SU_R_free                        ? 
_refine.overall_FOM_free_R_set                   ? 
_refine.overall_FOM_work_R_set                   ? 
_refine.pdbx_average_fsc_overall                 ? 
_refine.pdbx_average_fsc_work                    ? 
_refine.pdbx_average_fsc_free                    ? 
# 
_refine_hist.pdbx_refine_id                   'X-RAY DIFFRACTION' 
_refine_hist.cycle_id                         final 
_refine_hist.details                          ? 
_refine_hist.d_res_high                       1.2000 
_refine_hist.d_res_low                        22.1290 
_refine_hist.number_atoms_solvent             165 
_refine_hist.number_atoms_total               840 
_refine_hist.number_reflns_all                ? 
_refine_hist.number_reflns_obs                ? 
_refine_hist.number_reflns_R_free             ? 
_refine_hist.number_reflns_R_work             ? 
_refine_hist.R_factor_all                     ? 
_refine_hist.R_factor_obs                     ? 
_refine_hist.R_factor_R_free                  ? 
_refine_hist.R_factor_R_work                  ? 
_refine_hist.pdbx_number_residues_total       32 
_refine_hist.pdbx_B_iso_mean_ligand           15.27 
_refine_hist.pdbx_B_iso_mean_solvent          27.78 
_refine_hist.pdbx_number_atoms_protein        0 
_refine_hist.pdbx_number_atoms_nucleic_acid   674 
_refine_hist.pdbx_number_atoms_ligand         1 
_refine_hist.pdbx_number_atoms_lipid          ? 
_refine_hist.pdbx_number_atoms_carb           ? 
_refine_hist.pdbx_pseudo_atom_details         ? 
# 
loop_
_refine_ls_shell.pdbx_refine_id 
_refine_ls_shell.d_res_high 
_refine_ls_shell.d_res_low 
_refine_ls_shell.number_reflns_all 
_refine_ls_shell.number_reflns_obs 
_refine_ls_shell.number_reflns_R_free 
_refine_ls_shell.number_reflns_R_work 
_refine_ls_shell.percent_reflns_obs 
_refine_ls_shell.percent_reflns_R_free 
_refine_ls_shell.R_factor_all 
_refine_ls_shell.R_factor_obs 
_refine_ls_shell.R_factor_R_free 
_refine_ls_shell.R_factor_R_free_error 
_refine_ls_shell.R_factor_R_work 
_refine_ls_shell.redundancy_reflns_all 
_refine_ls_shell.redundancy_reflns_obs 
_refine_ls_shell.wR_factor_all 
_refine_ls_shell.wR_factor_obs 
_refine_ls_shell.wR_factor_R_free 
_refine_ls_shell.wR_factor_R_work 
_refine_ls_shell.pdbx_R_complete 
_refine_ls_shell.pdbx_total_number_of_bins_used 
_refine_ls_shell.pdbx_phase_error 
_refine_ls_shell.pdbx_fsc_work 
_refine_ls_shell.pdbx_fsc_free 
'X-RAY DIFFRACTION' 1.2000 1.2429  . . 117 2655 92.0000  . . . 0.3369 0.0000 0.3150 . . . . . . . . . . . 
'X-RAY DIFFRACTION' 1.2429 1.2927  . . 141 2801 99.0000  . . . 0.2801 0.0000 0.2969 . . . . . . . . . . . 
'X-RAY DIFFRACTION' 1.2927 1.3515  . . 167 2837 100.0000 . . . 0.2909 0.0000 0.2853 . . . . . . . . . . . 
'X-RAY DIFFRACTION' 1.3515 1.4227  . . 147 2876 100.0000 . . . 0.2736 0.0000 0.2582 . . . . . . . . . . . 
'X-RAY DIFFRACTION' 1.4227 1.5118  . . 130 2863 100.0000 . . . 0.2425 0.0000 0.2416 . . . . . . . . . . . 
'X-RAY DIFFRACTION' 1.5118 1.6285  . . 143 2878 100.0000 . . . 0.2148 0.0000 0.2205 . . . . . . . . . . . 
'X-RAY DIFFRACTION' 1.6285 1.7924  . . 153 2852 99.0000  . . . 0.2452 0.0000 0.2111 . . . . . . . . . . . 
'X-RAY DIFFRACTION' 1.7924 2.0516  . . 158 2903 100.0000 . . . 0.2525 0.0000 0.2238 . . . . . . . . . . . 
'X-RAY DIFFRACTION' 2.0516 2.5841  . . 155 2908 100.0000 . . . 0.2222 0.0000 0.2351 . . . . . . . . . . . 
'X-RAY DIFFRACTION' 2.5841 22.1290 . . 153 3022 98.0000  . . . 0.2304 0.0000 0.1862 . . . . . . . . . . . 
# 
_struct.entry_id                     8CRY 
_struct.title                        'Crystal structure of alien DNA CTSZZPBSBSZPPBAG in an orthorhombic lattice' 
_struct.pdbx_model_details           ? 
_struct.pdbx_formula_weight          ? 
_struct.pdbx_formula_weight_method   ? 
_struct.pdbx_model_type_details      ? 
_struct.pdbx_CASP_flag               N 
# 
_struct_keywords.entry_id        8CRY 
_struct_keywords.text            'unnatural DNA, Alien DNA, DNA' 
_struct_keywords.pdbx_keywords   DNA 
# 
loop_
_struct_asym.id 
_struct_asym.pdbx_blank_PDB_chainid_flag 
_struct_asym.pdbx_modified 
_struct_asym.entity_id 
_struct_asym.details 
A N N 1 ? 
B N N 1 ? 
C N N 2 ? 
D N N 3 ? 
E N N 3 ? 
# 
_struct_ref.id                         1 
_struct_ref.db_name                    PDB 
_struct_ref.db_code                    8CRY 
_struct_ref.pdbx_db_accession          8CRY 
_struct_ref.pdbx_db_isoform            ? 
_struct_ref.entity_id                  1 
_struct_ref.pdbx_seq_one_letter_code   ? 
_struct_ref.pdbx_align_begin           1 
# 
loop_
_struct_ref_seq.align_id 
_struct_ref_seq.ref_id 
_struct_ref_seq.pdbx_PDB_id_code 
_struct_ref_seq.pdbx_strand_id 
_struct_ref_seq.seq_align_beg 
_struct_ref_seq.pdbx_seq_align_beg_ins_code 
_struct_ref_seq.seq_align_end 
_struct_ref_seq.pdbx_seq_align_end_ins_code 
_struct_ref_seq.pdbx_db_accession 
_struct_ref_seq.db_align_beg 
_struct_ref_seq.pdbx_db_align_beg_ins_code 
_struct_ref_seq.db_align_end 
_struct_ref_seq.pdbx_db_align_end_ins_code 
_struct_ref_seq.pdbx_auth_seq_align_beg 
_struct_ref_seq.pdbx_auth_seq_align_end 
1 1 8CRY A 1 ? 16 ? 8CRY 1 ? 16 ? 1 16 
2 1 8CRY B 1 ? 16 ? 8CRY 1 ? 16 ? 1 16 
# 
_pdbx_struct_assembly.id                   1 
_pdbx_struct_assembly.details              author_and_software_defined_assembly 
_pdbx_struct_assembly.method_details       PISA 
_pdbx_struct_assembly.oligomeric_details   dimeric 
_pdbx_struct_assembly.oligomeric_count     2 
# 
loop_
_pdbx_struct_assembly_prop.biol_id 
_pdbx_struct_assembly_prop.type 
_pdbx_struct_assembly_prop.value 
_pdbx_struct_assembly_prop.details 
1 'ABSA (A^2)' 5370 ? 
1 MORE         28   ? 
1 'SSA (A^2)'  4990 ? 
# 
_pdbx_struct_assembly_gen.assembly_id       1 
_pdbx_struct_assembly_gen.oper_expression   1 
_pdbx_struct_assembly_gen.asym_id_list      A,B,C,D,E 
# 
_pdbx_struct_assembly_auth_evidence.id                     1 
_pdbx_struct_assembly_auth_evidence.assembly_id            1 
_pdbx_struct_assembly_auth_evidence.experimental_support   none 
_pdbx_struct_assembly_auth_evidence.details                ? 
# 
_pdbx_struct_oper_list.id                   1 
_pdbx_struct_oper_list.type                 'identity operation' 
_pdbx_struct_oper_list.name                 1_555 
_pdbx_struct_oper_list.symmetry_operation   x,y,z 
_pdbx_struct_oper_list.matrix[1][1]         1.0000000000 
_pdbx_struct_oper_list.matrix[1][2]         0.0000000000 
_pdbx_struct_oper_list.matrix[1][3]         0.0000000000 
_pdbx_struct_oper_list.vector[1]            0.0000000000 
_pdbx_struct_oper_list.matrix[2][1]         0.0000000000 
_pdbx_struct_oper_list.matrix[2][2]         1.0000000000 
_pdbx_struct_oper_list.matrix[2][3]         0.0000000000 
_pdbx_struct_oper_list.vector[2]            0.0000000000 
_pdbx_struct_oper_list.matrix[3][1]         0.0000000000 
_pdbx_struct_oper_list.matrix[3][2]         0.0000000000 
_pdbx_struct_oper_list.matrix[3][3]         1.0000000000 
_pdbx_struct_oper_list.vector[3]            0.0000000000 
# 
loop_
_struct_conn.id 
_struct_conn.conn_type_id 
_struct_conn.pdbx_leaving_atom_flag 
_struct_conn.pdbx_PDB_id 
_struct_conn.ptnr1_label_asym_id 
_struct_conn.ptnr1_label_comp_id 
_struct_conn.ptnr1_label_seq_id 
_struct_conn.ptnr1_label_atom_id 
_struct_conn.pdbx_ptnr1_label_alt_id 
_struct_conn.pdbx_ptnr1_PDB_ins_code 
_struct_conn.pdbx_ptnr1_standard_comp_id 
_struct_conn.ptnr1_symmetry 
_struct_conn.ptnr2_label_asym_id 
_struct_conn.ptnr2_label_comp_id 
_struct_conn.ptnr2_label_seq_id 
_struct_conn.ptnr2_label_atom_id 
_struct_conn.pdbx_ptnr2_label_alt_id 
_struct_conn.pdbx_ptnr2_PDB_ins_code 
_struct_conn.ptnr1_auth_asym_id 
_struct_conn.ptnr1_auth_comp_id 
_struct_conn.ptnr1_auth_seq_id 
_struct_conn.ptnr2_auth_asym_id 
_struct_conn.ptnr2_auth_comp_id 
_struct_conn.ptnr2_auth_seq_id 
_struct_conn.ptnr2_symmetry 
_struct_conn.pdbx_ptnr3_label_atom_id 
_struct_conn.pdbx_ptnr3_label_seq_id 
_struct_conn.pdbx_ptnr3_label_comp_id 
_struct_conn.pdbx_ptnr3_label_asym_id 
_struct_conn.pdbx_ptnr3_label_alt_id 
_struct_conn.pdbx_ptnr3_PDB_ins_code 
_struct_conn.details 
_struct_conn.pdbx_dist_value 
_struct_conn.pdbx_value_order 
_struct_conn.pdbx_role 
covale1  covale both ? A DT  2  "O3'" ? ? ? 1_555 A JSP 3  P  ? ? A DT  2   A JSP 3   1_555 ? ? ? ? ? ? ?            1.589 ? ? 
covale2  covale one  ? A JSP 3  "O3'" ? ? ? 1_555 A 1W5 4  P  ? ? A JSP 3   A 1W5 4   1_555 ? ? ? ? ? ? ?            1.592 ? ? 
covale3  covale one  ? A 1W5 4  "O3'" ? ? ? 1_555 A 1W5 5  P  ? ? A 1W5 4   A 1W5 5   1_555 ? ? ? ? ? ? ?            1.595 ? ? 
covale4  covale one  ? A 1W5 5  "O3'" ? ? ? 1_555 A 1WA 6  P  ? ? A 1W5 5   A 1WA 6   1_555 ? ? ? ? ? ? ?            1.591 ? ? 
covale5  covale both ? A 1WA 6  "O3'" ? ? ? 1_555 A IGU 7  P  ? ? A 1WA 6   A IGU 7   1_555 ? ? ? ? ? ? ?            1.588 ? ? 
covale6  covale both ? A IGU 7  "O3'" ? ? ? 1_555 A JSP 8  P  ? ? A IGU 7   A JSP 8   1_555 ? ? ? ? ? ? ?            1.592 ? ? 
covale7  covale one  ? A JSP 8  "O3'" ? ? ? 1_555 A IGU 9  P  ? ? A JSP 8   A IGU 9   1_555 ? ? ? ? ? ? ?            1.596 ? ? 
covale8  covale both ? A IGU 9  "O3'" ? ? ? 1_555 A JSP 10 P  ? ? A IGU 9   A JSP 10  1_555 ? ? ? ? ? ? ?            1.592 ? ? 
covale9  covale one  ? A JSP 10 "O3'" ? ? ? 1_555 A 1W5 11 P  ? ? A JSP 10  A 1W5 11  1_555 ? ? ? ? ? ? ?            1.594 ? ? 
covale10 covale one  ? A 1W5 11 "O3'" ? ? ? 1_555 A 1WA 12 P  ? ? A 1W5 11  A 1WA 12  1_555 ? ? ? ? ? ? ?            1.592 ? ? 
covale11 covale both ? A 1WA 12 "O3'" ? ? ? 1_555 A 1WA 13 P  ? ? A 1WA 12  A 1WA 13  1_555 ? ? ? ? ? ? ?            1.594 ? ? 
covale12 covale both ? A 1WA 13 "O3'" ? ? ? 1_555 A IGU 14 P  ? ? A 1WA 13  A IGU 14  1_555 ? ? ? ? ? ? ?            1.593 ? ? 
covale13 covale both ? A IGU 14 "O3'" ? ? ? 1_555 A DA  15 P  ? ? A IGU 14  A DA  15  1_555 ? ? ? ? ? ? ?            1.594 ? ? 
covale14 covale both ? B DT  2  "O3'" ? ? ? 1_555 B JSP 3  P  ? ? B DT  2   B JSP 3   1_555 ? ? ? ? ? ? ?            1.584 ? ? 
covale15 covale one  ? B JSP 3  "O3'" ? ? ? 1_555 B 1W5 4  P  ? ? B JSP 3   B 1W5 4   1_555 ? ? ? ? ? ? ?            1.592 ? ? 
covale16 covale one  ? B 1W5 4  "O3'" ? ? ? 1_555 B 1W5 5  P  ? ? B 1W5 4   B 1W5 5   1_555 ? ? ? ? ? ? ?            1.593 ? ? 
covale17 covale one  ? B 1W5 5  "O3'" ? ? ? 1_555 B 1WA 6  P  ? ? B 1W5 5   B 1WA 6   1_555 ? ? ? ? ? ? ?            1.589 ? ? 
covale18 covale both ? B 1WA 6  "O3'" ? ? ? 1_555 B IGU 7  P  ? ? B 1WA 6   B IGU 7   1_555 ? ? ? ? ? ? ?            1.593 ? ? 
covale19 covale both ? B IGU 7  "O3'" ? ? ? 1_555 B JSP 8  P  ? ? B IGU 7   B JSP 8   1_555 ? ? ? ? ? ? ?            1.593 ? ? 
covale20 covale one  ? B JSP 8  "O3'" ? ? ? 1_555 B IGU 9  P  ? ? B JSP 8   B IGU 9   1_555 ? ? ? ? ? ? ?            1.597 ? ? 
covale21 covale both ? B IGU 9  "O3'" ? ? ? 1_555 B JSP 10 P  ? ? B IGU 9   B JSP 10  1_555 ? ? ? ? ? ? ?            1.599 ? ? 
covale22 covale one  ? B JSP 10 "O3'" ? ? ? 1_555 B 1W5 11 P  ? ? B JSP 10  B 1W5 11  1_555 ? ? ? ? ? ? ?            1.591 ? ? 
covale23 covale one  ? B 1W5 11 "O3'" ? ? ? 1_555 B 1WA 12 P  ? ? B 1W5 11  B 1WA 12  1_555 ? ? ? ? ? ? ?            1.592 ? ? 
covale24 covale both ? B 1WA 12 "O3'" ? ? ? 1_555 B 1WA 13 P  ? ? B 1WA 12  B 1WA 13  1_555 ? ? ? ? ? ? ?            1.594 ? ? 
covale25 covale both ? B 1WA 13 "O3'" ? ? ? 1_555 B IGU 14 P  ? ? B 1WA 13  B IGU 14  1_555 ? ? ? ? ? ? ?            1.589 ? ? 
covale26 covale both ? B IGU 14 "O3'" ? ? ? 1_555 B DA  15 P  ? ? B IGU 14  B DA  15  1_555 ? ? ? ? ? ? ?            1.587 ? ? 
metalc1  metalc ?    ? D HOH .  O     ? ? ? 3_544 C MG  .  MG ? ? A HOH 119 B MG  101 1_555 ? ? ? ? ? ? ?            2.032 ? ? 
metalc2  metalc ?    ? D HOH .  O     ? ? ? 3_544 C MG  .  MG ? ? A HOH 142 B MG  101 1_555 ? ? ? ? ? ? ?            2.052 ? ? 
metalc3  metalc ?    ? D HOH .  O     ? ? ? 3_544 C MG  .  MG ? ? A HOH 170 B MG  101 1_555 ? ? ? ? ? ? ?            2.122 ? ? 
metalc4  metalc ?    ? C MG  .  MG    ? ? ? 1_555 E HOH .  O  ? ? B MG  101 B HOH 207 1_555 ? ? ? ? ? ? ?            1.981 ? ? 
metalc5  metalc ?    ? C MG  .  MG    ? ? ? 1_555 E HOH .  O  ? ? B MG  101 B HOH 211 1_555 ? ? ? ? ? ? ?            2.007 ? ? 
metalc6  metalc ?    ? C MG  .  MG    ? ? ? 1_555 E HOH .  O  ? ? B MG  101 B HOH 223 3_544 ? ? ? ? ? ? ?            2.061 ? ? 
hydrog1  hydrog ?    ? A DC  1  N3    ? ? ? 1_555 B DG  16 N1 ? ? A DC  1   B DG  16  1_555 ? ? ? ? ? ? WATSON-CRICK ?     ? ? 
hydrog2  hydrog ?    ? A DC  1  N4    ? ? ? 1_555 B DG  16 O6 ? ? A DC  1   B DG  16  1_555 ? ? ? ? ? ? WATSON-CRICK ?     ? ? 
hydrog3  hydrog ?    ? A DC  1  O2    ? ? ? 1_555 B DG  16 N2 ? ? A DC  1   B DG  16  1_555 ? ? ? ? ? ? WATSON-CRICK ?     ? ? 
hydrog4  hydrog ?    ? A DT  2  N3    ? ? ? 1_555 B DA  15 N1 ? ? A DT  2   B DA  15  1_555 ? ? ? ? ? ? WATSON-CRICK ?     ? ? 
hydrog5  hydrog ?    ? A DT  2  O4    ? ? ? 1_555 B DA  15 N6 ? ? A DT  2   B DA  15  1_555 ? ? ? ? ? ? WATSON-CRICK ?     ? ? 
hydrog6  hydrog ?    ? A DA  15 N1    ? ? ? 1_555 B DT  2  N3 ? ? A DA  15  B DT  2   1_555 ? ? ? ? ? ? WATSON-CRICK ?     ? ? 
hydrog7  hydrog ?    ? A DA  15 N6    ? ? ? 1_555 B DT  2  O4 ? ? A DA  15  B DT  2   1_555 ? ? ? ? ? ? WATSON-CRICK ?     ? ? 
hydrog8  hydrog ?    ? A DG  16 N1    ? ? ? 1_555 B DC  1  N3 ? ? A DG  16  B DC  1   1_555 ? ? ? ? ? ? WATSON-CRICK ?     ? ? 
hydrog9  hydrog ?    ? A DG  16 N2    ? ? ? 1_555 B DC  1  O2 ? ? A DG  16  B DC  1   1_555 ? ? ? ? ? ? WATSON-CRICK ?     ? ? 
hydrog10 hydrog ?    ? A DG  16 O6    ? ? ? 1_555 B DC  1  N4 ? ? A DG  16  B DC  1   1_555 ? ? ? ? ? ? WATSON-CRICK ?     ? ? 
# 
loop_
_struct_conn_type.id 
_struct_conn_type.criteria 
_struct_conn_type.reference 
covale ? ? 
metalc ? ? 
hydrog ? ? 
# 
loop_
_pdbx_struct_conn_angle.id 
_pdbx_struct_conn_angle.ptnr1_label_atom_id 
_pdbx_struct_conn_angle.ptnr1_label_alt_id 
_pdbx_struct_conn_angle.ptnr1_label_asym_id 
_pdbx_struct_conn_angle.ptnr1_label_comp_id 
_pdbx_struct_conn_angle.ptnr1_label_seq_id 
_pdbx_struct_conn_angle.ptnr1_auth_atom_id 
_pdbx_struct_conn_angle.ptnr1_auth_asym_id 
_pdbx_struct_conn_angle.ptnr1_auth_comp_id 
_pdbx_struct_conn_angle.ptnr1_auth_seq_id 
_pdbx_struct_conn_angle.ptnr1_PDB_ins_code 
_pdbx_struct_conn_angle.ptnr1_symmetry 
_pdbx_struct_conn_angle.ptnr2_label_atom_id 
_pdbx_struct_conn_angle.ptnr2_label_alt_id 
_pdbx_struct_conn_angle.ptnr2_label_asym_id 
_pdbx_struct_conn_angle.ptnr2_label_comp_id 
_pdbx_struct_conn_angle.ptnr2_label_seq_id 
_pdbx_struct_conn_angle.ptnr2_auth_atom_id 
_pdbx_struct_conn_angle.ptnr2_auth_asym_id 
_pdbx_struct_conn_angle.ptnr2_auth_comp_id 
_pdbx_struct_conn_angle.ptnr2_auth_seq_id 
_pdbx_struct_conn_angle.ptnr2_PDB_ins_code 
_pdbx_struct_conn_angle.ptnr2_symmetry 
_pdbx_struct_conn_angle.ptnr3_label_atom_id 
_pdbx_struct_conn_angle.ptnr3_label_alt_id 
_pdbx_struct_conn_angle.ptnr3_label_asym_id 
_pdbx_struct_conn_angle.ptnr3_label_comp_id 
_pdbx_struct_conn_angle.ptnr3_label_seq_id 
_pdbx_struct_conn_angle.ptnr3_auth_atom_id 
_pdbx_struct_conn_angle.ptnr3_auth_asym_id 
_pdbx_struct_conn_angle.ptnr3_auth_comp_id 
_pdbx_struct_conn_angle.ptnr3_auth_seq_id 
_pdbx_struct_conn_angle.ptnr3_PDB_ins_code 
_pdbx_struct_conn_angle.ptnr3_symmetry 
_pdbx_struct_conn_angle.value 
_pdbx_struct_conn_angle.value_esd 
1  O ? D HOH . ? A HOH 119 ? 3_544 MG ? C MG . ? B MG 101 ? 1_555 O ? D HOH . ? A HOH 142 ? 3_544 88.0  ? 
2  O ? D HOH . ? A HOH 119 ? 3_544 MG ? C MG . ? B MG 101 ? 1_555 O ? D HOH . ? A HOH 170 ? 3_544 88.6  ? 
3  O ? D HOH . ? A HOH 142 ? 3_544 MG ? C MG . ? B MG 101 ? 1_555 O ? D HOH . ? A HOH 170 ? 3_544 87.8  ? 
4  O ? D HOH . ? A HOH 119 ? 3_544 MG ? C MG . ? B MG 101 ? 1_555 O ? E HOH . ? B HOH 207 ? 1_555 94.1  ? 
5  O ? D HOH . ? A HOH 142 ? 3_544 MG ? C MG . ? B MG 101 ? 1_555 O ? E HOH . ? B HOH 207 ? 1_555 176.0 ? 
6  O ? D HOH . ? A HOH 170 ? 3_544 MG ? C MG . ? B MG 101 ? 1_555 O ? E HOH . ? B HOH 207 ? 1_555 88.9  ? 
7  O ? D HOH . ? A HOH 119 ? 3_544 MG ? C MG . ? B MG 101 ? 1_555 O ? E HOH . ? B HOH 211 ? 1_555 171.8 ? 
8  O ? D HOH . ? A HOH 142 ? 3_544 MG ? C MG . ? B MG 101 ? 1_555 O ? E HOH . ? B HOH 211 ? 1_555 84.2  ? 
9  O ? D HOH . ? A HOH 170 ? 3_544 MG ? C MG . ? B MG 101 ? 1_555 O ? E HOH . ? B HOH 211 ? 1_555 88.7  ? 
10 O ? E HOH . ? B HOH 207 ? 1_555 MG ? C MG . ? B MG 101 ? 1_555 O ? E HOH . ? B HOH 211 ? 1_555 93.6  ? 
11 O ? D HOH . ? A HOH 119 ? 3_544 MG ? C MG . ? B MG 101 ? 1_555 O ? E HOH . ? B HOH 223 ? 3_544 88.8  ? 
12 O ? D HOH . ? A HOH 142 ? 3_544 MG ? C MG . ? B MG 101 ? 1_555 O ? E HOH . ? B HOH 223 ? 3_544 89.2  ? 
13 O ? D HOH . ? A HOH 170 ? 3_544 MG ? C MG . ? B MG 101 ? 1_555 O ? E HOH . ? B HOH 223 ? 3_544 176.1 ? 
14 O ? E HOH . ? B HOH 207 ? 1_555 MG ? C MG . ? B MG 101 ? 1_555 O ? E HOH . ? B HOH 223 ? 3_544 94.3  ? 
15 O ? E HOH . ? B HOH 211 ? 1_555 MG ? C MG . ? B MG 101 ? 1_555 O ? E HOH . ? B HOH 223 ? 3_544 93.5  ? 
# 
_pdbx_entry_details.entry_id                 8CRY 
_pdbx_entry_details.has_ligand_of_interest   Y 
_pdbx_entry_details.compound_details         ? 
_pdbx_entry_details.source_details           ? 
_pdbx_entry_details.nonpolymer_details       ? 
_pdbx_entry_details.sequence_details         ? 
# 
loop_
_chem_comp_atom.comp_id 
_chem_comp_atom.atom_id 
_chem_comp_atom.type_symbol 
_chem_comp_atom.pdbx_aromatic_flag 
_chem_comp_atom.pdbx_stereo_config 
_chem_comp_atom.pdbx_ordinal 
1W5 N      N  N N 1   
1W5 P      P  N N 2   
1W5 C1     C  Y N 3   
1W5 C2     C  Y N 4   
1W5 O2     O  N N 5   
1W5 N3     N  Y N 6   
1W5 C4     C  Y N 7   
1W5 N4     N  N N 8   
1W5 C5     C  Y N 9   
1W5 C6     C  Y N 10  
1W5 "C1'"  C  N R 11  
1W5 "C2'"  C  N N 12  
1W5 "C3'"  C  N S 13  
1W5 "O3'"  O  N N 14  
1W5 "C4'"  C  N R 15  
1W5 "O4'"  O  N N 16  
1W5 "C5'"  C  N N 17  
1W5 "O5'"  O  N N 18  
1W5 ON1    O  N N 19  
1W5 ON2    O  N N 20  
1W5 OP1    O  N N 21  
1W5 OP2    O  N N 22  
1W5 OP3    O  N N 23  
1W5 H1     H  N N 24  
1W5 H2     H  N N 25  
1W5 H4     H  N N 26  
1W5 H5     H  N N 27  
1W5 H6     H  N N 28  
1W5 H7     H  N N 29  
1W5 H8     H  N N 30  
1W5 H9     H  N N 31  
1W5 H10    H  N N 32  
1W5 H11    H  N N 33  
1W5 H12    H  N N 34  
1W5 HOP1   H  N N 35  
1W5 HOP3   H  N N 36  
1W5 H15    H  N N 37  
1WA OP3    O  N N 38  
1WA P      P  N N 39  
1WA N1     N  Y N 40  
1WA C2     C  Y N 41  
1WA N2     N  N N 42  
1WA N3     N  Y N 43  
1WA C4     C  Y N 44  
1WA N5     N  Y N 45  
1WA C6     C  Y N 46  
1WA O6     O  N N 47  
1WA C7     C  Y N 48  
1WA C8     C  Y N 49  
1WA N9     N  Y N 50  
1WA "C1'"  C  N R 51  
1WA "C2'"  C  N N 52  
1WA "C3'"  C  N S 53  
1WA "O3'"  O  N N 54  
1WA "C4'"  C  N R 55  
1WA "O4'"  O  N N 56  
1WA "C5'"  C  N N 57  
1WA "O5'"  O  N N 58  
1WA OP1    O  N N 59  
1WA OP2    O  N N 60  
1WA HOP3   H  N N 61  
1WA HN2    H  N N 62  
1WA HN2A   H  N N 63  
1WA HN3    H  N N 64  
1WA H7     H  N N 65  
1WA H8     H  N N 66  
1WA "H1'"  H  N N 67  
1WA "H2'"  H  N N 68  
1WA "H2'A" H  N N 69  
1WA "H3'"  H  N N 70  
1WA "HO3'" H  N N 71  
1WA "H4'"  H  N N 72  
1WA "H5'"  H  N N 73  
1WA "H5'A" H  N N 74  
1WA HOP1   H  N N 75  
1WA HO6    H  N N 76  
DA  OP3    O  N N 77  
DA  P      P  N N 78  
DA  OP1    O  N N 79  
DA  OP2    O  N N 80  
DA  "O5'"  O  N N 81  
DA  "C5'"  C  N N 82  
DA  "C4'"  C  N R 83  
DA  "O4'"  O  N N 84  
DA  "C3'"  C  N S 85  
DA  "O3'"  O  N N 86  
DA  "C2'"  C  N N 87  
DA  "C1'"  C  N R 88  
DA  N9     N  Y N 89  
DA  C8     C  Y N 90  
DA  N7     N  Y N 91  
DA  C5     C  Y N 92  
DA  C6     C  Y N 93  
DA  N6     N  N N 94  
DA  N1     N  Y N 95  
DA  C2     C  Y N 96  
DA  N3     N  Y N 97  
DA  C4     C  Y N 98  
DA  HOP3   H  N N 99  
DA  HOP2   H  N N 100 
DA  "H5'"  H  N N 101 
DA  "H5''" H  N N 102 
DA  "H4'"  H  N N 103 
DA  "H3'"  H  N N 104 
DA  "HO3'" H  N N 105 
DA  "H2'"  H  N N 106 
DA  "H2''" H  N N 107 
DA  "H1'"  H  N N 108 
DA  H8     H  N N 109 
DA  H61    H  N N 110 
DA  H62    H  N N 111 
DA  H2     H  N N 112 
DC  OP3    O  N N 113 
DC  P      P  N N 114 
DC  OP1    O  N N 115 
DC  OP2    O  N N 116 
DC  "O5'"  O  N N 117 
DC  "C5'"  C  N N 118 
DC  "C4'"  C  N R 119 
DC  "O4'"  O  N N 120 
DC  "C3'"  C  N S 121 
DC  "O3'"  O  N N 122 
DC  "C2'"  C  N N 123 
DC  "C1'"  C  N R 124 
DC  N1     N  N N 125 
DC  C2     C  N N 126 
DC  O2     O  N N 127 
DC  N3     N  N N 128 
DC  C4     C  N N 129 
DC  N4     N  N N 130 
DC  C5     C  N N 131 
DC  C6     C  N N 132 
DC  HOP3   H  N N 133 
DC  HOP2   H  N N 134 
DC  "H5'"  H  N N 135 
DC  "H5''" H  N N 136 
DC  "H4'"  H  N N 137 
DC  "H3'"  H  N N 138 
DC  "HO3'" H  N N 139 
DC  "H2'"  H  N N 140 
DC  "H2''" H  N N 141 
DC  "H1'"  H  N N 142 
DC  H41    H  N N 143 
DC  H42    H  N N 144 
DC  H5     H  N N 145 
DC  H6     H  N N 146 
DG  OP3    O  N N 147 
DG  P      P  N N 148 
DG  OP1    O  N N 149 
DG  OP2    O  N N 150 
DG  "O5'"  O  N N 151 
DG  "C5'"  C  N N 152 
DG  "C4'"  C  N R 153 
DG  "O4'"  O  N N 154 
DG  "C3'"  C  N S 155 
DG  "O3'"  O  N N 156 
DG  "C2'"  C  N N 157 
DG  "C1'"  C  N R 158 
DG  N9     N  Y N 159 
DG  C8     C  Y N 160 
DG  N7     N  Y N 161 
DG  C5     C  Y N 162 
DG  C6     C  N N 163 
DG  O6     O  N N 164 
DG  N1     N  N N 165 
DG  C2     C  N N 166 
DG  N2     N  N N 167 
DG  N3     N  N N 168 
DG  C4     C  Y N 169 
DG  HOP3   H  N N 170 
DG  HOP2   H  N N 171 
DG  "H5'"  H  N N 172 
DG  "H5''" H  N N 173 
DG  "H4'"  H  N N 174 
DG  "H3'"  H  N N 175 
DG  "HO3'" H  N N 176 
DG  "H2'"  H  N N 177 
DG  "H2''" H  N N 178 
DG  "H1'"  H  N N 179 
DG  H8     H  N N 180 
DG  H1     H  N N 181 
DG  H21    H  N N 182 
DG  H22    H  N N 183 
DT  OP3    O  N N 184 
DT  P      P  N N 185 
DT  OP1    O  N N 186 
DT  OP2    O  N N 187 
DT  "O5'"  O  N N 188 
DT  "C5'"  C  N N 189 
DT  "C4'"  C  N R 190 
DT  "O4'"  O  N N 191 
DT  "C3'"  C  N S 192 
DT  "O3'"  O  N N 193 
DT  "C2'"  C  N N 194 
DT  "C1'"  C  N R 195 
DT  N1     N  N N 196 
DT  C2     C  N N 197 
DT  O2     O  N N 198 
DT  N3     N  N N 199 
DT  C4     C  N N 200 
DT  O4     O  N N 201 
DT  C5     C  N N 202 
DT  C7     C  N N 203 
DT  C6     C  N N 204 
DT  HOP3   H  N N 205 
DT  HOP2   H  N N 206 
DT  "H5'"  H  N N 207 
DT  "H5''" H  N N 208 
DT  "H4'"  H  N N 209 
DT  "H3'"  H  N N 210 
DT  "HO3'" H  N N 211 
DT  "H2'"  H  N N 212 
DT  "H2''" H  N N 213 
DT  "H1'"  H  N N 214 
DT  H3     H  N N 215 
DT  H71    H  N N 216 
DT  H72    H  N N 217 
DT  H73    H  N N 218 
DT  H6     H  N N 219 
HOH O      O  N N 220 
HOH H1     H  N N 221 
HOH H2     H  N N 222 
IGU P      P  N N 223 
IGU OP1    O  N N 224 
IGU OP2    O  N N 225 
IGU OP3    O  N N 226 
IGU "O5'"  O  N N 227 
IGU "C5'"  C  N N 228 
IGU "C4'"  C  N R 229 
IGU "O4'"  O  N N 230 
IGU "C3'"  C  N S 231 
IGU "O3'"  O  N N 232 
IGU "C2'"  C  N N 233 
IGU "C1'"  C  N R 234 
IGU N9     N  N N 235 
IGU C8     C  N N 236 
IGU N7     N  N N 237 
IGU C6     C  N N 238 
IGU N6     N  N N 239 
IGU C5     C  N N 240 
IGU N1     N  N N 241 
IGU C2     C  N N 242 
IGU O2     O  N N 243 
IGU N3     N  N N 244 
IGU C4     C  N N 245 
IGU HOP2   H  N N 246 
IGU HOP3   H  N N 247 
IGU "H5'"  H  N N 248 
IGU "H5''" H  N N 249 
IGU "H4'"  H  N N 250 
IGU "H3'"  H  N N 251 
IGU "HO3'" H  N N 252 
IGU "H2'"  H  N N 253 
IGU "H2''" H  N N 254 
IGU "H1'"  H  N N 255 
IGU H8     H  N N 256 
IGU HN61   H  N N 257 
IGU HN62   H  N N 258 
IGU HN1    H  N N 259 
JSP C1     C  N N 260 
JSP "C1'"  C  N R 261 
JSP C2     C  N N 262 
JSP "C2'"  C  N N 263 
JSP "C3'"  C  N S 264 
JSP C4     C  N N 265 
JSP "C4'"  C  N R 266 
JSP "C5'"  C  N N 267 
JSP C6     C  N N 268 
JSP C7     C  N N 269 
JSP N2     N  N N 270 
JSP N3     N  N N 271 
JSP N5     N  N N 272 
JSP "O3'"  O  N N 273 
JSP O4     O  N N 274 
JSP "O4'"  O  N N 275 
JSP "O5'"  O  N N 276 
JSP OP1    O  N N 277 
JSP OP2    O  N N 278 
JSP P      P  N N 279 
JSP H1     H  N N 280 
JSP H2     H  N N 281 
JSP H3     H  N N 282 
JSP H4     H  N N 283 
JSP H5     H  N N 284 
JSP H6     H  N N 285 
JSP H7     H  N N 286 
JSP H8     H  N N 287 
JSP H9     H  N N 288 
JSP H10    H  N N 289 
JSP H11    H  N N 290 
JSP H12    H  N N 291 
JSP H13    H  N N 292 
JSP H14    H  N N 293 
JSP H16    H  N N 294 
JSP OP3    O  N N 295 
JSP H15    H  N N 296 
MG  MG     MG N N 297 
# 
loop_
_chem_comp_bond.comp_id 
_chem_comp_bond.atom_id_1 
_chem_comp_bond.atom_id_2 
_chem_comp_bond.value_order 
_chem_comp_bond.pdbx_aromatic_flag 
_chem_comp_bond.pdbx_stereo_config 
_chem_comp_bond.pdbx_ordinal 
1W5 "O3'" "C3'"  sing N N 1   
1W5 N4    C4     sing N N 2   
1W5 "C3'" "C2'"  sing N N 3   
1W5 "C3'" "C4'"  sing N N 4   
1W5 "C2'" "C1'"  sing N N 5   
1W5 N3    C4     doub Y N 6   
1W5 N3    C2     sing Y N 7   
1W5 O2    C2     sing N N 8   
1W5 C4    C5     sing Y N 9   
1W5 C2    C1     doub Y N 10  
1W5 ON1   N      doub N N 11  
1W5 C5    N      sing N N 12  
1W5 C5    C6     doub Y N 13  
1W5 C1    C6     sing Y N 14  
1W5 C1    "C1'"  sing N N 15  
1W5 N     ON2    sing N N 16  
1W5 OP2   P      doub N N 17  
1W5 "C1'" "O4'"  sing N N 18  
1W5 "O5'" P      sing N N 19  
1W5 "O5'" "C5'"  sing N N 20  
1W5 "C4'" "C5'"  sing N N 21  
1W5 "C4'" "O4'"  sing N N 22  
1W5 P     OP1    sing N N 23  
1W5 P     OP3    sing N N 24  
1W5 N4    H1     sing N N 25  
1W5 N4    H2     sing N N 26  
1W5 C6    H4     sing N N 27  
1W5 "C1'" H5     sing N N 28  
1W5 "C2'" H6     sing N N 29  
1W5 "C2'" H7     sing N N 30  
1W5 "C3'" H8     sing N N 31  
1W5 "O3'" H9     sing N N 32  
1W5 "C4'" H10    sing N N 33  
1W5 "C5'" H11    sing N N 34  
1W5 "C5'" H12    sing N N 35  
1W5 OP1   HOP1   sing N N 36  
1W5 OP3   HOP3   sing N N 37  
1W5 O2    H15    sing N N 38  
1WA P     OP3    sing N N 39  
1WA OP3   HOP3   sing N N 40  
1WA OP2   P      doub N N 41  
1WA "O5'" P      sing N N 42  
1WA P     OP1    sing N N 43  
1WA C2    N1     doub Y N 44  
1WA N1    C6     sing Y N 45  
1WA N2    C2     sing N N 46  
1WA C2    N3     sing Y N 47  
1WA N2    HN2    sing N N 48  
1WA N2    HN2A   sing N N 49  
1WA N3    C4     sing Y N 50  
1WA N3    HN3    sing N N 51  
1WA C4    N5     sing Y N 52  
1WA C4    N9     doub Y N 53  
1WA C6    N5     doub Y N 54  
1WA N5    C7     sing Y N 55  
1WA C6    O6     sing N N 56  
1WA C7    C8     doub Y N 57  
1WA C7    H7     sing N N 58  
1WA N9    C8     sing Y N 59  
1WA C8    H8     sing N N 60  
1WA N9    "C1'"  sing N N 61  
1WA "C2'" "C1'"  sing N N 62  
1WA "C1'" "O4'"  sing N N 63  
1WA "C1'" "H1'"  sing N N 64  
1WA "C2'" "C3'"  sing N N 65  
1WA "C2'" "H2'"  sing N N 66  
1WA "C2'" "H2'A" sing N N 67  
1WA "O3'" "C3'"  sing N N 68  
1WA "C3'" "C4'"  sing N N 69  
1WA "C3'" "H3'"  sing N N 70  
1WA "O3'" "HO3'" sing N N 71  
1WA "C4'" "O4'"  sing N N 72  
1WA "C4'" "C5'"  sing N N 73  
1WA "C4'" "H4'"  sing N N 74  
1WA "O5'" "C5'"  sing N N 75  
1WA "C5'" "H5'"  sing N N 76  
1WA "C5'" "H5'A" sing N N 77  
1WA OP1   HOP1   sing N N 78  
1WA O6    HO6    sing N N 79  
DA  OP3   P      sing N N 80  
DA  OP3   HOP3   sing N N 81  
DA  P     OP1    doub N N 82  
DA  P     OP2    sing N N 83  
DA  P     "O5'"  sing N N 84  
DA  OP2   HOP2   sing N N 85  
DA  "O5'" "C5'"  sing N N 86  
DA  "C5'" "C4'"  sing N N 87  
DA  "C5'" "H5'"  sing N N 88  
DA  "C5'" "H5''" sing N N 89  
DA  "C4'" "O4'"  sing N N 90  
DA  "C4'" "C3'"  sing N N 91  
DA  "C4'" "H4'"  sing N N 92  
DA  "O4'" "C1'"  sing N N 93  
DA  "C3'" "O3'"  sing N N 94  
DA  "C3'" "C2'"  sing N N 95  
DA  "C3'" "H3'"  sing N N 96  
DA  "O3'" "HO3'" sing N N 97  
DA  "C2'" "C1'"  sing N N 98  
DA  "C2'" "H2'"  sing N N 99  
DA  "C2'" "H2''" sing N N 100 
DA  "C1'" N9     sing N N 101 
DA  "C1'" "H1'"  sing N N 102 
DA  N9    C8     sing Y N 103 
DA  N9    C4     sing Y N 104 
DA  C8    N7     doub Y N 105 
DA  C8    H8     sing N N 106 
DA  N7    C5     sing Y N 107 
DA  C5    C6     sing Y N 108 
DA  C5    C4     doub Y N 109 
DA  C6    N6     sing N N 110 
DA  C6    N1     doub Y N 111 
DA  N6    H61    sing N N 112 
DA  N6    H62    sing N N 113 
DA  N1    C2     sing Y N 114 
DA  C2    N3     doub Y N 115 
DA  C2    H2     sing N N 116 
DA  N3    C4     sing Y N 117 
DC  OP3   P      sing N N 118 
DC  OP3   HOP3   sing N N 119 
DC  P     OP1    doub N N 120 
DC  P     OP2    sing N N 121 
DC  P     "O5'"  sing N N 122 
DC  OP2   HOP2   sing N N 123 
DC  "O5'" "C5'"  sing N N 124 
DC  "C5'" "C4'"  sing N N 125 
DC  "C5'" "H5'"  sing N N 126 
DC  "C5'" "H5''" sing N N 127 
DC  "C4'" "O4'"  sing N N 128 
DC  "C4'" "C3'"  sing N N 129 
DC  "C4'" "H4'"  sing N N 130 
DC  "O4'" "C1'"  sing N N 131 
DC  "C3'" "O3'"  sing N N 132 
DC  "C3'" "C2'"  sing N N 133 
DC  "C3'" "H3'"  sing N N 134 
DC  "O3'" "HO3'" sing N N 135 
DC  "C2'" "C1'"  sing N N 136 
DC  "C2'" "H2'"  sing N N 137 
DC  "C2'" "H2''" sing N N 138 
DC  "C1'" N1     sing N N 139 
DC  "C1'" "H1'"  sing N N 140 
DC  N1    C2     sing N N 141 
DC  N1    C6     sing N N 142 
DC  C2    O2     doub N N 143 
DC  C2    N3     sing N N 144 
DC  N3    C4     doub N N 145 
DC  C4    N4     sing N N 146 
DC  C4    C5     sing N N 147 
DC  N4    H41    sing N N 148 
DC  N4    H42    sing N N 149 
DC  C5    C6     doub N N 150 
DC  C5    H5     sing N N 151 
DC  C6    H6     sing N N 152 
DG  OP3   P      sing N N 153 
DG  OP3   HOP3   sing N N 154 
DG  P     OP1    doub N N 155 
DG  P     OP2    sing N N 156 
DG  P     "O5'"  sing N N 157 
DG  OP2   HOP2   sing N N 158 
DG  "O5'" "C5'"  sing N N 159 
DG  "C5'" "C4'"  sing N N 160 
DG  "C5'" "H5'"  sing N N 161 
DG  "C5'" "H5''" sing N N 162 
DG  "C4'" "O4'"  sing N N 163 
DG  "C4'" "C3'"  sing N N 164 
DG  "C4'" "H4'"  sing N N 165 
DG  "O4'" "C1'"  sing N N 166 
DG  "C3'" "O3'"  sing N N 167 
DG  "C3'" "C2'"  sing N N 168 
DG  "C3'" "H3'"  sing N N 169 
DG  "O3'" "HO3'" sing N N 170 
DG  "C2'" "C1'"  sing N N 171 
DG  "C2'" "H2'"  sing N N 172 
DG  "C2'" "H2''" sing N N 173 
DG  "C1'" N9     sing N N 174 
DG  "C1'" "H1'"  sing N N 175 
DG  N9    C8     sing Y N 176 
DG  N9    C4     sing Y N 177 
DG  C8    N7     doub Y N 178 
DG  C8    H8     sing N N 179 
DG  N7    C5     sing Y N 180 
DG  C5    C6     sing N N 181 
DG  C5    C4     doub Y N 182 
DG  C6    O6     doub N N 183 
DG  C6    N1     sing N N 184 
DG  N1    C2     sing N N 185 
DG  N1    H1     sing N N 186 
DG  C2    N2     sing N N 187 
DG  C2    N3     doub N N 188 
DG  N2    H21    sing N N 189 
DG  N2    H22    sing N N 190 
DG  N3    C4     sing N N 191 
DT  OP3   P      sing N N 192 
DT  OP3   HOP3   sing N N 193 
DT  P     OP1    doub N N 194 
DT  P     OP2    sing N N 195 
DT  P     "O5'"  sing N N 196 
DT  OP2   HOP2   sing N N 197 
DT  "O5'" "C5'"  sing N N 198 
DT  "C5'" "C4'"  sing N N 199 
DT  "C5'" "H5'"  sing N N 200 
DT  "C5'" "H5''" sing N N 201 
DT  "C4'" "O4'"  sing N N 202 
DT  "C4'" "C3'"  sing N N 203 
DT  "C4'" "H4'"  sing N N 204 
DT  "O4'" "C1'"  sing N N 205 
DT  "C3'" "O3'"  sing N N 206 
DT  "C3'" "C2'"  sing N N 207 
DT  "C3'" "H3'"  sing N N 208 
DT  "O3'" "HO3'" sing N N 209 
DT  "C2'" "C1'"  sing N N 210 
DT  "C2'" "H2'"  sing N N 211 
DT  "C2'" "H2''" sing N N 212 
DT  "C1'" N1     sing N N 213 
DT  "C1'" "H1'"  sing N N 214 
DT  N1    C2     sing N N 215 
DT  N1    C6     sing N N 216 
DT  C2    O2     doub N N 217 
DT  C2    N3     sing N N 218 
DT  N3    C4     sing N N 219 
DT  N3    H3     sing N N 220 
DT  C4    O4     doub N N 221 
DT  C4    C5     sing N N 222 
DT  C5    C7     sing N N 223 
DT  C5    C6     doub N N 224 
DT  C7    H71    sing N N 225 
DT  C7    H72    sing N N 226 
DT  C7    H73    sing N N 227 
DT  C6    H6     sing N N 228 
HOH O     H1     sing N N 229 
HOH O     H2     sing N N 230 
IGU P     OP1    doub N N 231 
IGU P     OP2    sing N N 232 
IGU P     OP3    sing N N 233 
IGU P     "O5'"  sing N N 234 
IGU OP2   HOP2   sing N N 235 
IGU OP3   HOP3   sing N N 236 
IGU "O5'" "C5'"  sing N N 237 
IGU "C5'" "C4'"  sing N N 238 
IGU "C5'" "H5'"  sing N N 239 
IGU "C5'" "H5''" sing N N 240 
IGU "C4'" "O4'"  sing N N 241 
IGU "C4'" "C3'"  sing N N 242 
IGU "C4'" "H4'"  sing N N 243 
IGU "O4'" "C1'"  sing N N 244 
IGU "C3'" "O3'"  sing N N 245 
IGU "C3'" "C2'"  sing N N 246 
IGU "C3'" "H3'"  sing N N 247 
IGU "O3'" "HO3'" sing N N 248 
IGU "C2'" "C1'"  sing N N 249 
IGU "C2'" "H2'"  sing N N 250 
IGU "C2'" "H2''" sing N N 251 
IGU "C1'" N9     sing N N 252 
IGU "C1'" "H1'"  sing N N 253 
IGU N9    C8     sing N N 254 
IGU N9    C4     sing N N 255 
IGU C8    N7     doub N N 256 
IGU C8    H8     sing N N 257 
IGU N7    C5     sing N N 258 
IGU C6    N6     sing N N 259 
IGU C6    C5     doub N N 260 
IGU C6    N1     sing N N 261 
IGU N6    HN61   sing N N 262 
IGU N6    HN62   sing N N 263 
IGU C5    C4     sing N N 264 
IGU N1    C2     sing N N 265 
IGU C2    O2     doub N N 266 
IGU C2    N3     sing N N 267 
IGU N3    C4     doub N N 268 
IGU N1    HN1    sing N N 269 
JSP "O3'" "C3'"  sing N N 270 
JSP "O5'" P      sing N N 271 
JSP "O5'" "C5'"  sing N N 272 
JSP "C3'" "C4'"  sing N N 273 
JSP "C3'" "C2'"  sing N N 274 
JSP OP2   P      sing N N 275 
JSP OP1   P      doub N N 276 
JSP "C4'" "C5'"  sing N N 277 
JSP "C4'" "O4'"  sing N N 278 
JSP "C2'" "C1'"  sing N N 279 
JSP "O4'" "C1'"  sing N N 280 
JSP "C1'" C1     sing N N 281 
JSP C1    C6     doub N N 282 
JSP C1    C2     sing N N 283 
JSP C6    N5     sing N N 284 
JSP N2    C2     sing N N 285 
JSP C2    N3     doub N N 286 
JSP N5    C7     sing N N 287 
JSP N5    C4     sing N N 288 
JSP N3    C4     sing N N 289 
JSP C4    O4     doub N N 290 
JSP "C1'" H1     sing N N 291 
JSP "C2'" H2     sing N N 292 
JSP "C2'" H3     sing N N 293 
JSP "C3'" H4     sing N N 294 
JSP "C4'" H5     sing N N 295 
JSP "C5'" H6     sing N N 296 
JSP "C5'" H7     sing N N 297 
JSP C6    H8     sing N N 298 
JSP C7    H9     sing N N 299 
JSP C7    H10    sing N N 300 
JSP C7    H11    sing N N 301 
JSP N2    H12    sing N N 302 
JSP N2    H13    sing N N 303 
JSP "O3'" H14    sing N N 304 
JSP OP2   H16    sing N N 305 
JSP P     OP3    sing N N 306 
JSP OP3   H15    sing N N 307 
# 
loop_
_ndb_struct_na_base_pair.model_number 
_ndb_struct_na_base_pair.i_label_asym_id 
_ndb_struct_na_base_pair.i_label_comp_id 
_ndb_struct_na_base_pair.i_label_seq_id 
_ndb_struct_na_base_pair.i_symmetry 
_ndb_struct_na_base_pair.j_label_asym_id 
_ndb_struct_na_base_pair.j_label_comp_id 
_ndb_struct_na_base_pair.j_label_seq_id 
_ndb_struct_na_base_pair.j_symmetry 
_ndb_struct_na_base_pair.shear 
_ndb_struct_na_base_pair.stretch 
_ndb_struct_na_base_pair.stagger 
_ndb_struct_na_base_pair.buckle 
_ndb_struct_na_base_pair.propeller 
_ndb_struct_na_base_pair.opening 
_ndb_struct_na_base_pair.pair_number 
_ndb_struct_na_base_pair.pair_name 
_ndb_struct_na_base_pair.i_auth_asym_id 
_ndb_struct_na_base_pair.i_auth_seq_id 
_ndb_struct_na_base_pair.i_PDB_ins_code 
_ndb_struct_na_base_pair.j_auth_asym_id 
_ndb_struct_na_base_pair.j_auth_seq_id 
_ndb_struct_na_base_pair.j_PDB_ins_code 
_ndb_struct_na_base_pair.hbond_type_28 
_ndb_struct_na_base_pair.hbond_type_12 
1 A DC 1  1_555 B DG 16 1_555 0.099  -0.111 0.108  -11.389 1.001  2.086  1 A_DC1:DG16_B A 1  ? B 16 ? 19 1 
1 A DT 2  1_555 B DA 15 1_555 0.030  -0.088 -0.022 11.293  -1.787 2.325  2 A_DT2:DA15_B A 2  ? B 15 ? 20 1 
1 A DA 15 1_555 B DT 2  1_555 0.214  -0.169 0.200  -2.744  -7.622 -3.827 3 A_DA15:DT2_B A 15 ? B 2  ? 20 1 
1 A DG 16 1_555 B DC 1  1_555 -0.123 -0.114 0.411  7.092   -9.599 0.327  4 A_DG16:DC1_B A 16 ? B 1  ? 19 1 
# 
loop_
_ndb_struct_na_base_pair_step.model_number 
_ndb_struct_na_base_pair_step.i_label_asym_id_1 
_ndb_struct_na_base_pair_step.i_label_comp_id_1 
_ndb_struct_na_base_pair_step.i_label_seq_id_1 
_ndb_struct_na_base_pair_step.i_symmetry_1 
_ndb_struct_na_base_pair_step.j_label_asym_id_1 
_ndb_struct_na_base_pair_step.j_label_comp_id_1 
_ndb_struct_na_base_pair_step.j_label_seq_id_1 
_ndb_struct_na_base_pair_step.j_symmetry_1 
_ndb_struct_na_base_pair_step.i_label_asym_id_2 
_ndb_struct_na_base_pair_step.i_label_comp_id_2 
_ndb_struct_na_base_pair_step.i_label_seq_id_2 
_ndb_struct_na_base_pair_step.i_symmetry_2 
_ndb_struct_na_base_pair_step.j_label_asym_id_2 
_ndb_struct_na_base_pair_step.j_label_comp_id_2 
_ndb_struct_na_base_pair_step.j_label_seq_id_2 
_ndb_struct_na_base_pair_step.j_symmetry_2 
_ndb_struct_na_base_pair_step.shift 
_ndb_struct_na_base_pair_step.slide 
_ndb_struct_na_base_pair_step.rise 
_ndb_struct_na_base_pair_step.tilt 
_ndb_struct_na_base_pair_step.roll 
_ndb_struct_na_base_pair_step.twist 
_ndb_struct_na_base_pair_step.x_displacement 
_ndb_struct_na_base_pair_step.y_displacement 
_ndb_struct_na_base_pair_step.helical_rise 
_ndb_struct_na_base_pair_step.inclination 
_ndb_struct_na_base_pair_step.tip 
_ndb_struct_na_base_pair_step.helical_twist 
_ndb_struct_na_base_pair_step.step_number 
_ndb_struct_na_base_pair_step.step_name 
_ndb_struct_na_base_pair_step.i_auth_asym_id_1 
_ndb_struct_na_base_pair_step.i_auth_seq_id_1 
_ndb_struct_na_base_pair_step.i_PDB_ins_code_1 
_ndb_struct_na_base_pair_step.j_auth_asym_id_1 
_ndb_struct_na_base_pair_step.j_auth_seq_id_1 
_ndb_struct_na_base_pair_step.j_PDB_ins_code_1 
_ndb_struct_na_base_pair_step.i_auth_asym_id_2 
_ndb_struct_na_base_pair_step.i_auth_seq_id_2 
_ndb_struct_na_base_pair_step.i_PDB_ins_code_2 
_ndb_struct_na_base_pair_step.j_auth_asym_id_2 
_ndb_struct_na_base_pair_step.j_auth_seq_id_2 
_ndb_struct_na_base_pair_step.j_PDB_ins_code_2 
1 A DC 1  1_555 B DG 16 1_555 A DT 2  1_555 B DA 15 1_555 -0.236 -1.622 2.872 -1.066 0.236  26.024 -3.656 0.269  2.865 0.524  
2.366  26.046 1 AA_DC1DT2:DA15DG16_BB A 1  ? B 16 ? A 2  ? B 15 ? 
1 A DA 15 1_555 B DT 2  1_555 A DG 16 1_555 B DC 1  1_555 0.473  -1.374 3.079 0.454  -2.067 32.818 -2.089 -0.762 3.163 -3.653 
-0.803 32.884 2 AA_DA15DG16:DC1DT2_BB A 15 ? B 2  ? A 16 ? B 1  ? 
# 
_pdbx_audit_support.funding_organization   'National Science Foundation (NSF, United States)' 
_pdbx_audit_support.country                'United States' 
_pdbx_audit_support.grant_number           193908 
_pdbx_audit_support.ordinal                1 
# 
loop_
_pdbx_entity_instance_feature.ordinal 
_pdbx_entity_instance_feature.comp_id 
_pdbx_entity_instance_feature.asym_id 
_pdbx_entity_instance_feature.seq_num 
_pdbx_entity_instance_feature.auth_comp_id 
_pdbx_entity_instance_feature.auth_asym_id 
_pdbx_entity_instance_feature.auth_seq_num 
_pdbx_entity_instance_feature.feature_type 
_pdbx_entity_instance_feature.details 
1 1W5 ? ? 1W5 ? ? 'SUBJECT OF INVESTIGATION' ? 
2 1WA ? ? 1WA ? ? 'SUBJECT OF INVESTIGATION' ? 
3 IGU ? ? IGU ? ? 'SUBJECT OF INVESTIGATION' ? 
4 JSP ? ? JSP ? ? 'SUBJECT OF INVESTIGATION' ? 
# 
_atom_sites.entry_id                    8CRY 
_atom_sites.Cartn_transf_matrix[1][1]   ? 
_atom_sites.Cartn_transf_matrix[1][2]   ? 
_atom_sites.Cartn_transf_matrix[1][3]   ? 
_atom_sites.Cartn_transf_matrix[2][1]   ? 
_atom_sites.Cartn_transf_matrix[2][2]   ? 
_atom_sites.Cartn_transf_matrix[2][3]   ? 
_atom_sites.Cartn_transf_matrix[3][1]   ? 
_atom_sites.Cartn_transf_matrix[3][2]   ? 
_atom_sites.Cartn_transf_matrix[3][3]   ? 
_atom_sites.Cartn_transf_vector[1]      ? 
_atom_sites.Cartn_transf_vector[2]      ? 
_atom_sites.Cartn_transf_vector[3]      ? 
_atom_sites.fract_transf_matrix[1][1]   -0.00510411 
_atom_sites.fract_transf_matrix[1][2]   -0.01497995 
_atom_sites.fract_transf_matrix[1][3]   -0.01851783 
_atom_sites.fract_transf_matrix[2][1]   0.02134968 
_atom_sites.fract_transf_matrix[2][2]   -0.00274989 
_atom_sites.fract_transf_matrix[2][3]   -0.00366014 
_atom_sites.fract_transf_matrix[3][1]   0.00014530 
_atom_sites.fract_transf_matrix[3][2]   -0.01539895 
_atom_sites.fract_transf_matrix[3][3]   0.01241688 
_atom_sites.fract_transf_vector[1]      -0.024640 
_atom_sites.fract_transf_vector[2]      0.199832 
_atom_sites.fract_transf_vector[3]      -0.258970 
_atom_sites.solution_primary            ? 
_atom_sites.solution_secondary          ? 
_atom_sites.solution_hydrogens          ? 
_atom_sites.special_details             ? 
# 
loop_
_atom_type.symbol 
C  
MG 
N  
O  
P  
# 
loop_
_atom_site.group_PDB 
_atom_site.id 
_atom_site.type_symbol 
_atom_site.label_atom_id 
_atom_site.label_alt_id 
_atom_site.label_comp_id 
_atom_site.label_asym_id 
_atom_site.label_entity_id 
_atom_site.label_seq_id 
_atom_site.pdbx_PDB_ins_code 
_atom_site.Cartn_x 
_atom_site.Cartn_y 
_atom_site.Cartn_z 
_atom_site.occupancy 
_atom_site.B_iso_or_equiv 
_atom_site.pdbx_formal_charge 
_atom_site.auth_seq_id 
_atom_site.auth_comp_id 
_atom_site.auth_asym_id 
_atom_site.auth_atom_id 
_atom_site.pdbx_PDB_model_num 
ATOM   1   O  "O5'" . DC  A 1 1  ? 0.371   0.161   20.454  1.00 19.77 ? 1   DC  A "O5'" 1 
ATOM   2   C  "C5'" . DC  A 1 1  ? 1.106   1.344   20.711  1.00 18.75 ? 1   DC  A "C5'" 1 
ATOM   3   C  "C4'" . DC  A 1 1  ? 2.559   1.195   20.294  1.00 18.30 ? 1   DC  A "C4'" 1 
ATOM   4   O  "O4'" . DC  A 1 1  ? 3.175   0.089   21.007  1.00 16.51 ? 1   DC  A "O4'" 1 
ATOM   5   C  "C3'" . DC  A 1 1  ? 2.787   0.880   18.831  1.00 17.00 ? 1   DC  A "C3'" 1 
ATOM   6   O  "O3'" . DC  A 1 1  ? 2.762   2.055   18.060  1.00 17.47 ? 1   DC  A "O3'" 1 
ATOM   7   C  "C2'" . DC  A 1 1  ? 4.156   0.227   18.868  1.00 17.26 ? 1   DC  A "C2'" 1 
ATOM   8   C  "C1'" . DC  A 1 1  ? 4.068   -0.598  20.144  1.00 16.82 ? 1   DC  A "C1'" 1 
ATOM   9   N  N1    . DC  A 1 1  ? 3.565   -1.961  19.906  1.00 16.01 ? 1   DC  A N1    1 
ATOM   10  C  C2    . DC  A 1 1  ? 4.408   -2.888  19.307  1.00 17.64 ? 1   DC  A C2    1 
ATOM   11  O  O2    . DC  A 1 1  ? 5.544   -2.526  18.992  1.00 16.53 ? 1   DC  A O2    1 
ATOM   12  N  N3    . DC  A 1 1  ? 3.958   -4.152  19.091  1.00 15.95 ? 1   DC  A N3    1 
ATOM   13  C  C4    . DC  A 1 1  ? 2.712   -4.483  19.441  1.00 16.28 ? 1   DC  A C4    1 
ATOM   14  N  N4    . DC  A 1 1  ? 2.305   -5.740  19.217  1.00 17.35 ? 1   DC  A N4    1 
ATOM   15  C  C5    . DC  A 1 1  ? 1.838   -3.549  20.063  1.00 16.69 ? 1   DC  A C5    1 
ATOM   16  C  C6    . DC  A 1 1  ? 2.296   -2.307  20.268  1.00 16.07 ? 1   DC  A C6    1 
ATOM   17  P  P     . DT  A 1 2  ? 2.366   2.011   16.502  1.00 19.22 ? 2   DT  A P     1 
ATOM   18  O  OP1   . DT  A 1 2  ? 2.252   3.413   16.050  1.00 21.21 ? 2   DT  A OP1   1 
ATOM   19  O  OP2   . DT  A 1 2  ? 1.241   1.084   16.306  1.00 20.13 ? 2   DT  A OP2   1 
ATOM   20  O  "O5'" . DT  A 1 2  ? 3.606   1.316   15.778  1.00 18.44 ? 2   DT  A "O5'" 1 
ATOM   21  C  "C5'" . DT  A 1 2  ? 4.807   2.023   15.598  1.00 17.50 ? 2   DT  A "C5'" 1 
ATOM   22  C  "C4'" . DT  A 1 2  ? 5.916   1.081   15.153  1.00 17.91 ? 2   DT  A "C4'" 1 
ATOM   23  O  "O4'" . DT  A 1 2  ? 6.019   -0.037  16.072  1.00 17.26 ? 2   DT  A "O4'" 1 
ATOM   24  C  "C3'" . DT  A 1 2  ? 5.726   0.422   13.801  1.00 19.12 ? 2   DT  A "C3'" 1 
ATOM   25  O  "O3'" . DT  A 1 2  ? 6.089   1.320   12.749  1.00 18.74 ? 2   DT  A "O3'" 1 
ATOM   26  C  "C2'" . DT  A 1 2  ? 6.657   -0.768  13.911  1.00 20.61 ? 2   DT  A "C2'" 1 
ATOM   27  C  "C1'" . DT  A 1 2  ? 6.424   -1.198  15.346  1.00 17.52 ? 2   DT  A "C1'" 1 
ATOM   28  N  N1    . DT  A 1 2  ? 5.390   -2.245  15.465  1.00 16.96 ? 2   DT  A N1    1 
ATOM   29  C  C2    . DT  A 1 2  ? 5.753   -3.535  15.189  1.00 17.90 ? 2   DT  A C2    1 
ATOM   30  O  O2    . DT  A 1 2  ? 6.885   -3.839  14.845  1.00 18.34 ? 2   DT  A O2    1 
ATOM   31  N  N3    . DT  A 1 2  ? 4.759   -4.458  15.337  1.00 17.98 ? 2   DT  A N3    1 
ATOM   32  C  C4    . DT  A 1 2  ? 3.454   -4.222  15.708  1.00 17.10 ? 2   DT  A C4    1 
ATOM   33  O  O4    . DT  A 1 2  ? 2.631   -5.130  15.811  1.00 19.35 ? 2   DT  A O4    1 
ATOM   34  C  C5    . DT  A 1 2  ? 3.125   -2.838  15.984  1.00 18.06 ? 2   DT  A C5    1 
ATOM   35  C  C7    . DT  A 1 2  ? 1.731   -2.463  16.400  1.00 19.24 ? 2   DT  A C7    1 
ATOM   36  C  C6    . DT  A 1 2  ? 4.102   -1.920  15.852  1.00 16.81 ? 2   DT  A C6    1 
HETATM 37  C  C1    . JSP A 1 3  ? 6.796   -4.218  11.144  1.00 16.85 ? 3   JSP A C1    1 
HETATM 38  C  "C1'" . JSP A 1 3  ? 8.207   -3.623  10.809  1.00 19.08 ? 3   JSP A "C1'" 1 
HETATM 39  C  C2    . JSP A 1 3  ? 6.498   -5.532  11.095  1.00 16.60 ? 3   JSP A C2    1 
HETATM 40  C  "C2'" . JSP A 1 3  ? 8.490   -3.504  9.320   1.00 18.57 ? 3   JSP A "C2'" 1 
HETATM 41  C  "C3'" . JSP A 1 3  ? 8.097   -2.057  9.070   1.00 17.82 ? 3   JSP A "C3'" 1 
HETATM 42  C  C4    . JSP A 1 3  ? 4.356   -5.185  11.740  1.00 16.42 ? 3   JSP A C4    1 
HETATM 43  C  "C4'" . JSP A 1 3  ? 8.615   -1.367  10.321  1.00 18.36 ? 3   JSP A "C4'" 1 
HETATM 44  C  "C5'" . JSP A 1 3  ? 8.000   -0.022  10.646  1.00 19.98 ? 3   JSP A "C5'" 1 
HETATM 45  C  C6    . JSP A 1 3  ? 5.820   -3.359  11.486  1.00 17.40 ? 3   JSP A C6    1 
HETATM 46  C  C7    . JSP A 1 3  ? 3.503   -2.915  12.172  1.00 19.57 ? 3   JSP A C7    1 
HETATM 47  N  N2    . JSP A 1 3  ? 7.453   -6.329  10.773  1.00 17.41 ? 3   JSP A N2    1 
HETATM 48  N  N3    . JSP A 1 3  ? 5.327   -5.958  11.401  1.00 15.87 ? 3   JSP A N3    1 
HETATM 49  N  N5    . JSP A 1 3  ? 4.583   -3.823  11.787  1.00 16.24 ? 3   JSP A N5    1 
HETATM 50  O  "O3'" . JSP A 1 3  ? 8.774   -1.537  7.918   1.00 18.42 ? 3   JSP A "O3'" 1 
HETATM 51  O  O4    . JSP A 1 3  ? 3.254   -5.644  12.037  1.00 17.93 ? 3   JSP A O4    1 
HETATM 52  O  "O4'" . JSP A 1 3  ? 8.304   -2.312  11.363  1.00 19.81 ? 3   JSP A "O4'" 1 
HETATM 53  O  "O5'" . JSP A 1 3  ? 6.593   -0.183  10.797  1.00 20.37 ? 3   JSP A "O5'" 1 
HETATM 54  O  OP1   . JSP A 1 3  ? 5.981   2.227   10.441  1.00 23.01 ? 3   JSP A OP1   1 
HETATM 55  O  OP2   . JSP A 1 3  ? 4.266   0.536   11.280  1.00 21.12 ? 3   JSP A OP2   1 
HETATM 56  P  P     . JSP A 1 3  ? 5.654   1.034   11.248  1.00 19.34 ? 3   JSP A P     1 
HETATM 57  N  N     . 1W5 A 1 4  ? 4.077   -3.955  8.538   1.00 15.97 ? 4   1W5 A N     1 
HETATM 58  P  P     . 1W5 A 1 4  ? 8.072   -1.548  6.488   1.00 18.44 ? 4   1W5 A P     1 
HETATM 59  C  C1    . 1W5 A 1 4  ? 6.149   -6.660  7.097   1.00 15.27 ? 4   1W5 A C1    1 
HETATM 60  C  C2    . 1W5 A 1 4  ? 5.268   -7.795  7.148   1.00 15.62 ? 4   1W5 A C2    1 
HETATM 61  O  O2    . 1W5 A 1 4  ? 5.504   -8.899  6.764   1.00 15.29 ? 4   1W5 A O2    1 
HETATM 62  N  N3    . 1W5 A 1 4  ? 4.003   -7.504  7.700   1.00 14.80 ? 4   1W5 A N3    1 
HETATM 63  C  C4    . 1W5 A 1 4  ? 3.564   -6.315  8.164   1.00 15.51 ? 4   1W5 A C4    1 
HETATM 64  N  N4    . 1W5 A 1 4  ? 2.317   -6.285  8.658   1.00 15.83 ? 4   1W5 A N4    1 
HETATM 65  C  C5    . 1W5 A 1 4  ? 4.445   -5.250  8.096   1.00 16.10 ? 4   1W5 A C5    1 
HETATM 66  C  C6    . 1W5 A 1 4  ? 5.748   -5.469  7.547   1.00 17.04 ? 4   1W5 A C6    1 
HETATM 67  C  "C1'" . 1W5 A 1 4  ? 7.461   -6.919  6.579   1.00 17.71 ? 4   1W5 A "C1'" 1 
HETATM 68  C  "C2'" . 1W5 A 1 4  ? 7.458   -6.930  5.071   1.00 17.62 ? 4   1W5 A "C2'" 1 
HETATM 69  C  "C3'" . 1W5 A 1 4  ? 7.891   -5.531  4.611   1.00 16.70 ? 4   1W5 A "C3'" 1 
HETATM 70  O  "O3'" . 1W5 A 1 4  ? 8.488   -5.611  3.288   1.00 17.51 ? 4   1W5 A "O3'" 1 
HETATM 71  C  "C4'" . 1W5 A 1 4  ? 8.951   -5.262  5.661   1.00 17.75 ? 4   1W5 A "C4'" 1 
HETATM 72  O  "O4'" . 1W5 A 1 4  ? 8.373   -5.823  6.872   1.00 17.72 ? 4   1W5 A "O4'" 1 
HETATM 73  C  "C5'" . 1W5 A 1 4  ? 9.267   -3.766  5.783   1.00 16.92 ? 4   1W5 A "C5'" 1 
HETATM 74  O  "O5'" . 1W5 A 1 4  ? 8.054   -3.114  6.110   1.00 17.44 ? 4   1W5 A "O5'" 1 
HETATM 75  O  ON1   . 1W5 A 1 4  ? 4.840   -3.033  8.418   1.00 18.16 ? 4   1W5 A ON1   1 
HETATM 76  O  ON2   . 1W5 A 1 4  ? 2.969   -3.818  8.979   1.00 19.63 ? 4   1W5 A ON2   1 
HETATM 77  O  OP1   . 1W5 A 1 4  ? 9.009   -0.925  5.530   1.00 19.92 ? 4   1W5 A OP1   1 
HETATM 78  O  OP2   . 1W5 A 1 4  ? 6.666   -1.014  6.605   1.00 20.97 ? 4   1W5 A OP2   1 
HETATM 79  N  N     . 1W5 A 1 5  ? 3.483   -5.499  4.827   1.00 15.99 ? 5   1W5 A N     1 
HETATM 80  P  P     . 1W5 A 1 5  ? 7.610   -5.381  1.977   1.00 16.11 ? 5   1W5 A P     1 
HETATM 81  C  C1    . 1W5 A 1 5  ? 3.608   -8.873  3.334   1.00 14.26 ? 5   1W5 A C1    1 
HETATM 82  C  C2    . 1W5 A 1 5  ? 2.313   -9.394  3.700   1.00 13.92 ? 5   1W5 A C2    1 
HETATM 83  O  O2    . 1W5 A 1 5  ? 1.885   -10.461 3.424   1.00 14.94 ? 5   1W5 A O2    1 
HETATM 84  N  N3    . 1W5 A 1 5  ? 1.507   -8.523  4.454   1.00 13.71 ? 5   1W5 A N3    1 
HETATM 85  C  C4    . 1W5 A 1 5  ? 1.828   -7.275  4.849   1.00 13.08 ? 5   1W5 A C4    1 
HETATM 86  N  N4    . 1W5 A 1 5  ? 0.904   -6.610  5.559   1.00 15.48 ? 5   1W5 A N4    1 
HETATM 87  C  C5    . 1W5 A 1 5  ? 3.073   -6.804  4.468   1.00 15.11 ? 5   1W5 A C5    1 
HETATM 88  C  C6    . 1W5 A 1 5  ? 3.955   -7.641  3.718   1.00 14.96 ? 5   1W5 A C6    1 
HETATM 89  C  "C1'" . 1W5 A 1 5  ? 4.466   -9.782  2.623   1.00 14.46 ? 5   1W5 A "C1'" 1 
HETATM 90  C  "C2'" . 1W5 A 1 5  ? 4.234   -9.748  1.143   1.00 16.64 ? 5   1W5 A "C2'" 1 
HETATM 91  C  "C3'" . 1W5 A 1 5  ? 5.195   -8.667  0.647   1.00 16.25 ? 5   1W5 A "C3'" 1 
HETATM 92  O  "O3'" . 1W5 A 1 5  ? 5.405   -8.817  -0.777  1.00 16.40 ? 5   1W5 A "O3'" 1 
HETATM 93  C  "C4'" . 1W5 A 1 5  ? 6.420   -9.076  1.434   1.00 16.71 ? 5   1W5 A "C4'" 1 
HETATM 94  O  "O4'" . 1W5 A 1 5  ? 5.858   -9.358  2.736   1.00 15.11 ? 5   1W5 A "O4'" 1 
HETATM 95  C  "C5'" . 1W5 A 1 5  ? 7.460   -7.955  1.510   1.00 16.15 ? 5   1W5 A "C5'" 1 
HETATM 96  O  "O5'" . 1W5 A 1 5  ? 6.780   -6.752  1.852   1.00 17.25 ? 5   1W5 A "O5'" 1 
HETATM 97  O  ON1   . 1W5 A 1 5  ? 2.720   -4.794  5.462   1.00 19.01 ? 5   1W5 A ON1   1 
HETATM 98  O  ON2   . 1W5 A 1 5  ? 4.565   -5.117  4.460   1.00 18.78 ? 5   1W5 A ON2   1 
HETATM 99  O  OP1   . 1W5 A 1 5  ? 8.512   -5.314  0.803   1.00 17.71 ? 5   1W5 A OP1   1 
HETATM 100 O  OP2   . 1W5 A 1 5  ? 6.659   -4.246  2.232   1.00 17.21 ? 5   1W5 A OP2   1 
HETATM 101 P  P     . 1WA A 1 6  ? 4.583   -7.911  -1.795  1.00 16.73 ? 6   1WA A P     1 
HETATM 102 N  N1    . 1WA A 1 6  ? -3.069  -7.931  2.765   1.00 14.39 ? 6   1WA A N1    1 
HETATM 103 C  C2    . 1WA A 1 6  ? -3.243  -8.978  2.000   1.00 15.07 ? 6   1WA A C2    1 
HETATM 104 N  N2    . 1WA A 1 6  ? -4.420  -9.612  2.029   1.00 17.17 ? 6   1WA A N2    1 
HETATM 105 N  N3    . 1WA A 1 6  ? -2.352  -9.545  1.159   1.00 15.70 ? 6   1WA A N3    1 
HETATM 106 C  C4    . 1WA A 1 6  ? -1.222  -8.905  1.143   1.00 13.66 ? 6   1WA A C4    1 
HETATM 107 N  N5    . 1WA A 1 6  ? -0.923  -7.826  1.883   1.00 13.54 ? 6   1WA A N5    1 
HETATM 108 C  C6    . 1WA A 1 6  ? -1.901  -7.276  2.772   1.00 15.32 ? 6   1WA A C6    1 
HETATM 109 O  O6    . 1WA A 1 6  ? -1.620  -6.318  3.421   1.00 15.89 ? 6   1WA A O6    1 
HETATM 110 C  C7    . 1WA A 1 6  ? 0.380   -7.407  1.598   1.00 15.21 ? 6   1WA A C7    1 
HETATM 111 C  C8    . 1WA A 1 6  ? 0.856   -8.262  0.693   1.00 14.58 ? 6   1WA A C8    1 
HETATM 112 N  N9    . 1WA A 1 6  ? -0.129  -9.209  0.420   1.00 15.20 ? 6   1WA A N9    1 
HETATM 113 C  "C1'" . 1WA A 1 6  ? -0.066  -10.330 -0.536  1.00 16.33 ? 6   1WA A "C1'" 1 
HETATM 114 C  "C2'" . 1WA A 1 6  ? -0.708  -10.012 -1.883  1.00 16.83 ? 6   1WA A "C2'" 1 
HETATM 115 C  "C3'" . 1WA A 1 6  ? 0.498   -9.404  -2.591  1.00 15.79 ? 6   1WA A "C3'" 1 
HETATM 116 O  "O3'" . 1WA A 1 6  ? 0.223   -9.359  -4.001  1.00 18.63 ? 6   1WA A "O3'" 1 
HETATM 117 C  "C4'" . 1WA A 1 6  ? 1.598   -10.369 -2.198  1.00 17.39 ? 6   1WA A "C4'" 1 
HETATM 118 O  "O4'" . 1WA A 1 6  ? 1.317   -10.557 -0.803  1.00 16.89 ? 6   1WA A "O4'" 1 
HETATM 119 C  "C5'" . 1WA A 1 6  ? 3.018   -9.908  -2.333  1.00 17.66 ? 6   1WA A "C5'" 1 
HETATM 120 O  "O5'" . 1WA A 1 6  ? 3.157   -8.594  -1.787  1.00 16.28 ? 6   1WA A "O5'" 1 
HETATM 121 O  OP1   . 1WA A 1 6  ? 5.235   -7.996  -3.115  1.00 18.55 ? 6   1WA A OP1   1 
HETATM 122 O  OP2   . 1WA A 1 6  ? 4.337   -6.545  -1.191  1.00 17.72 ? 6   1WA A OP2   1 
HETATM 123 P  P     . IGU A 1 7  ? -0.232  -7.993  -4.672  1.00 18.65 ? 7   IGU A P     1 
HETATM 124 O  OP1   . IGU A 1 7  ? -0.319  -8.148  -6.119  1.00 22.23 ? 7   IGU A OP1   1 
HETATM 125 O  OP2   . IGU A 1 7  ? 0.456   -6.827  -4.101  1.00 20.41 ? 7   IGU A OP2   1 
HETATM 126 O  "O5'" . IGU A 1 7  ? -1.721  -7.861  -4.184  1.00 18.55 ? 7   IGU A "O5'" 1 
HETATM 127 C  "C5'" . IGU A 1 7  ? -2.686  -8.816  -4.590  1.00 18.91 ? 7   IGU A "C5'" 1 
HETATM 128 C  "C4'" . IGU A 1 7  ? -3.998  -8.541  -3.927  1.00 18.84 ? 7   IGU A "C4'" 1 
HETATM 129 O  "O4'" . IGU A 1 7  ? -3.824  -8.724  -2.510  1.00 18.75 ? 7   IGU A "O4'" 1 
HETATM 130 C  "C3'" . IGU A 1 7  ? -4.610  -7.150  -3.980  1.00 18.02 ? 7   IGU A "C3'" 1 
HETATM 131 O  "O3'" . IGU A 1 7  ? -5.114  -6.868  -5.294  1.00 19.62 ? 7   IGU A "O3'" 1 
HETATM 132 C  "C2'" . IGU A 1 7  ? -5.671  -7.347  -2.887  1.00 19.76 ? 7   IGU A "C2'" 1 
HETATM 133 C  "C1'" . IGU A 1 7  ? -4.733  -7.886  -1.811  1.00 18.67 ? 7   IGU A "C1'" 1 
HETATM 134 N  N9    . IGU A 1 7  ? -4.112  -6.987  -0.918  1.00 16.40 ? 7   IGU A N9    1 
HETATM 135 C  C8    . IGU A 1 7  ? -2.885  -6.653  -0.901  1.00 16.41 ? 7   IGU A C8    1 
HETATM 136 N  N7    . IGU A 1 7  ? -2.624  -5.779  -0.037  1.00 15.76 ? 7   IGU A N7    1 
HETATM 137 C  C6    . IGU A 1 7  ? -4.087  -4.681  1.504   1.00 15.99 ? 7   IGU A C6    1 
HETATM 138 N  N6    . IGU A 1 7  ? -3.288  -3.921  2.106   1.00 15.09 ? 7   IGU A N6    1 
HETATM 139 C  C5    . IGU A 1 7  ? -3.751  -5.534  0.507   1.00 14.24 ? 7   IGU A C5    1 
HETATM 140 N  N1    . IGU A 1 7  ? -5.388  -4.637  1.858   1.00 16.48 ? 7   IGU A N1    1 
HETATM 141 C  C2    . IGU A 1 7  ? -6.314  -5.440  1.236   1.00 16.41 ? 7   IGU A C2    1 
HETATM 142 O  O2    . IGU A 1 7  ? -7.466  -5.373  1.594   1.00 18.62 ? 7   IGU A O2    1 
HETATM 143 N  N3    . IGU A 1 7  ? -5.928  -6.243  0.318   1.00 17.09 ? 7   IGU A N3    1 
HETATM 144 C  C4    . IGU A 1 7  ? -4.711  -6.293  -0.047  1.00 15.66 ? 7   IGU A C4    1 
HETATM 145 C  C1    . JSP A 1 8  ? -7.505  -3.158  -1.298  1.00 18.72 ? 8   JSP A C1    1 
HETATM 146 C  "C1'" . JSP A 1 8  ? -8.763  -3.869  -1.904  1.00 20.91 ? 8   JSP A "C1'" 1 
HETATM 147 C  C2    . JSP A 1 8  ? -7.549  -2.301  -0.251  1.00 17.79 ? 8   JSP A C2    1 
HETATM 148 C  "C2'" . JSP A 1 8  ? -9.565  -2.946  -2.808  1.00 20.85 ? 8   JSP A "C2'" 1 
HETATM 149 C  "C3'" . JSP A 1 8  ? -8.887  -3.211  -4.146  1.00 19.15 ? 8   JSP A "C3'" 1 
HETATM 150 C  C4    . JSP A 1 8  ? -5.331  -1.933  -0.314  1.00 17.01 ? 8   JSP A C4    1 
HETATM 151 C  "C4'" . JSP A 1 8  ? -8.794  -4.727  -4.081  1.00 19.55 ? 8   JSP A "C4'" 1 
HETATM 152 C  "C5'" . JSP A 1 8  ? -7.828  -5.390  -5.050  1.00 18.93 ? 8   JSP A "C5'" 1 
HETATM 153 C  C6    . JSP A 1 8  ? -6.318  -3.389  -1.870  1.00 17.12 ? 8   JSP A C6    1 
HETATM 154 C  C7    . JSP A 1 8  ? -3.880  -3.000  -1.964  1.00 18.88 ? 8   JSP A C7    1 
HETATM 155 N  N2    . JSP A 1 8  ? -8.694  -2.091  0.265   1.00 20.92 ? 8   JSP A N2    1 
HETATM 156 N  N3    . JSP A 1 8  ? -6.484  -1.748  0.191   1.00 16.99 ? 8   JSP A N3    1 
HETATM 157 N  N5    . JSP A 1 8  ? -5.200  -2.793  -1.384  1.00 16.77 ? 8   JSP A N5    1 
HETATM 158 O  "O3'" . JSP A 1 8  ? -9.683  -2.785  -5.267  1.00 21.62 ? 8   JSP A "O3'" 1 
HETATM 159 O  O4    . JSP A 1 8  ? -4.336  -1.394  0.128   1.00 19.32 ? 8   JSP A O4    1 
HETATM 160 O  "O4'" . JSP A 1 8  ? -8.343  -4.948  -2.726  1.00 19.38 ? 8   JSP A "O4'" 1 
HETATM 161 O  "O5'" . JSP A 1 8  ? -6.523  -4.832  -4.912  1.00 18.93 ? 8   JSP A "O5'" 1 
HETATM 162 O  OP1   . JSP A 1 8  ? -5.734  -5.412  -7.206  1.00 21.76 ? 8   JSP A OP1   1 
HETATM 163 O  OP2   . JSP A 1 8  ? -4.076  -4.595  -5.447  1.00 21.29 ? 8   JSP A OP2   1 
HETATM 164 P  P     . JSP A 1 8  ? -5.290  -5.366  -5.790  1.00 19.16 ? 8   JSP A P     1 
HETATM 165 P  P     . IGU A 1 9  ? -9.394  -1.391  -5.989  1.00 22.23 ? 9   IGU A P     1 
HETATM 166 O  OP1   . IGU A 1 9  ? -10.245 -1.250  -7.153  1.00 26.90 ? 9   IGU A OP1   1 
HETATM 167 O  OP2   . IGU A 1 9  ? -7.946  -1.141  -6.120  1.00 21.96 ? 9   IGU A OP2   1 
HETATM 168 O  "O5'" . IGU A 1 9  ? -9.927  -0.312  -4.940  1.00 22.67 ? 9   IGU A "O5'" 1 
HETATM 169 C  "C5'" . IGU A 1 9  ? -11.298 -0.226  -4.567  1.00 21.23 ? 9   IGU A "C5'" 1 
HETATM 170 C  "C4'" . IGU A 1 9  ? -11.494 0.785   -3.478  1.00 20.67 ? 9   IGU A "C4'" 1 
HETATM 171 O  "O4'" . IGU A 1 9  ? -10.862 0.281   -2.290  1.00 20.43 ? 9   IGU A "O4'" 1 
HETATM 172 C  "C3'" . IGU A 1 9  ? -10.869 2.170   -3.619  1.00 19.33 ? 9   IGU A "C3'" 1 
HETATM 173 O  "O3'" . IGU A 1 9  ? -11.564 2.981   -4.594  1.00 19.43 ? 9   IGU A "O3'" 1 
HETATM 174 C  "C2'" . IGU A 1 9  ? -10.978 2.598   -2.142  1.00 17.68 ? 9   IGU A "C2'" 1 
HETATM 175 C  "C1'" . IGU A 1 9  ? -10.342 1.361   -1.528  1.00 19.13 ? 9   IGU A "C1'" 1 
HETATM 176 N  N9    . IGU A 1 9  ? -8.939  1.325   -1.381  1.00 20.33 ? 9   IGU A N9    1 
HETATM 177 C  C8    . IGU A 1 9  ? -8.136  0.627   -2.075  1.00 18.35 ? 9   IGU A C8    1 
HETATM 178 N  N7    . IGU A 1 9  ? -6.933  0.830   -1.774  1.00 17.00 ? 9   IGU A N7    1 
HETATM 179 C  C6    . IGU A 1 9  ? -5.976  2.289   -0.177  1.00 15.72 ? 9   IGU A C6    1 
HETATM 180 N  N6    . IGU A 1 9  ? -4.755  2.048   -0.358  1.00 15.89 ? 9   IGU A N6    1 
HETATM 181 C  C5    . IGU A 1 9  ? -6.979  1.700   -0.861  1.00 16.54 ? 9   IGU A C5    1 
HETATM 182 N  N1    . IGU A 1 9  ? -6.329  3.195   0.750   1.00 15.69 ? 9   IGU A N1    1 
HETATM 183 C  C2    . IGU A 1 9  ? -7.647  3.502   0.970   1.00 17.50 ? 9   IGU A C2    1 
HETATM 184 O  O2    . IGU A 1 9  ? -7.910  4.328   1.815   1.00 16.50 ? 9   IGU A O2    1 
HETATM 185 N  N3    . IGU A 1 9  ? -8.553  2.902   0.282   1.00 17.84 ? 9   IGU A N3    1 
HETATM 186 C  C4    . IGU A 1 9  ? -8.251  2.047   -0.606  1.00 17.60 ? 9   IGU A C4    1 
HETATM 187 C  C1    . JSP A 1 10 ? -7.640  5.939   -1.500  1.00 16.01 ? 10  JSP A C1    1 
HETATM 188 C  "C1'" . JSP A 1 10 ? -9.014  6.581   -1.080  1.00 16.54 ? 10  JSP A "C1'" 1 
HETATM 189 C  C2    . JSP A 1 10 ? -6.452  6.226   -0.899  1.00 14.27 ? 10  JSP A C2    1 
HETATM 190 C  "C2'" . JSP A 1 10 ? -9.149  8.015   -1.586  1.00 17.01 ? 10  JSP A "C2'" 1 
HETATM 191 C  "C3'" . JSP A 1 10 ? -9.843  7.781   -2.919  1.00 18.21 ? 10  JSP A "C3'" 1 
HETATM 192 C  C4    . JSP A 1 10 ? -5.294  4.859   -2.243  1.00 14.27 ? 10  JSP A C4    1 
HETATM 193 C  "C4'" . JSP A 1 10 ? -10.862 6.730   -2.526  1.00 18.72 ? 10  JSP A "C4'" 1 
HETATM 194 C  "C5'" . JSP A 1 10 ? -11.464 5.934   -3.669  1.00 18.37 ? 10  JSP A "C5'" 1 
HETATM 195 C  C6    . JSP A 1 10 ? -7.628  5.068   -2.517  1.00 15.81 ? 10  JSP A C6    1 
HETATM 196 C  C7    . JSP A 1 10 ? -6.397  3.559   -4.012  1.00 16.72 ? 10  JSP A C7    1 
HETATM 197 N  N2    . JSP A 1 10 ? -6.473  7.057   0.066   1.00 16.98 ? 10  JSP A N2    1 
HETATM 198 N  N3    . JSP A 1 10 ? -5.352  5.688   -1.279  1.00 14.42 ? 10  JSP A N3    1 
HETATM 199 N  N5    . JSP A 1 10 ? -6.456  4.506   -2.901  1.00 15.48 ? 10  JSP A N5    1 
HETATM 200 O  "O3'" . JSP A 1 10 ? -10.526 8.961   -3.367  1.00 19.68 ? 10  JSP A "O3'" 1 
HETATM 201 O  O4    . JSP A 1 10 ? -4.224  4.366   -2.586  1.00 14.82 ? 10  JSP A O4    1 
HETATM 202 O  "O4'" . JSP A 1 10 ? -10.103 5.860   -1.650  1.00 18.14 ? 10  JSP A "O4'" 1 
HETATM 203 O  "O5'" . JSP A 1 10 ? -10.437 5.209   -4.340  1.00 18.55 ? 10  JSP A "O5'" 1 
HETATM 204 O  OP1   . JSP A 1 10 ? -11.831 4.688   -6.315  1.00 20.86 ? 10  JSP A OP1   1 
HETATM 205 O  OP2   . JSP A 1 10 ? -9.522  3.589   -5.970  1.00 23.01 ? 10  JSP A OP2   1 
HETATM 206 P  P     . JSP A 1 10 ? -10.810 4.103   -5.435  1.00 20.06 ? 10  JSP A P     1 
HETATM 207 N  N     . 1W5 A 1 11 ? -5.307  6.939   -4.788  1.00 17.73 ? 11  1W5 A N     1 
HETATM 208 P  P     . 1W5 A 1 11 ? -9.816  9.969   -4.377  1.00 20.23 ? 11  1W5 A P     1 
HETATM 209 C  C1    . 1W5 A 1 11 ? -4.593  9.432   -2.182  1.00 16.32 ? 11  1W5 A C1    1 
HETATM 210 C  C2    . 1W5 A 1 11 ? -3.172  9.260   -1.965  1.00 15.88 ? 11  1W5 A C2    1 
HETATM 211 O  O2    . 1W5 A 1 11 ? -2.492  9.850   -1.174  1.00 16.36 ? 11  1W5 A O2    1 
HETATM 212 N  N3    . 1W5 A 1 11 ? -2.575  8.264   -2.749  1.00 15.60 ? 11  1W5 A N3    1 
HETATM 213 C  C4    . 1W5 A 1 11 ? -3.195  7.491   -3.662  1.00 14.65 ? 11  1W5 A C4    1 
HETATM 214 N  N4    . 1W5 A 1 11 ? -2.389  6.620   -4.269  1.00 15.18 ? 11  1W5 A N4    1 
HETATM 215 C  C5    . 1W5 A 1 11 ? -4.555  7.695   -3.857  1.00 16.02 ? 11  1W5 A C5    1 
HETATM 216 C  C6    . 1W5 A 1 11 ? -5.225  8.688   -3.088  1.00 16.96 ? 11  1W5 A C6    1 
HETATM 217 C  "C1'" . 1W5 A 1 11 ? -5.255  10.428  -1.387  1.00 17.55 ? 11  1W5 A "C1'" 1 
HETATM 218 C  "C2'" . 1W5 A 1 11 ? -4.890  11.775  -1.940  1.00 22.88 ? 11  1W5 A "C2'" 1 
HETATM 219 C  "C3'" . 1W5 A 1 11 ? -6.047  12.249  -2.817  1.00 20.46 ? 11  1W5 A "C3'" 1 
HETATM 220 O  "O3'" . 1W5 A 1 11 ? -6.007  13.701  -2.828  1.00 21.53 ? 11  1W5 A "O3'" 1 
HETATM 221 C  "C4'" . 1W5 A 1 11 ? -7.200  11.727  -1.975  1.00 22.49 ? 11  1W5 A "C4'" 1 
HETATM 222 O  "O4'" . 1W5 A 1 11 ? -6.710  10.424  -1.544  1.00 18.36 ? 11  1W5 A "O4'" 1 
HETATM 223 C  "C5'" . 1W5 A 1 11 ? -8.527  11.707  -2.769  1.00 24.36 ? 11  1W5 A "C5'" 1 
HETATM 224 O  "O5'" . 1W5 A 1 11 ? -8.546  10.508  -3.529  1.00 23.99 ? 11  1W5 A "O5'" 1 
HETATM 225 O  ON1   . 1W5 A 1 11 ? -6.514  7.099   -4.846  1.00 19.94 ? 11  1W5 A ON1   1 
HETATM 226 O  ON2   . 1W5 A 1 11 ? -4.702  6.170   -5.477  1.00 20.38 ? 11  1W5 A ON2   1 
HETATM 227 O  OP1   . 1W5 A 1 11 ? -10.738 11.093  -4.611  1.00 21.04 ? 11  1W5 A OP1   1 
HETATM 228 O  OP2   . 1W5 A 1 11 ? -9.327  9.209   -5.577  1.00 24.54 ? 11  1W5 A OP2   1 
HETATM 229 P  P     . 1WA A 1 12 ? -5.293  14.512  -3.998  1.00 22.04 ? 12  1WA A P     1 
HETATM 230 N  N1    . 1WA A 1 12 ? 2.068   9.789   -4.881  1.00 14.19 ? 12  1WA A N1    1 
HETATM 231 C  C2    . 1WA A 1 12 ? 2.575   10.810  -4.231  1.00 14.20 ? 12  1WA A C2    1 
HETATM 232 N  N2    . 1WA A 1 12 ? 3.908   10.863  -4.097  1.00 16.54 ? 12  1WA A N2    1 
HETATM 233 N  N3    . 1WA A 1 12 ? 1.921   11.846  -3.652  1.00 15.76 ? 12  1WA A N3    1 
HETATM 234 C  C4    . 1WA A 1 12 ? 0.633   11.743  -3.830  1.00 15.19 ? 12  1WA A C4    1 
HETATM 235 N  N5    . 1WA A 1 12 ? 0.010   10.750  -4.482  1.00 14.36 ? 12  1WA A N5    1 
HETATM 236 C  C6    . 1WA A 1 12 ? 0.748   9.678   -5.058  1.00 14.23 ? 12  1WA A C6    1 
HETATM 237 O  O6    . 1WA A 1 12 ? 0.140   8.811   -5.609  1.00 14.82 ? 12  1WA A O6    1 
HETATM 238 C  C7    . 1WA A 1 12 ? -1.369  10.942  -4.480  1.00 15.81 ? 12  1WA A C7    1 
HETATM 239 C  C8    . 1WA A 1 12 ? -1.574  12.078  -3.816  1.00 17.14 ? 12  1WA A C8    1 
HETATM 240 N  N9    . 1WA A 1 12 ? -0.327  12.579  -3.402  1.00 17.68 ? 12  1WA A N9    1 
HETATM 241 C  "C1'" . 1WA A 1 12 ? -0.070  13.815  -2.641  1.00 17.17 ? 12  1WA A "C1'" 1 
HETATM 242 C  "C2'" . 1WA A 1 12 ? 0.276   15.014  -3.514  1.00 18.42 ? 12  1WA A "C2'" 1 
HETATM 243 C  "C3'" . 1WA A 1 12 ? -1.113  15.573  -3.814  1.00 18.33 ? 12  1WA A "C3'" 1 
HETATM 244 O  "O3'" . 1WA A 1 12 ? -0.946  16.948  -4.255  1.00 19.45 ? 12  1WA A "O3'" 1 
HETATM 245 C  "C4'" . 1WA A 1 12 ? -1.817  15.399  -2.470  1.00 19.69 ? 12  1WA A "C4'" 1 
HETATM 246 O  "O4'" . 1WA A 1 12 ? -1.278  14.146  -1.959  1.00 19.38 ? 12  1WA A "O4'" 1 
HETATM 247 C  "C5'" . 1WA A 1 12 ? -3.322  15.334  -2.468  1.00 24.07 ? 12  1WA A "C5'" 1 
HETATM 248 O  "O5'" . 1WA A 1 12 ? -3.759  14.525  -3.564  1.00 21.51 ? 12  1WA A "O5'" 1 
HETATM 249 O  OP1   . 1WA A 1 12 ? -5.867  15.867  -4.054  1.00 26.13 ? 12  1WA A OP1   1 
HETATM 250 O  OP2   . 1WA A 1 12 ? -5.287  13.728  -5.292  1.00 24.82 ? 12  1WA A OP2   1 
HETATM 251 P  P     . 1WA A 1 13 ? -0.877  17.300  -5.808  1.00 19.17 ? 13  1WA A P     1 
HETATM 252 N  N1    . 1WA A 1 13 ? 2.797   8.453   -8.860  1.00 14.48 ? 13  1WA A N1    1 
HETATM 253 C  C2    . 1WA A 1 13 ? 3.773   9.277   -8.586  1.00 14.41 ? 13  1WA A C2    1 
HETATM 254 N  N2    . 1WA A 1 13 ? 5.014   8.820   -8.756  1.00 15.25 ? 13  1WA A N2    1 
HETATM 255 N  N3    . 1WA A 1 13 ? 3.697   10.558  -8.135  1.00 15.68 ? 13  1WA A N3    1 
HETATM 256 C  C4    . 1WA A 1 13 ? 2.472   10.969  -7.995  1.00 15.21 ? 13  1WA A C4    1 
HETATM 257 N  N5    . 1WA A 1 13 ? 1.396   10.221  -8.236  1.00 15.36 ? 13  1WA A N5    1 
HETATM 258 C  C6    . 1WA A 1 13 ? 1.525   8.875   -8.708  1.00 14.81 ? 13  1WA A C6    1 
HETATM 259 O  O6    . 1WA A 1 13 ? 0.527   8.261   -8.923  1.00 15.29 ? 13  1WA A O6    1 
HETATM 260 C  C7    . 1WA A 1 13 ? 0.246   10.972  -7.981  1.00 17.70 ? 13  1WA A C7    1 
HETATM 261 C  C8    . 1WA A 1 13 ? 0.640   12.172  -7.569  1.00 16.49 ? 13  1WA A C8    1 
HETATM 262 N  N9    . 1WA A 1 13 ? 2.030   12.173  -7.574  1.00 16.81 ? 13  1WA A N9    1 
HETATM 263 C  "C1'" . 1WA A 1 13 ? 2.933   13.277  -7.220  1.00 16.86 ? 13  1WA A "C1'" 1 
HETATM 264 C  "C2'" . 1WA A 1 13 ? 3.571   13.890  -8.464  1.00 19.89 ? 13  1WA A "C2'" 1 
HETATM 265 C  "C3'" . 1WA A 1 13 ? 2.454   14.838  -8.901  1.00 18.78 ? 13  1WA A "C3'" 1 
HETATM 266 O  "O3'" . 1WA A 1 13 ? 3.000   15.811  -9.836  1.00 19.62 ? 13  1WA A "O3'" 1 
HETATM 267 C  "C4'" . 1WA A 1 13 ? 2.030   15.433  -7.575  1.00 18.52 ? 13  1WA A "C4'" 1 
HETATM 268 O  "O4'" . 1WA A 1 13 ? 2.173   14.328  -6.631  1.00 17.67 ? 13  1WA A "O4'" 1 
HETATM 269 C  "C5'" . 1WA A 1 13 ? 0.639   16.006  -7.538  1.00 20.29 ? 13  1WA A "C5'" 1 
HETATM 270 O  "O5'" . 1WA A 1 13 ? 0.467   16.578  -6.247  1.00 19.78 ? 13  1WA A "O5'" 1 
HETATM 271 O  OP1   . 1WA A 1 13 ? -0.797  18.765  -5.933  1.00 20.87 ? 13  1WA A OP1   1 
HETATM 272 O  OP2   . 1WA A 1 13 ? -1.950  16.586  -6.604  1.00 21.01 ? 13  1WA A OP2   1 
HETATM 273 P  P     . IGU A 1 14 ? 2.670   15.734  -11.393 1.00 20.38 ? 14  IGU A P     1 
HETATM 274 O  OP1   . IGU A 1 14 ? 3.206   16.905  -12.080 1.00 23.19 ? 14  IGU A OP1   1 
HETATM 275 O  OP2   . IGU A 1 14 ? 1.280   15.372  -11.642 1.00 21.88 ? 14  IGU A OP2   1 
HETATM 276 O  "O5'" . IGU A 1 14 ? 3.554   14.505  -11.864 1.00 19.01 ? 14  IGU A "O5'" 1 
HETATM 277 C  "C5'" . IGU A 1 14 ? 4.965   14.556  -11.685 1.00 17.85 ? 14  IGU A "C5'" 1 
HETATM 278 C  "C4'" . IGU A 1 14 ? 5.599   13.246  -12.028 1.00 17.00 ? 14  IGU A "C4'" 1 
HETATM 279 O  "O4'" . IGU A 1 14 ? 5.036   12.273  -11.125 1.00 18.37 ? 14  IGU A "O4'" 1 
HETATM 280 C  "C3'" . IGU A 1 14 ? 5.360   12.629  -13.403 1.00 17.41 ? 14  IGU A "C3'" 1 
HETATM 281 O  "O3'" . IGU A 1 14 ? 6.135   13.267  -14.423 1.00 18.01 ? 14  IGU A "O3'" 1 
HETATM 282 C  "C2'" . IGU A 1 14 ? 5.799   11.196  -13.071 1.00 16.73 ? 14  IGU A "C2'" 1 
HETATM 283 C  "C1'" . IGU A 1 14 ? 5.020   11.008  -11.771 1.00 17.17 ? 14  IGU A "C1'" 1 
HETATM 284 N  N9    . IGU A 1 14 ? 3.736   10.414  -11.792 1.00 16.20 ? 14  IGU A N9    1 
HETATM 285 C  C8    . IGU A 1 14 ? 2.613   11.001  -11.605 1.00 17.48 ? 14  IGU A C8    1 
HETATM 286 N  N7    . IGU A 1 14 ? 1.632   10.221  -11.731 1.00 17.24 ? 14  IGU A N7    1 
HETATM 287 C  C6    . IGU A 1 14 ? 1.597   7.901   -12.296 1.00 15.80 ? 14  IGU A C6    1 
HETATM 288 N  N6    . IGU A 1 14 ? 0.355   7.665   -12.266 1.00 17.02 ? 14  IGU A N6    1 
HETATM 289 C  C5    . IGU A 1 14 ? 2.161   9.097   -12.035 1.00 14.93 ? 14  IGU A C5    1 
HETATM 290 N  N1    . IGU A 1 14 ? 2.437   6.891   -12.599 1.00 15.02 ? 14  IGU A N1    1 
HETATM 291 C  C2    . IGU A 1 14 ? 3.796   7.062   -12.637 1.00 14.26 ? 14  IGU A C2    1 
HETATM 292 O  O2    . IGU A 1 14 ? 4.479   6.098   -12.935 1.00 14.80 ? 14  IGU A O2    1 
HETATM 293 N  N3    . IGU A 1 14 ? 4.270   8.227   -12.375 1.00 14.09 ? 14  IGU A N3    1 
HETATM 294 C  C4    . IGU A 1 14 ? 3.500   9.209   -12.094 1.00 14.55 ? 14  IGU A C4    1 
ATOM   295 P  P     . DA  A 1 15 ? 5.765   13.106  -15.965 1.00 18.12 ? 15  DA  A P     1 
ATOM   296 O  OP1   . DA  A 1 15 ? 6.638   14.042  -16.724 1.00 20.44 ? 15  DA  A OP1   1 
ATOM   297 O  OP2   . DA  A 1 15 ? 4.305   13.238  -16.113 1.00 21.18 ? 15  DA  A OP2   1 
ATOM   298 O  "O5'" . DA  A 1 15 ? 6.130   11.587  -16.335 1.00 17.44 ? 15  DA  A "O5'" 1 
ATOM   299 C  "C5'" . DA  A 1 15 ? 7.464   11.144  -16.339 1.00 17.34 ? 15  DA  A "C5'" 1 
ATOM   300 C  "C4'" . DA  A 1 15 ? 7.524   9.636   -16.510 1.00 16.13 ? 15  DA  A "C4'" 1 
ATOM   301 O  "O4'" . DA  A 1 15 ? 6.723   9.004   -15.492 1.00 15.80 ? 15  DA  A "O4'" 1 
ATOM   302 C  "C3'" . DA  A 1 15 ? 6.958   9.091   -17.806 1.00 16.45 ? 15  DA  A "C3'" 1 
ATOM   303 O  "O3'" . DA  A 1 15 ? 7.892   9.194   -18.848 1.00 15.79 ? 15  DA  A "O3'" 1 
ATOM   304 C  "C2'" . DA  A 1 15 ? 6.646   7.655   -17.435 1.00 16.73 ? 15  DA  A "C2'" 1 
ATOM   305 C  "C1'" . DA  A 1 15 ? 6.130   7.819   -16.020 1.00 15.09 ? 15  DA  A "C1'" 1 
ATOM   306 N  N9    . DA  A 1 15 ? 4.694   7.974   -15.951 1.00 14.59 ? 15  DA  A N9    1 
ATOM   307 C  C8    . DA  A 1 15 ? 4.002   9.130   -15.735 1.00 16.67 ? 15  DA  A C8    1 
ATOM   308 N  N7    . DA  A 1 15 ? 2.710   8.963   -15.695 1.00 17.26 ? 15  DA  A N7    1 
ATOM   309 C  C5    . DA  A 1 15 ? 2.548   7.608   -15.916 1.00 14.90 ? 15  DA  A C5    1 
ATOM   310 C  C6    . DA  A 1 15 ? 1.410   6.801   -15.989 1.00 15.65 ? 15  DA  A C6    1 
ATOM   311 N  N6    . DA  A 1 15 ? 0.179   7.289   -15.853 1.00 17.23 ? 15  DA  A N6    1 
ATOM   312 N  N1    . DA  A 1 15 ? 1.580   5.483   -16.215 1.00 14.81 ? 15  DA  A N1    1 
ATOM   313 C  C2    . DA  A 1 15 ? 2.819   5.016   -16.357 1.00 14.63 ? 15  DA  A C2    1 
ATOM   314 N  N3    . DA  A 1 15 ? 3.969   5.676   -16.302 1.00 14.22 ? 15  DA  A N3    1 
ATOM   315 C  C4    . DA  A 1 15 ? 3.756   6.983   -16.074 1.00 13.99 ? 15  DA  A C4    1 
ATOM   316 P  P     . DG  A 1 16 ? 7.388   9.253   -20.368 1.00 17.37 ? 16  DG  A P     1 
ATOM   317 O  OP1   . DG  A 1 16 ? 8.600   9.549   -21.161 1.00 21.21 ? 16  DG  A OP1   1 
ATOM   318 O  OP2   . DG  A 1 16 ? 6.214   10.136  -20.465 1.00 18.85 ? 16  DG  A OP2   1 
ATOM   319 O  "O5'" . DG  A 1 16 ? 6.889   7.780   -20.695 1.00 16.98 ? 16  DG  A "O5'" 1 
ATOM   320 C  "C5'" . DG  A 1 16 ? 7.758   6.692   -20.550 1.00 17.45 ? 16  DG  A "C5'" 1 
ATOM   321 C  "C4'" . DG  A 1 16 ? 7.007   5.378   -20.676 1.00 15.97 ? 16  DG  A "C4'" 1 
ATOM   322 O  "O4'" . DG  A 1 16 ? 6.030   5.281   -19.609 1.00 16.79 ? 16  DG  A "O4'" 1 
ATOM   323 C  "C3'" . DG  A 1 16 ? 6.208   5.196   -21.952 1.00 16.08 ? 16  DG  A "C3'" 1 
ATOM   324 O  "O3'" . DG  A 1 16 ? 7.031   4.674   -22.993 1.00 17.37 ? 16  DG  A "O3'" 1 
ATOM   325 C  "C2'" . DG  A 1 16 ? 5.110   4.225   -21.521 1.00 16.40 ? 16  DG  A "C2'" 1 
ATOM   326 C  "C1'" . DG  A 1 16 ? 4.851   4.632   -20.076 1.00 16.68 ? 16  DG  A "C1'" 1 
ATOM   327 N  N9    . DG  A 1 16 ? 3.739   5.560   -19.902 1.00 15.26 ? 16  DG  A N9    1 
ATOM   328 C  C8    . DG  A 1 16 ? 3.824   6.921   -19.805 1.00 16.04 ? 16  DG  A C8    1 
ATOM   329 N  N7    . DG  A 1 16 ? 2.673   7.510   -19.625 1.00 16.19 ? 16  DG  A N7    1 
ATOM   330 C  C5    . DG  A 1 16 ? 1.769   6.456   -19.547 1.00 16.08 ? 16  DG  A C5    1 
ATOM   331 C  C6    . DG  A 1 16 ? 0.368   6.473   -19.347 1.00 15.93 ? 16  DG  A C6    1 
ATOM   332 O  O6    . DG  A 1 16 ? -0.369  7.453   -19.190 1.00 16.95 ? 16  DG  A O6    1 
ATOM   333 N  N1    . DG  A 1 16 ? -0.166  5.190   -19.352 1.00 15.48 ? 16  DG  A N1    1 
ATOM   334 C  C2    . DG  A 1 16 ? 0.554   4.044   -19.524 1.00 15.87 ? 16  DG  A C2    1 
ATOM   335 N  N2    . DG  A 1 16 ? -0.144  2.906   -19.496 1.00 16.41 ? 16  DG  A N2    1 
ATOM   336 N  N3    . DG  A 1 16 ? 1.869   4.011   -19.718 1.00 14.81 ? 16  DG  A N3    1 
ATOM   337 C  C4    . DG  A 1 16 ? 2.407   5.249   -19.705 1.00 14.88 ? 16  DG  A C4    1 
ATOM   338 O  "O5'" . DC  B 1 1  ? -8.472  3.490   -17.345 1.00 25.91 ? 1   DC  B "O5'" 1 
ATOM   339 C  "C5'" . DC  B 1 1  ? -8.861  2.329   -18.066 1.00 26.05 ? 1   DC  B "C5'" 1 
ATOM   340 C  "C4'" . DC  B 1 1  ? -7.650  1.576   -18.591 1.00 22.80 ? 1   DC  B "C4'" 1 
ATOM   341 O  "O4'" . DC  B 1 1  ? -6.972  2.384   -19.585 1.00 22.39 ? 1   DC  B "O4'" 1 
ATOM   342 C  "C3'" . DC  B 1 1  ? -6.582  1.257   -17.558 1.00 20.42 ? 1   DC  B "C3'" 1 
ATOM   343 O  "O3'" . DC  B 1 1  ? -6.879  0.052   -16.872 1.00 22.20 ? 1   DC  B "O3'" 1 
ATOM   344 C  "C2'" . DC  B 1 1  ? -5.333  1.152   -18.412 1.00 20.13 ? 1   DC  B "C2'" 1 
ATOM   345 C  "C1'" . DC  B 1 1  ? -5.568  2.234   -19.454 1.00 21.07 ? 1   DC  B "C1'" 1 
ATOM   346 N  N1    . DC  B 1 1  ? -4.963  3.558   -19.109 1.00 18.02 ? 1   DC  B N1    1 
ATOM   347 C  C2    . DC  B 1 1  ? -3.580  3.697   -19.163 1.00 17.52 ? 1   DC  B C2    1 
ATOM   348 O  O2    . DC  B 1 1  ? -2.903  2.707   -19.455 1.00 17.06 ? 1   DC  B O2    1 
ATOM   349 N  N3    . DC  B 1 1  ? -3.021  4.902   -18.885 1.00 17.29 ? 1   DC  B N3    1 
ATOM   350 C  C4    . DC  B 1 1  ? -3.788  5.939   -18.568 1.00 18.30 ? 1   DC  B C4    1 
ATOM   351 N  N4    . DC  B 1 1  ? -3.182  7.106   -18.308 1.00 20.26 ? 1   DC  B N4    1 
ATOM   352 C  C5    . DC  B 1 1  ? -5.214  5.823   -18.508 1.00 20.18 ? 1   DC  B C5    1 
ATOM   353 C  C6    . DC  B 1 1  ? -5.756  4.629   -18.792 1.00 21.07 ? 1   DC  B C6    1 
ATOM   354 P  P     . DT  B 1 2  ? -6.303  -0.190  -15.393 1.00 21.56 ? 2   DT  B P     1 
ATOM   355 O  OP1   . DT  B 1 2  ? -6.941  -1.427  -14.885 1.00 24.72 ? 2   DT  B OP1   1 
ATOM   356 O  OP2   . DT  B 1 2  ? -6.435  1.056   -14.614 1.00 25.21 ? 2   DT  B OP2   1 
ATOM   357 O  "O5'" . DT  B 1 2  ? -4.741  -0.466  -15.631 1.00 20.43 ? 2   DT  B "O5'" 1 
ATOM   358 C  "C5'" . DT  B 1 2  ? -4.330  -1.547  -16.428 1.00 20.70 ? 2   DT  B "C5'" 1 
ATOM   359 C  "C4'" . DT  B 1 2  ? -2.824  -1.558  -16.575 1.00 21.07 ? 2   DT  B "C4'" 1 
ATOM   360 O  "O4'" . DT  B 1 2  ? -2.395  -0.436  -17.380 1.00 18.80 ? 2   DT  B "O4'" 1 
ATOM   361 C  "C3'" . DT  B 1 2  ? -2.072  -1.399  -15.283 1.00 21.28 ? 2   DT  B "C3'" 1 
ATOM   362 O  "O3'" . DT  B 1 2  ? -1.984  -2.647  -14.604 1.00 25.44 ? 2   DT  B "O3'" 1 
ATOM   363 C  "C2'" . DT  B 1 2  ? -0.730  -0.864  -15.756 1.00 20.20 ? 2   DT  B "C2'" 1 
ATOM   364 C  "C1'" . DT  B 1 2  ? -1.154  0.058   -16.888 1.00 17.97 ? 2   DT  B "C1'" 1 
ATOM   365 N  N1    . DT  B 1 2  ? -1.338  1.457   -16.490 1.00 16.89 ? 2   DT  B N1    1 
ATOM   366 C  C2    . DT  B 1 2  ? -0.248  2.287   -16.501 1.00 15.12 ? 2   DT  B C2    1 
ATOM   367 O  O2    . DT  B 1 2  ? 0.872   1.896   -16.788 1.00 16.86 ? 2   DT  B O2    1 
ATOM   368 N  N3    . DT  B 1 2  ? -0.509  3.585   -16.158 1.00 16.33 ? 2   DT  B N3    1 
ATOM   369 C  C4    . DT  B 1 2  ? -1.728  4.125   -15.813 1.00 16.17 ? 2   DT  B C4    1 
ATOM   370 O  O4    . DT  B 1 2  ? -1.853  5.310   -15.540 1.00 18.24 ? 2   DT  B O4    1 
ATOM   371 C  C5    . DT  B 1 2  ? -2.843  3.200   -15.819 1.00 17.37 ? 2   DT  B C5    1 
ATOM   372 C  C7    . DT  B 1 2  ? -4.223  3.675   -15.448 1.00 20.84 ? 2   DT  B C7    1 
ATOM   373 C  C6    . DT  B 1 2  ? -2.599  1.922   -16.156 1.00 17.12 ? 2   DT  B C6    1 
HETATM 374 C  C1    . JSP B 1 3  ? 1.855   1.834   -13.436 1.00 16.98 ? 3   JSP B C1    1 
HETATM 375 C  "C1'" . JSP B 1 3  ? 2.785   0.641   -13.849 1.00 17.65 ? 3   JSP B "C1'" 1 
HETATM 376 C  C2    . JSP B 1 3  ? 2.284   3.124   -13.377 1.00 14.50 ? 3   JSP B C2    1 
HETATM 377 C  "C2'" . JSP B 1 3  ? 3.781   0.245   -12.761 1.00 17.14 ? 3   JSP B "C2'" 1 
HETATM 378 C  "C3'" . JSP B 1 3  ? 2.975   -0.791  -12.005 1.00 19.53 ? 3   JSP B "C3'" 1 
HETATM 379 C  C4    . JSP B 1 3  ? 0.272   3.884   -12.763 1.00 17.77 ? 3   JSP B C4    1 
HETATM 380 C  "C4'" . JSP B 1 3  ? 2.242   -1.496  -13.109 1.00 20.37 ? 3   JSP B "C4'" 1 
HETATM 381 C  "C5'" . JSP B 1 3  ? 0.985   -2.043  -12.496 1.00 27.18 ? 3   JSP B "C5'" 1 
HETATM 382 C  C6    . JSP B 1 3  ? 0.571   1.582   -13.145 1.00 18.86 ? 3   JSP B C6    1 
HETATM 383 C  C7    . JSP B 1 3  ? -1.649  2.437   -12.474 1.00 19.72 ? 3   JSP B C7    1 
HETATM 384 N  N2    . JSP B 1 3  ? 3.506   3.348   -13.653 1.00 15.88 ? 3   JSP B N2    1 
HETATM 385 N  N3    . JSP B 1 3  ? 1.501   4.073   -13.056 1.00 15.85 ? 3   JSP B N3    1 
HETATM 386 N  N5    . JSP B 1 3  ? -0.237  2.609   -12.806 1.00 17.32 ? 3   JSP B N5    1 
HETATM 387 O  "O3'" . JSP B 1 3  ? 3.762   -1.783  -11.334 1.00 19.51 ? 3   JSP B "O3'" 1 
HETATM 388 O  O4    . JSP B 1 3  ? -0.454  4.809   -12.455 1.00 19.39 ? 3   JSP B O4    1 
HETATM 389 O  "O4'" . JSP B 1 3  ? 1.993   -0.508  -14.136 1.00 21.43 ? 3   JSP B "O4'" 1 
HETATM 390 O  "O5'" . JSP B 1 3  ? 0.190   -2.587  -13.493 1.00 28.37 ? 3   JSP B "O5'" 1 
HETATM 391 O  OP1   . JSP B 1 3  ? -1.526  -4.041  -12.541 1.00 30.13 ? 3   JSP B OP1   1 
HETATM 392 O  OP2   . JSP B 1 3  ? -1.871  -1.521  -12.428 1.00 28.20 ? 3   JSP B OP2   1 
HETATM 393 P  P     . JSP B 1 3  ? -1.355  -2.708  -13.152 1.00 29.46 ? 3   JSP B P     1 
HETATM 394 N  N     . 1W5 B 1 4  ? 1.132   2.566   -9.808  1.00 16.97 ? 4   1W5 B N     1 
HETATM 395 P  P     . 1W5 B 1 4  ? 4.017   -1.649  -9.769  1.00 17.74 ? 4   1W5 B P     1 
HETATM 396 C  C1    . 1W5 B 1 4  ? 4.601   3.814   -9.957  1.00 13.93 ? 4   1W5 B C1    1 
HETATM 397 C  C2    . 1W5 B 1 4  ? 4.418   5.235   -9.740  1.00 14.16 ? 4   1W5 B C2    1 
HETATM 398 O  O2    . 1W5 B 1 4  ? 5.281   6.058   -9.698  1.00 13.95 ? 4   1W5 B O2    1 
HETATM 399 N  N3    . 1W5 B 1 4  ? 3.080   5.632   -9.542  1.00 14.42 ? 4   1W5 B N3    1 
HETATM 400 C  C4    . 1W5 B 1 4  ? 1.995   4.847   -9.557  1.00 14.92 ? 4   1W5 B C4    1 
HETATM 401 N  N4    . 1W5 B 1 4  ? 0.830   5.482   -9.359  1.00 15.43 ? 4   1W5 B N4    1 
HETATM 402 C  C5    . 1W5 B 1 4  ? 2.197   3.494   -9.776  1.00 15.72 ? 4   1W5 B C5    1 
HETATM 403 C  C6    . 1W5 B 1 4  ? 3.533   3.010   -9.977  1.00 13.99 ? 4   1W5 B C6    1 
HETATM 404 C  "C1'" . 1W5 B 1 4  ? 5.953   3.372   -10.183 1.00 14.25 ? 4   1W5 B "C1'" 1 
HETATM 405 C  "C2'" . 1W5 B 1 4  ? 6.663   3.164   -8.869  1.00 17.30 ? 4   1W5 B "C2'" 1 
HETATM 406 C  "C3'" . 1W5 B 1 4  ? 6.535   1.670   -8.552  1.00 13.65 ? 4   1W5 B "C3'" 1 
HETATM 407 O  "O3'" . 1W5 B 1 4  ? 7.620   1.251   -7.671  1.00 16.80 ? 4   1W5 B "O3'" 1 
HETATM 408 C  "C4'" . 1W5 B 1 4  ? 6.753   1.121   -9.943  1.00 15.58 ? 4   1W5 B "C4'" 1 
HETATM 409 O  "O4'" . 1W5 B 1 4  ? 5.998   2.040   -10.772 1.00 15.25 ? 4   1W5 B "O4'" 1 
HETATM 410 C  "C5'" . 1W5 B 1 4  ? 6.243   -0.310  -10.094 1.00 17.12 ? 4   1W5 B "C5'" 1 
HETATM 411 O  "O5'" . 1W5 B 1 4  ? 4.892   -0.300  -9.672  1.00 16.22 ? 4   1W5 B "O5'" 1 
HETATM 412 O  ON1   . 1W5 B 1 4  ? 1.358   1.391   -10.027 1.00 18.73 ? 4   1W5 B ON1   1 
HETATM 413 O  ON2   . 1W5 B 1 4  ? 0.024   2.983   -9.609  1.00 18.98 ? 4   1W5 B ON2   1 
HETATM 414 O  OP1   . 1W5 B 1 4  ? 4.919   -2.738  -9.324  1.00 19.17 ? 4   1W5 B OP1   1 
HETATM 415 O  OP2   . 1W5 B 1 4  ? 2.702   -1.465  -9.057  1.00 20.35 ? 4   1W5 B OP2   1 
HETATM 416 N  N     . 1W5 B 1 5  ? 3.120   3.932   -6.516  1.00 16.39 ? 5   1W5 B N     1 
HETATM 417 P  P     . 1W5 B 1 5  ? 7.427   1.225   -6.090  1.00 16.19 ? 5   1W5 B P     1 
HETATM 418 C  C1    . 1W5 B 1 5  ? 5.711   6.447   -5.772  1.00 14.14 ? 5   1W5 B C1    1 
HETATM 419 C  C2    . 1W5 B 1 5  ? 4.935   7.650   -5.558  1.00 15.87 ? 5   1W5 B C2    1 
HETATM 420 O  O2    . 1W5 B 1 5  ? 5.368   8.725   -5.281  1.00 16.38 ? 5   1W5 B O2    1 
HETATM 421 N  N3    . 1W5 B 1 5  ? 3.545   7.470   -5.694  1.00 14.23 ? 5   1W5 B N3    1 
HETATM 422 C  C4    . 1W5 B 1 5  ? 2.901   6.319   -6.008  1.00 13.36 ? 5   1W5 B C4    1 
HETATM 423 N  N4    . 1W5 B 1 5  ? 1.568   6.361   -6.098  1.00 14.00 ? 5   1W5 B N4    1 
HETATM 424 C  C5    . 1W5 B 1 5  ? 3.682   5.196   -6.210  1.00 14.21 ? 5   1W5 B C5    1 
HETATM 425 C  C6    . 1W5 B 1 5  ? 5.098   5.304   -6.088  1.00 14.83 ? 5   1W5 B C6    1 
HETATM 426 C  "C1'" . 1W5 B 1 5  ? 7.138   6.613   -5.679  1.00 15.22 ? 5   1W5 B "C1'" 1 
HETATM 427 C  "C2'" . 1W5 B 1 5  ? 7.593   6.479   -4.254  1.00 20.26 ? 5   1W5 B "C2'" 1 
HETATM 428 C  "C3'" . 1W5 B 1 5  ? 8.012   5.017   -4.120  1.00 17.16 ? 5   1W5 B "C3'" 1 
HETATM 429 O  "O3'" . 1W5 B 1 5  ? 8.935   4.865   -3.021  1.00 19.71 ? 5   1W5 B "O3'" 1 
HETATM 430 C  "C4'" . 1W5 B 1 5  ? 8.723   4.822   -5.434  1.00 18.25 ? 5   1W5 B "C4'" 1 
HETATM 431 O  "O4'" . 1W5 B 1 5  ? 7.855   5.530   -6.340  1.00 17.10 ? 5   1W5 B "O4'" 1 
HETATM 432 C  "C5'" . 1W5 B 1 5  ? 8.845   3.342   -5.797  1.00 17.28 ? 5   1W5 B "C5'" 1 
HETATM 433 O  "O5'" . 1W5 B 1 5  ? 7.555   2.763   -5.681  1.00 17.10 ? 5   1W5 B "O5'" 1 
HETATM 434 O  ON1   . 1W5 B 1 5  ? 1.921   3.796   -6.556  1.00 19.14 ? 5   1W5 B ON1   1 
HETATM 435 O  ON2   . 1W5 B 1 5  ? 3.869   3.003   -6.687  1.00 18.97 ? 5   1W5 B ON2   1 
HETATM 436 O  OP1   . 1W5 B 1 5  ? 8.594   0.562   -5.481  1.00 18.24 ? 5   1W5 B OP1   1 
HETATM 437 O  OP2   . 1W5 B 1 5  ? 6.066   0.724   -5.764  1.00 17.74 ? 5   1W5 B OP2   1 
HETATM 438 P  P     . 1WA B 1 6  ? 8.421   4.240   -1.653  1.00 19.70 ? 6   1WA B P     1 
HETATM 439 N  N1    . 1WA B 1 6  ? 0.259   8.083   -2.230  1.00 14.67 ? 6   1WA B N1    1 
HETATM 440 C  C2    . 1WA B 1 6  ? 0.962   8.967   -1.564  1.00 13.99 ? 6   1WA B C2    1 
HETATM 441 N  N2    . 1WA B 1 6  ? 0.319   10.045  -1.113  1.00 14.37 ? 6   1WA B N2    1 
HETATM 442 N  N3    . 1WA B 1 6  ? 2.281   8.931   -1.268  1.00 13.31 ? 6   1WA B N3    1 
HETATM 443 C  C4    . 1WA B 1 6  ? 2.850   7.857   -1.729  1.00 13.47 ? 6   1WA B C4    1 
HETATM 444 N  N5    . 1WA B 1 6  ? 2.253   6.874   -2.426  1.00 13.90 ? 6   1WA B N5    1 
HETATM 445 C  C6    . 1WA B 1 6  ? 0.846   6.977   -2.709  1.00 14.30 ? 6   1WA B C6    1 
HETATM 446 O  O6    . 1WA B 1 6  ? 0.301   6.097   -3.319  1.00 15.01 ? 6   1WA B O6    1 
HETATM 447 C  C7    . 1WA B 1 6  ? 3.198   5.881   -2.733  1.00 15.88 ? 6   1WA B C7    1 
HETATM 448 C  C8    . 1WA B 1 6  ? 4.353   6.288   -2.217  1.00 15.26 ? 6   1WA B C8    1 
HETATM 449 N  N9    . 1WA B 1 6  ? 4.137   7.530   -1.612  1.00 14.39 ? 6   1WA B N9    1 
HETATM 450 C  "C1'" . 1WA B 1 6  ? 5.083   8.384   -0.876  1.00 17.06 ? 6   1WA B "C1'" 1 
HETATM 451 C  "C2'" . 1WA B 1 6  ? 5.034   8.125   0.624   1.00 15.90 ? 6   1WA B "C2'" 1 
HETATM 452 C  "C3'" . 1WA B 1 6  ? 6.067   7.020   0.741   1.00 15.81 ? 6   1WA B "C3'" 1 
HETATM 453 O  "O3'" . 1WA B 1 6  ? 6.437   6.846   2.130   1.00 19.25 ? 6   1WA B "O3'" 1 
HETATM 454 C  "C4'" . 1WA B 1 6  ? 7.168   7.581   -0.137  1.00 17.97 ? 6   1WA B "C4'" 1 
HETATM 455 O  "O4'" . 1WA B 1 6  ? 6.411   8.064   -1.273  1.00 15.64 ? 6   1WA B "O4'" 1 
HETATM 456 C  "C5'" . 1WA B 1 6  ? 8.217   6.618   -0.605  1.00 19.63 ? 6   1WA B "C5'" 1 
HETATM 457 O  "O5'" . 1WA B 1 6  ? 7.564   5.429   -1.049  1.00 19.30 ? 6   1WA B "O5'" 1 
HETATM 458 O  OP1   . 1WA B 1 6  ? 9.583   3.892   -0.813  1.00 23.52 ? 6   1WA B OP1   1 
HETATM 459 O  OP2   . 1WA B 1 6  ? 7.369   3.202   -1.904  1.00 19.30 ? 6   1WA B OP2   1 
HETATM 460 P  P     . IGU B 1 7  ? 5.734   5.747   3.044   1.00 19.37 ? 7   IGU B P     1 
HETATM 461 O  OP1   . IGU B 1 7  ? 6.489   5.601   4.287   1.00 21.61 ? 7   IGU B OP1   1 
HETATM 462 O  OP2   . IGU B 1 7  ? 5.418   4.527   2.297   1.00 20.28 ? 7   IGU B OP2   1 
HETATM 463 O  "O5'" . IGU B 1 7  ? 4.336   6.423   3.397   1.00 17.93 ? 7   IGU B "O5'" 1 
HETATM 464 C  "C5'" . IGU B 1 7  ? 4.288   7.671   4.055   1.00 18.26 ? 7   IGU B "C5'" 1 
HETATM 465 C  "C4'" . IGU B 1 7  ? 2.887   8.204   4.049   1.00 16.49 ? 7   IGU B "C4'" 1 
HETATM 466 O  "O4'" . IGU B 1 7  ? 2.484   8.362   2.682   1.00 15.04 ? 7   IGU B "O4'" 1 
HETATM 467 C  "C3'" . IGU B 1 7  ? 1.740   7.366   4.598   1.00 14.30 ? 7   IGU B "C3'" 1 
HETATM 468 O  "O3'" . IGU B 1 7  ? 1.741   7.351   6.034   1.00 15.77 ? 7   IGU B "O3'" 1 
HETATM 469 C  "C2'" . IGU B 1 7  ? 0.555   8.134   3.996   1.00 14.41 ? 7   IGU B "C2'" 1 
HETATM 470 C  "C1'" . IGU B 1 7  ? 1.071   8.235   2.566   1.00 15.53 ? 7   IGU B "C1'" 1 
HETATM 471 N  N9    . IGU B 1 7  ? 0.665   7.277   1.606   1.00 13.03 ? 7   IGU B N9    1 
HETATM 472 C  C8    . IGU B 1 7  ? 1.386   6.382   1.045   1.00 14.17 ? 7   IGU B C8    1 
HETATM 473 N  N7    . IGU B 1 7  ? 0.742   5.641   0.250   1.00 13.49 ? 7   IGU B N7    1 
HETATM 474 C  C6    . IGU B 1 7  ? -1.606  5.696   -0.320  1.00 12.97 ? 7   IGU B C6    1 
HETATM 475 N  N6    . IGU B 1 7  ? -1.705  4.761   -1.170  1.00 13.47 ? 7   IGU B N6    1 
HETATM 476 C  C5    . IGU B 1 7  ? -0.464  6.088   0.322   1.00 12.55 ? 7   IGU B C5    1 
HETATM 477 N  N1    . IGU B 1 7  ? -2.732  6.377   -0.008  1.00 13.21 ? 7   IGU B N1    1 
HETATM 478 C  C2    . IGU B 1 7  ? -2.730  7.427   0.883   1.00 12.90 ? 7   IGU B C2    1 
HETATM 479 O  O2    . IGU B 1 7  ? -3.791  7.990   1.101   1.00 14.52 ? 7   IGU B O2    1 
HETATM 480 N  N3    . IGU B 1 7  ? -1.618  7.766   1.450   1.00 14.04 ? 7   IGU B N3    1 
HETATM 481 C  C4    . IGU B 1 7  ? -0.530  7.130   1.184   1.00 13.08 ? 7   IGU B C4    1 
HETATM 482 C  C1    . JSP B 1 8  ? -3.699  6.117   3.971   1.00 16.03 ? 8   JSP B C1    1 
HETATM 483 C  "C1'" . JSP B 1 8  ? -3.971  7.331   4.924   1.00 16.70 ? 8   JSP B "C1'" 1 
HETATM 484 C  C2    . JSP B 1 8  ? -4.619  5.537   3.157   1.00 14.59 ? 8   JSP B C2    1 
HETATM 485 C  "C2'" . JSP B 1 8  ? -4.664  6.910   6.212   1.00 17.99 ? 8   JSP B "C2'" 1 
HETATM 486 C  "C3'" . JSP B 1 8  ? -3.441  6.630   7.073   1.00 17.47 ? 8   JSP B "C3'" 1 
HETATM 487 C  C4    . JSP B 1 8  ? -3.130  4.042   2.365   1.00 13.28 ? 8   JSP B C4    1 
HETATM 488 C  "C4'" . JSP B 1 8  ? -2.597  7.852   6.734   1.00 18.20 ? 8   JSP B "C4'" 1 
HETATM 489 C  "C5'" . JSP B 1 8  ? -1.135  7.759   7.127   1.00 15.90 ? 8   JSP B "C5'" 1 
HETATM 490 C  C6    . JSP B 1 8  ? -2.460  5.621   3.960   1.00 14.19 ? 8   JSP B C6    1 
HETATM 491 C  C7    . JSP B 1 8  ? -0.819  4.012   3.116   1.00 14.65 ? 8   JSP B C7    1 
HETATM 492 N  N2    . JSP B 1 8  ? -5.806  6.001   3.185   1.00 18.00 ? 8   JSP B N2    1 
HETATM 493 N  N3    . JSP B 1 8  ? -4.308  4.553   2.405   1.00 14.97 ? 8   JSP B N3    1 
HETATM 494 N  N5    . JSP B 1 8  ? -2.154  4.574   3.162   1.00 14.02 ? 8   JSP B N5    1 
HETATM 495 O  "O3'" . JSP B 1 8  ? -3.759  6.584   8.481   1.00 21.41 ? 8   JSP B "O3'" 1 
HETATM 496 O  O4    . JSP B 1 8  ? -2.875  3.107   1.625   1.00 15.64 ? 8   JSP B O4    1 
HETATM 497 O  "O4'" . JSP B 1 8  ? -2.740  7.952   5.303   1.00 17.12 ? 8   JSP B "O4'" 1 
HETATM 498 O  "O5'" . JSP B 1 8  ? -0.562  6.550   6.635   1.00 17.38 ? 8   JSP B "O5'" 1 
HETATM 499 O  OP1   . JSP B 1 8  ? 1.315   6.401   8.268   1.00 19.86 ? 8   JSP B OP1   1 
HETATM 500 O  OP2   . JSP B 1 8  ? 1.180   4.891   6.227   1.00 18.62 ? 8   JSP B OP2   1 
HETATM 501 P  P     . JSP B 1 8  ? 0.978   6.212   6.846   1.00 17.30 ? 8   JSP B P     1 
HETATM 502 P  P     . IGU B 1 9  ? -3.795  5.193   9.265   1.00 23.37 ? 9   IGU B P     1 
HETATM 503 O  OP1   . IGU B 1 9  ? -4.096  5.404   10.677  1.00 25.21 ? 9   IGU B OP1   1 
HETATM 504 O  OP2   . IGU B 1 9  ? -2.624  4.372   8.948   1.00 24.57 ? 9   IGU B OP2   1 
HETATM 505 O  "O5'" . IGU B 1 9  ? -5.068  4.481   8.661   1.00 23.39 ? 9   IGU B "O5'" 1 
HETATM 506 C  "C5'" . IGU B 1 9  ? -6.314  5.160   8.707   1.00 22.73 ? 9   IGU B "C5'" 1 
HETATM 507 C  "C4'" . IGU B 1 9  ? -7.411  4.387   8.048   1.00 26.24 ? 9   IGU B "C4'" 1 
HETATM 508 O  "O4'" . IGU B 1 9  ? -7.159  4.591   6.650   1.00 24.59 ? 9   IGU B "O4'" 1 
HETATM 509 C  "C3'" . IGU B 1 9  ? -7.542  2.863   8.131   1.00 23.98 ? 9   IGU B "C3'" 1 
HETATM 510 O  "O3'" . IGU B 1 9  ? -8.002  2.385   9.431   1.00 25.95 ? 9   IGU B "O3'" 1 
HETATM 511 C  "C2'" . IGU B 1 9  ? -8.530  2.736   6.946   1.00 25.90 ? 9   IGU B "C2'" 1 
HETATM 512 C  "C1'" . IGU B 1 9  ? -7.692  3.499   5.918   1.00 20.96 ? 9   IGU B "C1'" 1 
HETATM 513 N  N9    . IGU B 1 9  ? -6.692  2.861   5.161   1.00 23.09 ? 9   IGU B N9    1 
HETATM 514 C  C8    . IGU B 1 9  ? -5.457  2.991   5.327   1.00 19.36 ? 9   IGU B C8    1 
HETATM 515 N  N7    . IGU B 1 9  ? -4.764  2.282   4.559   1.00 21.07 ? 9   IGU B N7    1 
HETATM 516 C  C6    . IGU B 1 9  ? -5.460  0.738   2.920   1.00 18.48 ? 9   IGU B C6    1 
HETATM 517 N  N6    . IGU B 1 9  ? -4.343  0.395   2.526   1.00 18.93 ? 9   IGU B N6    1 
HETATM 518 C  C5    . IGU B 1 9  ? -5.632  1.652   3.895   1.00 18.98 ? 9   IGU B C5    1 
HETATM 519 N  N1    . IGU B 1 9  ? -6.567  0.221   2.368   1.00 18.77 ? 9   IGU B N1    1 
HETATM 520 C  C2    . IGU B 1 9  ? -7.797  0.605   2.800   1.00 17.81 ? 9   IGU B C2    1 
HETATM 521 O  O2    . IGU B 1 9  ? -8.790  0.115   2.311   1.00 21.50 ? 9   IGU B O2    1 
HETATM 522 N  N3    . IGU B 1 9  ? -7.876  1.490   3.731   1.00 20.90 ? 9   IGU B N3    1 
HETATM 523 C  C4    . IGU B 1 9  ? -6.858  1.991   4.264   1.00 19.13 ? 9   IGU B C4    1 
HETATM 524 C  C1    . JSP B 1 10 ? -8.017  -1.809  5.233   1.00 15.95 ? 10  JSP B C1    1 
HETATM 525 C  "C1'" . JSP B 1 10 ? -9.520  -1.610  5.635   1.00 16.03 ? 10  JSP B "C1'" 1 
HETATM 526 C  C2    . JSP B 1 10 ? -7.593  -2.612  4.220   1.00 15.58 ? 10  JSP B C2    1 
HETATM 527 C  "C2'" . JSP B 1 10 ? -10.048 -2.818  6.407   1.00 14.07 ? 10  JSP B "C2'" 1 
HETATM 528 C  "C3'" . JSP B 1 10 ? -9.760  -2.404  7.840   1.00 15.09 ? 10  JSP B "C3'" 1 
HETATM 529 C  C4    . JSP B 1 10 ? -5.438  -2.160  4.628   1.00 15.55 ? 10  JSP B C4    1 
HETATM 530 C  "C4'" . JSP B 1 10 ? -10.271 -0.987  7.761   1.00 15.87 ? 10  JSP B "C4'" 1 
HETATM 531 C  "C5'" . JSP B 1 10 ? -9.861  -0.080  8.895   1.00 18.27 ? 10  JSP B "C5'" 1 
HETATM 532 C  C6    . JSP B 1 10 ? -7.096  -1.164  5.963   1.00 16.59 ? 10  JSP B C6    1 
HETATM 533 C  C7    . JSP B 1 10 ? -4.745  -0.654  6.431   1.00 16.95 ? 10  JSP B C7    1 
HETATM 534 N  N2    . JSP B 1 10 ? -8.480  -3.239  3.550   1.00 17.11 ? 10  JSP B N2    1 
HETATM 535 N  N3    . JSP B 1 10 ? -6.347  -2.771  3.969   1.00 14.94 ? 10  JSP B N3    1 
HETATM 536 N  N5    . JSP B 1 10 ? -5.791  -1.323  5.659   1.00 15.85 ? 10  JSP B N5    1 
HETATM 537 O  "O3'" . JSP B 1 10 ? -10.522 -3.129  8.822   1.00 15.73 ? 10  JSP B "O3'" 1 
HETATM 538 O  O4    . JSP B 1 10 ? -4.251  -2.293  4.370   1.00 15.16 ? 10  JSP B O4    1 
HETATM 539 O  "O4'" . JSP B 1 10 ? -9.651  -0.531  6.535   1.00 15.87 ? 10  JSP B "O4'" 1 
HETATM 540 O  "O5'" . JSP B 1 10 ? -8.440  -0.043  8.929   1.00 19.62 ? 10  JSP B "O5'" 1 
HETATM 541 O  OP1   . JSP B 1 10 ? -8.349  0.769   11.291  1.00 22.00 ? 10  JSP B OP1   1 
HETATM 542 O  OP2   . JSP B 1 10 ? -6.239  0.608   9.839   1.00 24.89 ? 10  JSP B OP2   1 
HETATM 543 P  P     . JSP B 1 10 ? -7.682  0.913   9.968   1.00 21.07 ? 10  JSP B P     1 
HETATM 544 N  N     . 1W5 B 1 11 ? -5.418  -4.183  7.174   1.00 16.87 ? 11  1W5 B N     1 
HETATM 545 P  P     . 1W5 B 1 11 ? -9.884  -4.353  9.612   1.00 15.58 ? 11  1W5 B P     1 
HETATM 546 C  C1    . 1W5 B 1 11 ? -7.351  -6.620  5.209   1.00 17.26 ? 11  1W5 B C1    1 
HETATM 547 C  C2    . 1W5 B 1 11 ? -6.339  -7.215  4.353   1.00 17.64 ? 11  1W5 B C2    1 
HETATM 548 O  O2    . 1W5 B 1 11 ? -6.522  -8.088  3.552   1.00 18.26 ? 11  1W5 B O2    1 
HETATM 549 N  N3    . 1W5 B 1 11 ? -5.046  -6.687  4.528   1.00 15.82 ? 11  1W5 B N3    1 
HETATM 550 C  C4    . 1W5 B 1 11 ? -4.679  -5.719  5.399   1.00 15.70 ? 11  1W5 B C4    1 
HETATM 551 N  N4    . 1W5 B 1 11 ? -3.387  -5.376  5.429   1.00 16.55 ? 11  1W5 B N4    1 
HETATM 552 C  C5    . 1W5 B 1 11 ? -5.677  -5.192  6.211   1.00 14.87 ? 11  1W5 B C5    1 
HETATM 553 C  C6    . 1W5 B 1 11 ? -7.020  -5.673  6.082   1.00 15.97 ? 11  1W5 B C6    1 
HETATM 554 C  "C1'" . 1W5 B 1 11 ? -8.684  -7.139  5.065   1.00 18.08 ? 11  1W5 B "C1'" 1 
HETATM 555 C  "C2'" . 1W5 B 1 11 ? -8.800  -8.400  5.893   1.00 20.65 ? 11  1W5 B "C2'" 1 
HETATM 556 C  "C3'" . 1W5 B 1 11 ? -9.253  -7.958  7.288   1.00 17.39 ? 11  1W5 B "C3'" 1 
HETATM 557 O  "O3'" . 1W5 B 1 11 ? -9.828  -9.066  8.023   1.00 19.02 ? 11  1W5 B "O3'" 1 
HETATM 558 C  "C4'" . 1W5 B 1 11 ? -10.326 -7.020  6.810   1.00 17.30 ? 11  1W5 B "C4'" 1 
HETATM 559 O  "O4'" . 1W5 B 1 11 ? -9.682  -6.311  5.721   1.00 16.21 ? 11  1W5 B "O4'" 1 
HETATM 560 C  "C5'" . 1W5 B 1 11 ? -10.811 -6.059  7.900   1.00 15.96 ? 11  1W5 B "C5'" 1 
HETATM 561 O  "O5'" . 1W5 B 1 11 ? -9.653  -5.465  8.478   1.00 15.99 ? 11  1W5 B "O5'" 1 
HETATM 562 O  ON1   . 1W5 B 1 11 ? -6.361  -3.708  7.782   1.00 17.92 ? 11  1W5 B ON1   1 
HETATM 563 O  ON2   . 1W5 B 1 11 ? -4.273  -3.876  7.374   1.00 20.04 ? 11  1W5 B ON2   1 
HETATM 564 O  OP1   . 1W5 B 1 11 ? -10.941 -4.869  10.496  1.00 15.37 ? 11  1W5 B OP1   1 
HETATM 565 O  OP2   . 1W5 B 1 11 ? -8.561  -3.961  10.215  1.00 18.35 ? 11  1W5 B OP2   1 
HETATM 566 P  P     . 1WA B 1 12 ? -8.962  -9.829  9.119   1.00 18.35 ? 12  1WA B P     1 
HETATM 567 N  N1    . 1WA B 1 12 ? -1.099  -9.541  5.066   1.00 13.52 ? 12  1WA B N1    1 
HETATM 568 C  C2    . 1WA B 1 12 ? -1.613  -10.610 4.491   1.00 14.30 ? 12  1WA B C2    1 
HETATM 569 N  N2    . 1WA B 1 12 ? -0.827  -11.339 3.674   1.00 15.70 ? 12  1WA B N2    1 
HETATM 570 N  N3    . 1WA B 1 12 ? -2.882  -11.075 4.629   1.00 15.30 ? 12  1WA B N3    1 
HETATM 571 C  C4    . 1WA B 1 12 ? -3.614  -10.343 5.425   1.00 15.10 ? 12  1WA B C4    1 
HETATM 572 N  N5    . 1WA B 1 12 ? -3.209  -9.230  6.047   1.00 14.42 ? 12  1WA B N5    1 
HETATM 573 C  C6    . 1WA B 1 12 ? -1.858  -8.780  5.891   1.00 13.72 ? 12  1WA B C6    1 
HETATM 574 O  O6    . 1WA B 1 12 ? -1.526  -7.798  6.472   1.00 15.52 ? 12  1WA B O6    1 
HETATM 575 C  C7    . 1WA B 1 12 ? -4.251  -8.727  6.836   1.00 15.20 ? 12  1WA B C7    1 
HETATM 576 C  C8    . 1WA B 1 12 ? -5.295  -9.526  6.655   1.00 16.45 ? 12  1WA B C8    1 
HETATM 577 N  N9    . 1WA B 1 12 ? -4.902  -10.530 5.773   1.00 16.11 ? 12  1WA B N9    1 
HETATM 578 C  "C1'" . 1WA B 1 12 ? -5.689  -11.672 5.294   1.00 16.95 ? 12  1WA B "C1'" 1 
HETATM 579 C  "C2'" . 1WA B 1 12 ? -5.308  -12.938 6.055   1.00 17.27 ? 12  1WA B "C2'" 1 
HETATM 580 C  "C3'" . 1WA B 1 12 ? -6.208  -12.777 7.280   1.00 16.36 ? 12  1WA B "C3'" 1 
HETATM 581 O  "O3'" . 1WA B 1 12 ? -6.287  -14.037 7.999   1.00 19.46 ? 12  1WA B "O3'" 1 
HETATM 582 C  "C4'" . 1WA B 1 12 ? -7.495  -12.372 6.592   1.00 18.02 ? 12  1WA B "C4'" 1 
HETATM 583 O  "O4'" . 1WA B 1 12 ? -7.046  -11.398 5.607   1.00 18.43 ? 12  1WA B "O4'" 1 
HETATM 584 C  "C5'" . 1WA B 1 12 ? -8.571  -11.756 7.440   1.00 18.20 ? 12  1WA B "C5'" 1 
HETATM 585 O  "O5'" . 1WA B 1 12 ? -7.994  -10.733 8.245   1.00 18.36 ? 12  1WA B "O5'" 1 
HETATM 586 O  OP1   . 1WA B 1 12 ? -9.873  -10.641 9.947   1.00 17.43 ? 12  1WA B OP1   1 
HETATM 587 O  OP2   . 1WA B 1 12 ? -7.979  -8.892  9.790   1.00 20.65 ? 12  1WA B OP2   1 
HETATM 588 P  P     . 1WA B 1 13 ? -5.333  -14.343 9.239   1.00 20.56 ? 13  1WA B P     1 
HETATM 589 N  N1    . 1WA B 1 13 ? 2.089   -9.661  7.557   1.00 13.94 ? 13  1WA B N1    1 
HETATM 590 C  C2    . 1WA B 1 13 ? 2.302   -10.745 6.832   1.00 14.31 ? 13  1WA B C2    1 
HETATM 591 N  N2    . 1WA B 1 13 ? 3.494   -10.894 6.230   1.00 15.24 ? 13  1WA B N2    1 
HETATM 592 N  N3    . 1WA B 1 13 ? 1.453   -11.769 6.601   1.00 14.30 ? 13  1WA B N3    1 
HETATM 593 C  C4    . 1WA B 1 13 ? 0.312   -11.606 7.202   1.00 13.59 ? 13  1WA B C4    1 
HETATM 594 N  N5    . 1WA B 1 13 ? -0.017  -10.549 7.972   1.00 15.33 ? 13  1WA B N5    1 
HETATM 595 C  C6    . 1WA B 1 13 ? 0.913   -9.491  8.186   1.00 14.95 ? 13  1WA B C6    1 
HETATM 596 O  O6    . 1WA B 1 13 ? 0.602   -8.571  8.880   1.00 15.23 ? 13  1WA B O6    1 
HETATM 597 C  C7    . 1WA B 1 13 ? -1.312  -10.719 8.465   1.00 14.41 ? 13  1WA B C7    1 
HETATM 598 C  C8    . 1WA B 1 13 ? -1.748  -11.881 7.981   1.00 15.85 ? 13  1WA B C8    1 
HETATM 599 N  N9    . 1WA B 1 13 ? -0.735  -12.434 7.199   1.00 15.37 ? 13  1WA B N9    1 
HETATM 600 C  "C1'" . 1WA B 1 13 ? -0.782  -13.704 6.461   1.00 17.33 ? 13  1WA B "C1'" 1 
HETATM 601 C  "C2'" . 1WA B 1 13 ? -0.075  -14.848 7.176   1.00 17.42 ? 13  1WA B "C2'" 1 
HETATM 602 C  "C3'" . 1WA B 1 13 ? -1.248  -15.479 7.919   1.00 16.97 ? 13  1WA B "C3'" 1 
HETATM 603 O  "O3'" . 1WA B 1 13 ? -0.970  -16.871 8.185   1.00 19.84 ? 13  1WA B "O3'" 1 
HETATM 604 C  "C4'" . 1WA B 1 13 ? -2.373  -15.378 6.930   1.00 18.35 ? 13  1WA B "C4'" 1 
HETATM 605 O  "O4'" . 1WA B 1 13 ? -2.160  -14.077 6.330   1.00 16.77 ? 13  1WA B "O4'" 1 
HETATM 606 C  "C5'" . 1WA B 1 13 ? -3.747  -15.486 7.519   1.00 19.21 ? 13  1WA B "C5'" 1 
HETATM 607 O  "O5'" . 1WA B 1 13 ? -3.908  -14.502 8.539   1.00 19.88 ? 13  1WA B "O5'" 1 
HETATM 608 O  OP1   . 1WA B 1 13 ? -5.777  -15.587 9.887   1.00 23.91 ? 13  1WA B OP1   1 
HETATM 609 O  OP2   . 1WA B 1 13 ? -5.131  -13.105 10.094  1.00 22.50 ? 13  1WA B OP2   1 
HETATM 610 P  P     . IGU B 1 14 ? -0.161  -17.320 9.477   1.00 21.09 ? 14  IGU B P     1 
HETATM 611 O  OP1   . IGU B 1 14 ? 0.008   -18.768 9.450   1.00 24.48 ? 14  IGU B OP1   1 
HETATM 612 O  OP2   . IGU B 1 14 ? -0.685  -16.682 10.685  1.00 22.65 ? 14  IGU B OP2   1 
HETATM 613 O  "O5'" . IGU B 1 14 ? 1.271   -16.729 9.139   1.00 22.20 ? 14  IGU B "O5'" 1 
HETATM 614 C  "C5'" . IGU B 1 14 ? 2.051   -16.114 10.145  1.00 22.35 ? 14  IGU B "C5'" 1 
HETATM 615 C  "C4'" . IGU B 1 14 ? 3.294   -15.558 9.538   1.00 19.54 ? 14  IGU B "C4'" 1 
HETATM 616 O  "O4'" . IGU B 1 14 ? 2.924   -14.392 8.779   1.00 17.91 ? 14  IGU B "O4'" 1 
HETATM 617 C  "C3'" . IGU B 1 14 ? 4.368   -15.037 10.478  1.00 21.39 ? 14  IGU B "C3'" 1 
HETATM 618 O  "O3'" . IGU B 1 14 ? 5.182   -16.104 10.934  1.00 23.09 ? 14  IGU B "O3'" 1 
HETATM 619 C  "C2'" . IGU B 1 14 ? 5.091   -14.023 9.585   1.00 19.43 ? 14  IGU B "C2'" 1 
HETATM 620 C  "C1'" . IGU B 1 14 ? 3.841   -13.334 9.048   1.00 18.67 ? 14  IGU B "C1'" 1 
HETATM 621 N  N9    . IGU B 1 14 ? 3.251   -12.241 9.730   1.00 16.65 ? 14  IGU B N9    1 
HETATM 622 C  C8    . IGU B 1 14 ? 2.071   -12.172 10.209  1.00 17.21 ? 14  IGU B C8    1 
HETATM 623 N  N7    . IGU B 1 14 ? 1.830   -11.075 10.779  1.00 16.80 ? 14  IGU B N7    1 
HETATM 624 C  C6    . IGU B 1 14 ? 3.217   -9.176  11.071  1.00 15.07 ? 14  IGU B C6    1 
HETATM 625 N  N6    . IGU B 1 14 ? 2.428   -8.429  11.708  1.00 17.13 ? 14  IGU B N6    1 
HETATM 626 C  C5    . IGU B 1 14 ? 2.908   -10.424 10.654  1.00 15.19 ? 14  IGU B C5    1 
HETATM 627 N  N1    . IGU B 1 14 ? 4.461   -8.734  10.810  1.00 15.00 ? 14  IGU B N1    1 
HETATM 628 C  C2    . IGU B 1 14 ? 5.358   -9.525  10.123  1.00 16.58 ? 14  IGU B C2    1 
HETATM 629 O  O2    . IGU B 1 14 ? 6.464   -9.077  9.911   1.00 17.68 ? 14  IGU B O2    1 
HETATM 630 N  N3    . IGU B 1 14 ? 4.998   -10.703 9.744   1.00 18.10 ? 14  IGU B N3    1 
HETATM 631 C  C4    . IGU B 1 14 ? 3.830   -11.147 9.991   1.00 15.93 ? 14  IGU B C4    1 
ATOM   632 P  P     . DA  B 1 15 ? 5.722   -16.123 12.427  1.00 25.88 ? 15  DA  B P     1 
ATOM   633 O  OP1   . DA  B 1 15 ? 6.618   -17.292 12.567  1.00 29.39 ? 15  DA  B OP1   1 
ATOM   634 O  OP2   . DA  B 1 15 ? 4.570   -15.988 13.338  1.00 26.23 ? 15  DA  B OP2   1 
ATOM   635 O  "O5'" . DA  B 1 15 ? 6.585   -14.792 12.558  1.00 22.73 ? 15  DA  B "O5'" 1 
ATOM   636 C  "C5'" . DA  B 1 15 ? 7.817   -14.685 11.887  1.00 23.52 ? 15  DA  B "C5'" 1 
ATOM   637 C  "C4'" . DA  B 1 15 ? 8.459   -13.337 12.147  1.00 24.23 ? 15  DA  B "C4'" 1 
ATOM   638 O  "O4'" . DA  B 1 15 ? 7.584   -12.280 11.686  1.00 21.51 ? 15  DA  B "O4'" 1 
ATOM   639 C  "C3'" . DA  B 1 15 ? 8.687   -12.974 13.600  1.00 22.70 ? 15  DA  B "C3'" 1 
ATOM   640 O  "O3'" . DA  B 1 15 ? 9.792   -13.663 14.161  1.00 23.17 ? 15  DA  B "O3'" 1 
ATOM   641 C  "C2'" . DA  B 1 15 ? 8.918   -11.483 13.479  1.00 21.51 ? 15  DA  B "C2'" 1 
ATOM   642 C  "C1'" . DA  B 1 15 ? 7.865   -11.102 12.436  1.00 21.80 ? 15  DA  B "C1'" 1 
ATOM   643 N  N9    . DA  B 1 15 ? 6.634   -10.611 13.029  1.00 18.85 ? 15  DA  B N9    1 
ATOM   644 C  C8    . DA  B 1 15 ? 5.459   -11.285 13.202  1.00 18.70 ? 15  DA  B C8    1 
ATOM   645 N  N7    . DA  B 1 15 ? 4.519   -10.569 13.776  1.00 19.09 ? 15  DA  B N7    1 
ATOM   646 C  C5    . DA  B 1 15 ? 5.131   -9.341  13.998  1.00 17.59 ? 15  DA  B C5    1 
ATOM   647 C  C6    . DA  B 1 15 ? 4.669   -8.131  14.562  1.00 16.84 ? 15  DA  B C6    1 
ATOM   648 N  N6    . DA  B 1 15 ? 3.438   -7.976  15.046  1.00 18.88 ? 15  DA  B N6    1 
ATOM   649 N  N1    . DA  B 1 15 ? 5.539   -7.099  14.627  1.00 17.44 ? 15  DA  B N1    1 
ATOM   650 C  C2    . DA  B 1 15 ? 6.773   -7.267  14.140  1.00 17.08 ? 15  DA  B C2    1 
ATOM   651 N  N3    . DA  B 1 15 ? 7.312   -8.344  13.575  1.00 17.56 ? 15  DA  B N3    1 
ATOM   652 C  C4    . DA  B 1 15 ? 6.429   -9.351  13.535  1.00 17.87 ? 15  DA  B C4    1 
ATOM   653 P  P     . DG  B 1 16 ? 9.845   -13.921 15.747  1.00 23.95 ? 16  DG  B P     1 
ATOM   654 O  OP1   . DG  B 1 16 ? 10.991  -14.826 15.989  1.00 26.58 ? 16  DG  B OP1   1 
ATOM   655 O  OP2   . DG  B 1 16 ? 8.501   -14.265 16.246  1.00 25.57 ? 16  DG  B OP2   1 
ATOM   656 O  "O5'" . DG  B 1 16 ? 10.190  -12.494 16.369  1.00 22.28 ? 16  DG  B "O5'" 1 
ATOM   657 C  "C5'" . DG  B 1 16 ? 11.415  -11.867 16.052  1.00 20.70 ? 16  DG  B "C5'" 1 
ATOM   658 C  "C4'" . DG  B 1 16 ? 11.437  -10.447 16.566  1.00 19.94 ? 16  DG  B "C4'" 1 
ATOM   659 O  "O4'" . DG  B 1 16 ? 10.366  -9.683  15.952  1.00 20.45 ? 16  DG  B "O4'" 1 
ATOM   660 C  "C3'" . DG  B 1 16 ? 11.182  -10.292 18.049  1.00 23.19 ? 16  DG  B "C3'" 1 
ATOM   661 O  "O3'" . DG  B 1 16 ? 12.343  -10.620 18.820  1.00 24.25 ? 16  DG  B "O3'" 1 
ATOM   662 C  "C2'" . DG  B 1 16 ? 10.809  -8.826  18.115  1.00 22.99 ? 16  DG  B "C2'" 1 
ATOM   663 C  "C1'" . DG  B 1 16 ? 9.974   -8.652  16.841  1.00 18.39 ? 16  DG  B "C1'" 1 
ATOM   664 N  N9    . DG  B 1 16 ? 8.547   -8.749  17.096  1.00 17.91 ? 16  DG  B N9    1 
ATOM   665 C  C8    . DG  B 1 16 ? 7.766   -9.882  17.116  1.00 16.65 ? 16  DG  B C8    1 
ATOM   666 N  N7    . DG  B 1 16 ? 6.517   -9.644  17.416  1.00 18.89 ? 16  DG  B N7    1 
ATOM   667 C  C5    . DG  B 1 16 ? 6.478   -8.267  17.616  1.00 16.91 ? 16  DG  B C5    1 
ATOM   668 C  C6    . DG  B 1 16 ? 5.397   -7.423  17.964  1.00 16.60 ? 16  DG  B C6    1 
ATOM   669 O  O6    . DG  B 1 16 ? 4.223   -7.731  18.194  1.00 17.91 ? 16  DG  B O6    1 
ATOM   670 N  N1    . DG  B 1 16 ? 5.802   -6.099  18.073  1.00 17.29 ? 16  DG  B N1    1 
ATOM   671 C  C2    . DG  B 1 16 ? 7.076   -5.647  17.850  1.00 16.41 ? 16  DG  B C2    1 
ATOM   672 N  N2    . DG  B 1 16 ? 7.277   -4.338  18.002  1.00 16.87 ? 16  DG  B N2    1 
ATOM   673 N  N3    . DG  B 1 16 ? 8.090   -6.427  17.523  1.00 17.55 ? 16  DG  B N3    1 
ATOM   674 C  C4    . DG  B 1 16 ? 7.717   -7.714  17.419  1.00 16.85 ? 16  DG  B C4    1 
HETATM 675 MG MG    . MG  C 2 .  ? -12.635 -8.290  12.215  1.00 15.27 ? 101 MG  B MG    1 
HETATM 676 O  O     . HOH D 3 .  ? -9.628  7.715   -7.511  1.00 31.57 ? 101 HOH A O     1 
HETATM 677 O  O     . HOH D 3 .  ? 0.279   -5.814  16.086  1.00 30.57 ? 102 HOH A O     1 
HETATM 678 O  O     . HOH D 3 .  ? -1.798  -1.104  0.145   1.00 30.46 ? 103 HOH A O     1 
HETATM 679 O  O     . HOH D 3 .  ? -10.621 0.563   -8.949  1.00 31.24 ? 104 HOH A O     1 
HETATM 680 O  O     . HOH D 3 .  ? 2.874   12.098  -17.973 1.00 30.55 ? 105 HOH A O     1 
HETATM 681 O  O     . HOH D 3 .  ? 4.283   17.374  -14.415 1.00 29.19 ? 106 HOH A O     1 
HETATM 682 O  O     . HOH D 3 .  ? 2.532   15.173  -16.029 1.00 27.69 ? 107 HOH A O     1 
HETATM 683 O  O     . HOH D 3 .  ? 6.118   -1.784  2.969   1.00 26.56 ? 108 HOH A O     1 
HETATM 684 O  O     . HOH D 3 .  ? -10.230 5.050   2.812   1.00 26.64 ? 109 HOH A O     1 
HETATM 685 O  O     . HOH D 3 .  ? -8.050  10.475  0.718   1.00 25.17 ? 110 HOH A O     1 
HETATM 686 O  O     . HOH D 3 .  ? -0.842  0.530   17.815  1.00 27.45 ? 111 HOH A O     1 
HETATM 687 O  O     . HOH D 3 .  ? -6.485  -2.373  -7.931  1.00 32.74 ? 112 HOH A O     1 
HETATM 688 O  O     . HOH D 3 .  ? -0.108  10.001  -18.556 1.00 26.97 ? 113 HOH A O     1 
HETATM 689 O  O     . HOH D 3 .  ? 1.352   14.229  -14.020 1.00 32.03 ? 114 HOH A O     1 
HETATM 690 O  O     . HOH D 3 .  ? -0.201  -4.089  3.428   1.00 25.62 ? 115 HOH A O     1 
HETATM 691 O  O     . HOH D 3 .  ? -3.141  2.903   -4.504  1.00 26.31 ? 116 HOH A O     1 
HETATM 692 O  O     . HOH D 3 .  ? 0.812   20.038  -7.605  1.00 28.53 ? 117 HOH A O     1 
HETATM 693 O  O     . HOH D 3 .  ? 6.049   12.754  -20.817 1.00 29.51 ? 118 HOH A O     1 
HETATM 694 O  O     . HOH D 3 .  ? 7.055   5.517   -13.162 1.00 16.37 ? 119 HOH A O     1 
HETATM 695 O  O     . HOH D 3 .  ? 9.212   -6.662  -1.371  1.00 25.62 ? 120 HOH A O     1 
HETATM 696 O  O     . HOH D 3 .  ? 6.889   -10.049 -3.433  1.00 30.63 ? 121 HOH A O     1 
HETATM 697 O  O     . HOH D 3 .  ? 3.353   -0.684  9.100   1.00 24.35 ? 122 HOH A O     1 
HETATM 698 O  O     . HOH D 3 .  ? -1.621  -6.990  -8.134  1.00 30.57 ? 123 HOH A O     1 
HETATM 699 O  O     . HOH D 3 .  ? 1.980   1.558   12.200  1.00 26.33 ? 124 HOH A O     1 
HETATM 700 O  O     . HOH D 3 .  ? -7.770  1.642   -6.480  1.00 28.63 ? 125 HOH A O     1 
HETATM 701 O  O     . HOH D 3 .  ? -4.253  -1.923  -5.503  1.00 32.00 ? 126 HOH A O     1 
HETATM 702 O  O     . HOH D 3 .  ? 9.538   3.762   -22.621 1.00 25.04 ? 127 HOH A O     1 
HETATM 703 O  O     . HOH D 3 .  ? -12.138 7.140   -7.401  1.00 28.73 ? 128 HOH A O     1 
HETATM 704 O  O     . HOH D 3 .  ? 4.186   -7.022  -5.408  1.00 30.60 ? 129 HOH A O     1 
HETATM 705 O  O     . HOH D 3 .  ? -9.839  -6.586  1.126   1.00 28.00 ? 130 HOH A O     1 
HETATM 706 O  O     . HOH D 3 .  ? 9.361   -3.258  13.905  1.00 25.53 ? 131 HOH A O     1 
HETATM 707 O  O     . HOH D 3 .  ? 9.098   -2.738  0.107   1.00 22.38 ? 132 HOH A O     1 
HETATM 708 O  O     . HOH D 3 .  ? 1.955   -5.454  -5.936  1.00 31.50 ? 133 HOH A O     1 
HETATM 709 O  O     . HOH D 3 .  ? -12.424 -2.908  -7.026  1.00 29.85 ? 134 HOH A O     1 
HETATM 710 O  O     . HOH D 3 .  ? -7.726  5.507   -6.787  1.00 22.96 ? 135 HOH A O     1 
HETATM 711 O  O     . HOH D 3 .  ? 0.589   -4.907  12.120  1.00 30.16 ? 136 HOH A O     1 
HETATM 712 O  O     . HOH D 3 .  ? -3.032  19.955  -7.054  1.00 32.26 ? 137 HOH A O     1 
HETATM 713 O  O     . HOH D 3 .  ? -1.843  20.249  -3.834  1.00 28.62 ? 138 HOH A O     1 
HETATM 714 O  O     . HOH D 3 .  ? 4.552   -2.283  5.322   1.00 22.12 ? 139 HOH A O     1 
HETATM 715 O  O     . HOH D 3 .  ? -13.186 3.988   -8.639  1.00 29.10 ? 140 HOH A O     1 
HETATM 716 O  O     . HOH D 3 .  ? -0.885  -0.567  22.830  1.00 21.73 ? 141 HOH A O     1 
HETATM 717 O  O     . HOH D 3 .  ? 7.126   8.332   -12.813 1.00 16.00 ? 142 HOH A O     1 
HETATM 718 O  O     . HOH D 3 .  ? 5.443   -4.218  -2.281  1.00 27.41 ? 143 HOH A O     1 
HETATM 719 O  O     . HOH D 3 .  ? 1.641   -5.509  -1.929  1.00 23.75 ? 144 HOH A O     1 
HETATM 720 O  O     . HOH D 3 .  ? 9.032   -0.878  2.725   1.00 28.73 ? 145 HOH A O     1 
HETATM 721 O  O     . HOH D 3 .  ? 11.474  -0.578  6.830   1.00 28.91 ? 146 HOH A O     1 
HETATM 722 O  O     . HOH D 3 .  ? -12.266 11.158  -6.980  1.00 30.05 ? 147 HOH A O     1 
HETATM 723 O  O     . HOH D 3 .  ? -4.582  17.459  -6.069  1.00 31.91 ? 148 HOH A O     1 
HETATM 724 O  O     . HOH D 3 .  ? 3.449   10.259  -19.833 1.00 22.90 ? 149 HOH A O     1 
HETATM 725 O  O     . HOH D 3 .  ? 6.203   3.929   -16.625 1.00 17.33 ? 150 HOH A O     1 
HETATM 726 O  O     . HOH D 3 .  ? 4.893   18.252  -10.183 1.00 30.14 ? 151 HOH A O     1 
HETATM 727 O  O     . HOH D 3 .  ? 10.492  7.967   -22.664 1.00 32.88 ? 152 HOH A O     1 
HETATM 728 O  O     . HOH D 3 .  ? 9.987   -6.443  9.193   1.00 29.12 ? 153 HOH A O     1 
HETATM 729 O  O     . HOH D 3 .  ? -0.112  -4.318  -0.060  1.00 23.95 ? 154 HOH A O     1 
HETATM 730 O  O     . HOH D 3 .  ? 7.295   -10.628 4.923   1.00 20.50 ? 155 HOH A O     1 
HETATM 731 O  O     . HOH D 3 .  ? -0.155  -6.841  20.314  1.00 30.79 ? 156 HOH A O     1 
HETATM 732 O  O     . HOH D 3 .  ? 3.835   -5.145  1.330   1.00 24.31 ? 157 HOH A O     1 
HETATM 733 O  O     . HOH D 3 .  ? 6.174   12.077  -7.733  1.00 22.18 ? 158 HOH A O     1 
HETATM 734 O  O     . HOH D 3 .  ? -1.460  -4.473  -4.102  1.00 28.11 ? 159 HOH A O     1 
HETATM 735 O  O     . HOH D 3 .  ? -2.125  8.120   -7.381  1.00 26.06 ? 160 HOH A O     1 
HETATM 736 O  O     . HOH D 3 .  ? -6.552  9.552   -6.552  1.00 25.96 ? 161 HOH A O     1 
HETATM 737 O  O     . HOH D 3 .  ? 0.146   -4.361  9.778   1.00 27.72 ? 162 HOH A O     1 
HETATM 738 O  O     . HOH D 3 .  ? 7.515   -6.134  -3.612  1.00 29.89 ? 163 HOH A O     1 
HETATM 739 O  O     . HOH D 3 .  ? 0.068   -4.090  6.950   1.00 26.34 ? 164 HOH A O     1 
HETATM 740 O  O     . HOH D 3 .  ? -11.613 -2.724  -0.107  1.00 32.49 ? 165 HOH A O     1 
HETATM 741 O  O     . HOH D 3 .  ? -8.651  8.208   1.796   1.00 24.60 ? 166 HOH A O     1 
HETATM 742 O  O     . HOH D 3 .  ? -6.758  -8.218  -7.640  1.00 34.22 ? 167 HOH A O     1 
HETATM 743 O  O     . HOH D 3 .  ? -11.000 2.932   2.132   1.00 21.11 ? 168 HOH A O     1 
HETATM 744 O  O     . HOH D 3 .  ? 0.877   -1.534  9.296   1.00 31.09 ? 169 HOH A O     1 
HETATM 745 O  O     . HOH D 3 .  ? 9.053   7.080   -14.572 1.00 17.99 ? 170 HOH A O     1 
HETATM 746 O  O     . HOH D 3 .  ? 2.015   -1.722  6.179   1.00 27.06 ? 171 HOH A O     1 
HETATM 747 O  O     . HOH D 3 .  ? -1.535  -4.410  -7.462  1.00 34.10 ? 172 HOH A O     1 
HETATM 748 O  O     . HOH D 3 .  ? -3.037  14.528  0.751   1.00 30.08 ? 173 HOH A O     1 
HETATM 749 O  O     . HOH D 3 .  ? 1.820   -3.943  2.214   1.00 29.83 ? 174 HOH A O     1 
HETATM 750 O  O     . HOH D 3 .  ? 7.739   13.783  -9.174  1.00 29.31 ? 175 HOH A O     1 
HETATM 751 O  O     . HOH D 3 .  ? -12.290 10.271  -0.429  1.00 28.08 ? 176 HOH A O     1 
HETATM 752 O  O     . HOH D 3 .  ? 9.625   10.491  -13.742 1.00 26.91 ? 177 HOH A O     1 
HETATM 753 O  O     . HOH D 3 .  ? -11.639 7.814   1.097   1.00 28.71 ? 178 HOH A O     1 
HETATM 754 O  O     . HOH D 3 .  ? -13.219 -3.986  -4.889  1.00 32.40 ? 179 HOH A O     1 
HETATM 755 O  O     . HOH D 3 .  ? 8.730   11.306  -10.953 1.00 32.25 ? 180 HOH A O     1 
HETATM 756 O  O     . HOH D 3 .  ? 0.238   12.116  -14.796 1.00 32.15 ? 181 HOH A O     1 
HETATM 757 O  O     . HOH D 3 .  ? -2.509  18.900  -1.265  1.00 24.67 ? 182 HOH A O     1 
HETATM 758 O  O     . HOH D 3 .  ? -13.647 -2.695  -2.685  1.00 28.00 ? 183 HOH A O     1 
HETATM 759 O  O     . HOH D 3 .  ? 0.358   12.751  -17.263 1.00 31.83 ? 184 HOH A O     1 
HETATM 760 O  O     . HOH D 3 .  ? -5.546  19.483  -6.082  1.00 33.47 ? 185 HOH A O     1 
HETATM 761 O  O     . HOH D 3 .  ? 9.451   -10.239 6.436   1.00 20.74 ? 186 HOH A O     1 
HETATM 762 O  O     . HOH D 3 .  ? 2.684   -3.285  -3.232  1.00 31.54 ? 187 HOH A O     1 
HETATM 763 O  O     . HOH D 3 .  ? 3.113   1.241   7.303   1.00 27.74 ? 188 HOH A O     1 
HETATM 764 O  O     . HOH D 3 .  ? -5.535  13.993  1.362   1.00 31.48 ? 189 HOH A O     1 
HETATM 765 O  O     . HOH D 3 .  ? 8.758   4.957   -16.280 1.00 22.78 ? 190 HOH A O     1 
HETATM 766 O  O     . HOH D 3 .  ? -10.271 12.044  0.460   1.00 29.80 ? 191 HOH A O     1 
HETATM 767 O  O     . HOH D 3 .  ? -1.723  -0.785  -5.989  1.00 33.62 ? 192 HOH A O     1 
HETATM 768 O  O     . HOH D 3 .  ? -0.273  -2.580  13.304  1.00 30.61 ? 193 HOH A O     1 
HETATM 769 O  O     . HOH E 3 .  ? 3.000   3.345   5.451   1.00 30.80 ? 201 HOH B O     1 
HETATM 770 O  O     . HOH E 3 .  ? -8.248  2.825   -14.783 1.00 31.13 ? 202 HOH B O     1 
HETATM 771 O  O     . HOH E 3 .  ? -0.621  3.645   10.383  1.00 37.15 ? 203 HOH B O     1 
HETATM 772 O  O     . HOH E 3 .  ? -0.545  -14.159 11.152  1.00 24.43 ? 204 HOH B O     1 
HETATM 773 O  O     . HOH E 3 .  ? 12.493  -13.109 19.614  1.00 30.21 ? 205 HOH B O     1 
HETATM 774 O  O     . HOH E 3 .  ? 2.597   -9.779  18.379  1.00 30.52 ? 206 HOH B O     1 
HETATM 775 O  O     . HOH E 3 .  ? -11.074 -7.275  11.538  1.00 16.80 ? 207 HOH B O     1 
HETATM 776 O  O     . HOH E 3 .  ? -9.000  -2.114  12.060  1.00 32.12 ? 208 HOH B O     1 
HETATM 777 O  O     . HOH E 3 .  ? 9.178   6.556   -8.401  1.00 19.54 ? 209 HOH B O     1 
HETATM 778 O  O     . HOH E 3 .  ? 0.186   -2.255  -8.736  1.00 30.71 ? 210 HOH B O     1 
HETATM 779 O  O     . HOH E 3 .  ? -12.023 -10.020 11.403  1.00 19.03 ? 211 HOH B O     1 
HETATM 780 O  O     . HOH E 3 .  ? 14.758  -9.483  18.778  1.00 28.69 ? 212 HOH B O     1 
HETATM 781 O  O     . HOH E 3 .  ? -0.771  3.181   6.914   1.00 25.91 ? 213 HOH B O     1 
HETATM 782 O  O     . HOH E 3 .  ? 8.567   -2.118  -5.726  1.00 21.64 ? 214 HOH B O     1 
HETATM 783 O  O     . HOH E 3 .  ? 8.360   -18.062 14.469  1.00 35.30 ? 215 HOH B O     1 
HETATM 784 O  O     . HOH E 3 .  ? 8.878   -9.904  9.051   1.00 24.48 ? 216 HOH B O     1 
HETATM 785 O  O     . HOH E 3 .  ? -8.220  -2.818  -16.830 1.00 32.23 ? 217 HOH B O     1 
HETATM 786 O  O     . HOH E 3 .  ? -1.890  -6.071  8.530   1.00 27.88 ? 218 HOH B O     1 
HETATM 787 O  O     . HOH E 3 .  ? -12.089 -4.259  12.878  1.00 20.82 ? 219 HOH B O     1 
HETATM 788 O  O     . HOH E 3 .  ? -5.641  -2.108  9.863   1.00 28.84 ? 220 HOH B O     1 
HETATM 789 O  O     . HOH E 3 .  ? -8.491  -7.986  12.307  1.00 25.41 ? 221 HOH B O     1 
HETATM 790 O  O     . HOH E 3 .  ? -2.908  -12.621 11.606  1.00 29.07 ? 222 HOH B O     1 
HETATM 791 O  O     . HOH E 3 .  ? 7.802   6.588   -10.614 1.00 16.20 ? 223 HOH B O     1 
HETATM 792 O  O     . HOH E 3 .  ? 6.152   -3.910  -11.481 1.00 30.78 ? 224 HOH B O     1 
HETATM 793 O  O     . HOH E 3 .  ? -1.841  -20.379 8.196   1.00 33.17 ? 225 HOH B O     1 
HETATM 794 O  O     . HOH E 3 .  ? 8.137   0.563   -1.509  1.00 27.14 ? 226 HOH B O     1 
HETATM 795 O  O     . HOH E 3 .  ? -11.918 -11.788 8.443   1.00 32.25 ? 227 HOH B O     1 
HETATM 796 O  O     . HOH E 3 .  ? 5.108   3.119   -0.271  1.00 25.43 ? 228 HOH B O     1 
HETATM 797 O  O     . HOH E 3 .  ? 7.387   10.020  -6.708  1.00 23.47 ? 229 HOH B O     1 
HETATM 798 O  O     . HOH E 3 .  ? 0.380   3.315   -3.594  1.00 28.70 ? 230 HOH B O     1 
HETATM 799 O  O     . HOH E 3 .  ? 1.571   3.265   -0.999  1.00 27.95 ? 231 HOH B O     1 
HETATM 800 O  O     . HOH E 3 .  ? 2.357   0.621   -7.201  1.00 24.74 ? 232 HOH B O     1 
HETATM 801 O  O     . HOH E 3 .  ? -0.880  1.561   0.371   1.00 23.20 ? 233 HOH B O     1 
HETATM 802 O  O     . HOH E 3 .  ? -3.713  7.223   -14.624 1.00 27.72 ? 234 HOH B O     1 
HETATM 803 O  O     . HOH E 3 .  ? -5.047  1.360   -12.172 1.00 30.78 ? 235 HOH B O     1 
HETATM 804 O  O     . HOH E 3 .  ? -7.687  -5.051  12.678  1.00 29.76 ? 236 HOH B O     1 
HETATM 805 O  O     . HOH E 3 .  ? -0.783  -7.703  11.191  1.00 24.22 ? 237 HOH B O     1 
HETATM 806 O  O     . HOH E 3 .  ? 10.618  -5.393  18.286  1.00 20.20 ? 238 HOH B O     1 
HETATM 807 O  O     . HOH E 3 .  ? -7.957  -10.326 2.555   1.00 26.76 ? 239 HOH B O     1 
HETATM 808 O  O     . HOH E 3 .  ? 11.131  0.985   -4.269  1.00 22.46 ? 240 HOH B O     1 
HETATM 809 O  O     . HOH E 3 .  ? -1.053  -0.109  -9.843  1.00 24.94 ? 241 HOH B O     1 
HETATM 810 O  O     . HOH E 3 .  ? 13.848  -14.865 15.946  1.00 36.44 ? 242 HOH B O     1 
HETATM 811 O  O     . HOH E 3 .  ? 10.071  -8.139  12.795  1.00 24.95 ? 243 HOH B O     1 
HETATM 812 O  O     . HOH E 3 .  ? 9.732   -2.837  17.976  1.00 22.03 ? 244 HOH B O     1 
HETATM 813 O  O     . HOH E 3 .  ? -1.567  -2.542  5.469   1.00 25.88 ? 245 HOH B O     1 
HETATM 814 O  O     . HOH E 3 .  ? -5.439  -10.173 10.513  1.00 27.69 ? 246 HOH B O     1 
HETATM 815 O  O     . HOH E 3 .  ? 4.494   -11.775 17.382  1.00 28.16 ? 247 HOH B O     1 
HETATM 816 O  O     . HOH E 3 .  ? 5.729   1.877   -14.900 1.00 21.78 ? 248 HOH B O     1 
HETATM 817 O  O     . HOH E 3 .  ? 1.681   -11.073 14.425  1.00 32.59 ? 249 HOH B O     1 
HETATM 818 O  O     . HOH E 3 .  ? 6.424   -11.985 7.492   1.00 22.10 ? 250 HOH B O     1 
HETATM 819 O  O     . HOH E 3 .  ? 6.501   -0.906  -3.293  1.00 27.84 ? 251 HOH B O     1 
HETATM 820 O  O     . HOH E 3 .  ? -0.396  7.109   10.636  1.00 30.40 ? 252 HOH B O     1 
HETATM 821 O  O     . HOH E 3 .  ? -5.543  3.844   12.816  1.00 33.88 ? 253 HOH B O     1 
HETATM 822 O  O     . HOH E 3 .  ? -7.405  8.134   4.604   1.00 25.53 ? 254 HOH B O     1 
HETATM 823 O  O     . HOH E 3 .  ? -6.603  -6.208  9.560   1.00 25.47 ? 255 HOH B O     1 
HETATM 824 O  O     . HOH E 3 .  ? -8.557  4.512   -21.051 1.00 28.47 ? 256 HOH B O     1 
HETATM 825 O  O     . HOH E 3 .  ? 4.999   2.775   -3.801  1.00 22.32 ? 257 HOH B O     1 
HETATM 826 O  O     . HOH E 3 .  ? -4.723  9.788   -17.951 1.00 33.64 ? 258 HOH B O     1 
HETATM 827 O  O     . HOH E 3 .  ? -1.781  1.543   5.267   1.00 26.08 ? 259 HOH B O     1 
HETATM 828 O  O     . HOH E 3 .  ? 0.100   -4.600  -9.712  1.00 34.50 ? 260 HOH B O     1 
HETATM 829 O  O     . HOH E 3 .  ? -0.148  1.200   -6.710  1.00 31.48 ? 261 HOH B O     1 
HETATM 830 O  O     . HOH E 3 .  ? -4.878  -18.802 10.225  1.00 37.12 ? 262 HOH B O     1 
HETATM 831 O  O     . HOH E 3 .  ? -4.227  -6.313  9.802   1.00 27.32 ? 263 HOH B O     1 
HETATM 832 O  O     . HOH E 3 .  ? -4.362  -16.054 4.375   1.00 26.85 ? 264 HOH B O     1 
HETATM 833 O  O     . HOH E 3 .  ? -4.036  -19.077 7.437   1.00 33.36 ? 265 HOH B O     1 
HETATM 834 O  O     . HOH E 3 .  ? -9.166  -0.300  -21.359 1.00 28.68 ? 266 HOH B O     1 
HETATM 835 O  O     . HOH E 3 .  ? 0.781   -13.822 13.414  1.00 31.04 ? 267 HOH B O     1 
HETATM 836 O  O     . HOH E 3 .  ? 8.532   -13.614 8.048   1.00 29.70 ? 268 HOH B O     1 
HETATM 837 O  O     . HOH E 3 .  ? -9.622  -10.582 13.999  1.00 29.79 ? 269 HOH B O     1 
HETATM 838 O  O     . HOH E 3 .  ? -9.488  -4.740  14.345  1.00 28.13 ? 270 HOH B O     1 
HETATM 839 O  O     . HOH E 3 .  ? -3.320  -8.923  10.845  1.00 29.01 ? 271 HOH B O     1 
HETATM 840 O  O     . HOH E 3 .  ? -2.877  -7.067  12.951  1.00 33.52 ? 272 HOH B O     1 
# 
